data_1TTX
#
_entry.id   1TTX
#
loop_
_entity.id
_entity.type
_entity.pdbx_description
1 polymer Oncomodulin
2 non-polymer 'CALCIUM ION'
#
_entity_poly.entity_id   1
_entity_poly.type   'polypeptide(L)'
_entity_poly.pdbx_seq_one_letter_code
;MSITDVLSADDIAAALQECRDPDTFEPQKFFQTSGLSKMSANQVKDVFRFIDNDQSGYLDEEELKFFLQKFESGARELTE
SETKSLMAAADNDGDGKIGAEEFQEMVHS
;
_entity_poly.pdbx_strand_id   A
#
loop_
_chem_comp.id
_chem_comp.type
_chem_comp.name
_chem_comp.formula
CA non-polymer 'CALCIUM ION' 'Ca 2'
#
# COMPACT_ATOMS: atom_id res chain seq x y z
N MET A 1 12.52 -8.30 4.92
CA MET A 1 13.23 -8.07 6.18
C MET A 1 13.16 -6.60 6.60
N SER A 2 11.96 -6.15 6.96
CA SER A 2 11.73 -4.79 7.46
C SER A 2 10.39 -4.74 8.18
N ILE A 3 9.32 -4.93 7.40
CA ILE A 3 7.94 -4.70 7.86
C ILE A 3 7.34 -5.99 8.42
N THR A 4 7.80 -7.12 7.88
CA THR A 4 7.36 -8.46 8.12
C THR A 4 7.63 -8.90 9.56
N ASP A 5 8.41 -8.14 10.33
CA ASP A 5 8.72 -8.41 11.72
C ASP A 5 8.67 -7.12 12.54
N VAL A 6 7.85 -6.16 12.11
CA VAL A 6 7.60 -4.93 12.88
C VAL A 6 6.28 -5.04 13.62
N LEU A 7 5.25 -5.48 12.91
CA LEU A 7 3.86 -5.39 13.31
C LEU A 7 3.02 -5.86 12.12
N SER A 8 3.20 -5.16 11.00
CA SER A 8 2.39 -5.25 9.79
C SER A 8 2.04 -6.67 9.36
N ALA A 9 2.89 -7.66 9.62
CA ALA A 9 2.58 -9.06 9.38
C ALA A 9 1.19 -9.46 9.88
N ASP A 10 0.84 -9.09 11.11
CA ASP A 10 -0.47 -9.43 11.67
C ASP A 10 -1.56 -8.68 10.91
N ASP A 11 -1.29 -7.41 10.62
CA ASP A 11 -2.25 -6.51 10.00
C ASP A 11 -2.56 -6.99 8.59
N ILE A 12 -1.53 -7.40 7.84
CA ILE A 12 -1.71 -7.96 6.52
C ILE A 12 -2.44 -9.30 6.58
N ALA A 13 -2.12 -10.15 7.56
CA ALA A 13 -2.89 -11.37 7.78
C ALA A 13 -4.38 -11.06 7.97
N ALA A 14 -4.71 -9.99 8.70
CA ALA A 14 -6.09 -9.51 8.77
C ALA A 14 -6.59 -9.04 7.39
N ALA A 15 -5.89 -8.07 6.77
CA ALA A 15 -6.23 -7.47 5.50
C ALA A 15 -6.58 -8.53 4.45
N LEU A 16 -5.71 -9.54 4.39
CA LEU A 16 -5.82 -10.69 3.53
C LEU A 16 -7.23 -11.28 3.63
N GLN A 17 -7.72 -11.47 4.86
CA GLN A 17 -8.99 -12.14 5.07
C GLN A 17 -10.14 -11.15 4.91
N GLU A 18 -9.99 -9.95 5.48
CA GLU A 18 -11.08 -8.98 5.51
C GLU A 18 -11.41 -8.50 4.08
N CYS A 19 -10.38 -8.30 3.26
CA CYS A 19 -10.51 -8.11 1.82
C CYS A 19 -10.02 -9.38 1.12
N ARG A 20 -10.70 -10.52 1.37
CA ARG A 20 -10.44 -11.74 0.61
C ARG A 20 -11.06 -11.63 -0.78
N ASP A 21 -12.27 -11.07 -0.84
CA ASP A 21 -13.17 -11.23 -1.96
C ASP A 21 -12.79 -10.32 -3.12
N PRO A 22 -13.04 -10.74 -4.36
CA PRO A 22 -12.62 -10.00 -5.55
C PRO A 22 -13.36 -8.67 -5.65
N ASP A 23 -12.59 -7.60 -5.85
CA ASP A 23 -13.00 -6.24 -6.12
C ASP A 23 -13.53 -5.58 -4.84
N THR A 24 -12.91 -5.86 -3.69
CA THR A 24 -13.38 -5.42 -2.36
C THR A 24 -12.39 -4.46 -1.67
N PHE A 25 -11.20 -4.25 -2.25
CA PHE A 25 -10.05 -3.72 -1.54
C PHE A 25 -10.13 -2.19 -1.41
N GLU A 26 -10.86 -1.69 -0.40
CA GLU A 26 -10.97 -0.26 -0.16
C GLU A 26 -9.63 0.31 0.30
N PRO A 27 -9.29 1.53 -0.12
CA PRO A 27 -7.99 2.13 0.17
C PRO A 27 -7.87 2.51 1.64
N GLN A 28 -8.71 3.44 2.12
CA GLN A 28 -8.70 3.88 3.52
C GLN A 28 -8.85 2.68 4.45
N LYS A 29 -9.80 1.80 4.12
CA LYS A 29 -9.98 0.53 4.82
C LYS A 29 -8.65 -0.20 4.90
N PHE A 30 -7.99 -0.45 3.77
CA PHE A 30 -6.71 -1.13 3.74
C PHE A 30 -5.67 -0.41 4.61
N PHE A 31 -5.48 0.90 4.43
CA PHE A 31 -4.51 1.67 5.20
C PHE A 31 -4.73 1.55 6.70
N GLN A 32 -5.99 1.46 7.14
CA GLN A 32 -6.31 1.23 8.54
C GLN A 32 -5.95 -0.21 8.89
N THR A 33 -6.55 -1.15 8.19
CA THR A 33 -6.50 -2.56 8.52
C THR A 33 -5.08 -3.12 8.43
N SER A 34 -4.23 -2.49 7.62
CA SER A 34 -2.84 -2.83 7.40
C SER A 34 -1.92 -2.20 8.46
N GLY A 35 -2.45 -1.32 9.31
CA GLY A 35 -1.71 -0.75 10.43
C GLY A 35 -0.92 0.48 9.99
N LEU A 36 -0.82 0.70 8.69
CA LEU A 36 -0.12 1.82 8.08
C LEU A 36 -0.61 3.16 8.64
N SER A 37 -1.92 3.32 8.79
CA SER A 37 -2.52 4.53 9.37
C SER A 37 -2.26 4.62 10.88
N LYS A 38 -1.82 3.53 11.52
CA LYS A 38 -1.45 3.53 12.91
C LYS A 38 0.04 3.88 13.05
N MET A 39 0.87 3.42 12.10
CA MET A 39 2.27 3.77 12.04
C MET A 39 2.46 5.30 11.97
N SER A 40 3.60 5.77 12.46
CA SER A 40 3.97 7.17 12.36
C SER A 40 4.51 7.47 10.96
N ALA A 41 4.41 8.74 10.54
CA ALA A 41 4.93 9.26 9.28
C ALA A 41 6.31 8.69 8.95
N ASN A 42 7.19 8.67 9.95
CA ASN A 42 8.55 8.14 9.81
C ASN A 42 8.51 6.72 9.25
N GLN A 43 7.82 5.82 9.96
CA GLN A 43 7.69 4.43 9.57
C GLN A 43 7.02 4.33 8.20
N VAL A 44 5.95 5.10 7.98
CA VAL A 44 5.22 5.09 6.73
C VAL A 44 6.18 5.45 5.57
N LYS A 45 7.01 6.45 5.77
CA LYS A 45 8.01 6.82 4.78
C LYS A 45 9.02 5.70 4.56
N ASP A 46 9.58 5.13 5.64
CA ASP A 46 10.49 3.99 5.54
C ASP A 46 9.88 2.88 4.71
N VAL A 47 8.66 2.42 5.06
CA VAL A 47 8.01 1.38 4.28
C VAL A 47 7.92 1.77 2.80
N PHE A 48 7.54 3.01 2.48
CA PHE A 48 7.55 3.48 1.09
C PHE A 48 8.91 3.29 0.42
N ARG A 49 10.01 3.56 1.13
CA ARG A 49 11.34 3.30 0.57
C ARG A 49 11.45 1.83 0.18
N PHE A 50 10.95 0.92 1.01
CA PHE A 50 10.96 -0.50 0.68
C PHE A 50 10.00 -0.80 -0.48
N ILE A 51 8.87 -0.07 -0.59
CA ILE A 51 7.95 -0.23 -1.71
C ILE A 51 8.63 0.16 -3.03
N ASP A 52 9.10 1.42 -3.18
CA ASP A 52 9.67 1.90 -4.44
C ASP A 52 11.06 1.30 -4.67
N ASN A 53 11.09 -0.01 -4.95
CA ASN A 53 12.29 -0.78 -5.28
C ASN A 53 13.17 -0.04 -6.28
N ASP A 54 12.52 0.46 -7.33
CA ASP A 54 13.10 1.16 -8.46
C ASP A 54 13.74 2.49 -8.04
N GLN A 55 13.36 3.02 -6.87
CA GLN A 55 13.86 4.26 -6.26
C GLN A 55 13.62 5.50 -7.13
N SER A 56 12.81 5.39 -8.18
CA SER A 56 12.64 6.40 -9.21
C SER A 56 11.92 7.66 -8.72
N GLY A 57 11.34 7.66 -7.52
CA GLY A 57 10.78 8.87 -6.91
C GLY A 57 9.34 9.13 -7.37
N TYR A 58 8.60 8.05 -7.57
CA TYR A 58 7.18 8.00 -7.92
C TYR A 58 6.79 6.54 -7.81
N LEU A 59 5.58 6.25 -7.34
CA LEU A 59 5.05 4.90 -7.26
C LEU A 59 4.08 4.71 -8.41
N ASP A 60 4.64 4.69 -9.62
CA ASP A 60 3.94 4.51 -10.88
C ASP A 60 3.12 3.20 -10.87
N GLU A 61 1.96 3.17 -11.55
CA GLU A 61 1.06 2.03 -11.54
C GLU A 61 1.78 0.69 -11.73
N GLU A 62 2.61 0.59 -12.77
CA GLU A 62 3.23 -0.68 -13.11
C GLU A 62 4.26 -1.11 -12.06
N GLU A 63 4.77 -0.18 -11.24
CA GLU A 63 5.54 -0.52 -10.06
C GLU A 63 4.59 -0.98 -8.94
N LEU A 64 3.50 -0.23 -8.75
CA LEU A 64 2.43 -0.60 -7.81
C LEU A 64 1.93 -2.02 -8.08
N LYS A 65 2.00 -2.52 -9.33
CA LYS A 65 1.76 -3.92 -9.65
C LYS A 65 2.55 -4.91 -8.77
N PHE A 66 3.60 -4.49 -8.06
CA PHE A 66 4.28 -5.30 -7.04
C PHE A 66 4.40 -4.57 -5.69
N PHE A 67 3.42 -3.75 -5.32
CA PHE A 67 3.40 -3.03 -4.05
C PHE A 67 3.47 -4.02 -2.87
N LEU A 68 2.43 -4.82 -2.66
CA LEU A 68 2.33 -5.73 -1.53
C LEU A 68 3.04 -7.07 -1.80
N GLN A 69 3.46 -7.33 -3.05
CA GLN A 69 4.30 -8.49 -3.42
C GLN A 69 5.60 -8.51 -2.59
N LYS A 70 5.98 -7.39 -1.98
CA LYS A 70 7.17 -7.30 -1.14
C LYS A 70 6.88 -7.78 0.28
N PHE A 71 5.59 -7.87 0.66
CA PHE A 71 5.14 -8.27 1.98
C PHE A 71 4.69 -9.74 1.92
N GLU A 72 3.77 -10.04 0.98
CA GLU A 72 3.26 -11.36 0.69
C GLU A 72 3.75 -11.72 -0.72
N SER A 73 3.76 -13.00 -1.09
CA SER A 73 4.06 -13.43 -2.45
C SER A 73 2.79 -13.40 -3.31
N GLY A 74 1.65 -13.71 -2.71
CA GLY A 74 0.38 -13.93 -3.38
C GLY A 74 -0.61 -12.84 -2.98
N ALA A 75 -0.12 -11.60 -2.93
CA ALA A 75 -0.95 -10.45 -2.61
C ALA A 75 -1.88 -10.10 -3.79
N ARG A 76 -2.57 -8.97 -3.70
CA ARG A 76 -3.68 -8.66 -4.59
C ARG A 76 -3.25 -7.97 -5.86
N GLU A 77 -2.01 -7.48 -5.88
CA GLU A 77 -1.46 -6.50 -6.82
C GLU A 77 -1.83 -6.81 -8.27
N LEU A 78 -1.77 -8.10 -8.62
CA LEU A 78 -2.16 -8.62 -9.92
C LEU A 78 -3.54 -8.11 -10.37
N THR A 79 -4.53 -8.08 -9.47
CA THR A 79 -5.85 -7.53 -9.77
C THR A 79 -5.76 -6.03 -9.95
N GLU A 80 -5.83 -5.58 -11.20
CA GLU A 80 -5.78 -4.17 -11.53
C GLU A 80 -6.85 -3.38 -10.79
N SER A 81 -8.08 -3.91 -10.69
CA SER A 81 -9.19 -3.23 -10.02
C SER A 81 -8.81 -2.82 -8.59
N GLU A 82 -8.35 -3.79 -7.80
CA GLU A 82 -7.97 -3.59 -6.41
C GLU A 82 -6.78 -2.62 -6.36
N THR A 83 -5.78 -2.87 -7.22
CA THR A 83 -4.65 -1.98 -7.36
C THR A 83 -5.11 -0.54 -7.65
N LYS A 84 -6.08 -0.37 -8.54
CA LYS A 84 -6.56 0.93 -8.98
C LYS A 84 -7.46 1.55 -7.92
N SER A 85 -8.13 0.76 -7.09
CA SER A 85 -8.82 1.25 -5.90
C SER A 85 -7.81 1.89 -4.94
N LEU A 86 -6.67 1.22 -4.72
CA LEU A 86 -5.56 1.79 -3.96
C LEU A 86 -5.07 3.07 -4.64
N MET A 87 -4.65 2.97 -5.91
CA MET A 87 -4.19 4.11 -6.70
C MET A 87 -5.15 5.31 -6.57
N ALA A 88 -6.43 5.07 -6.83
CA ALA A 88 -7.49 6.06 -6.93
C ALA A 88 -7.47 7.02 -5.74
N ALA A 89 -7.47 6.45 -4.52
CA ALA A 89 -7.46 7.27 -3.31
C ALA A 89 -6.05 7.81 -3.03
N ALA A 90 -5.03 6.98 -3.21
CA ALA A 90 -3.65 7.39 -2.98
C ALA A 90 -3.30 8.64 -3.80
N ASP A 91 -3.77 8.68 -5.05
CA ASP A 91 -3.47 9.76 -5.97
C ASP A 91 -4.32 10.99 -5.66
N ASN A 92 -3.91 11.79 -4.68
CA ASN A 92 -4.59 13.04 -4.34
C ASN A 92 -4.27 14.16 -5.33
N ASP A 93 -4.23 13.84 -6.64
CA ASP A 93 -4.08 14.77 -7.76
C ASP A 93 -5.23 14.53 -8.73
N GLY A 94 -5.31 13.29 -9.24
CA GLY A 94 -5.99 12.97 -10.48
C GLY A 94 -4.96 12.98 -11.62
N ASP A 95 -3.78 12.38 -11.40
CA ASP A 95 -2.76 12.15 -12.42
C ASP A 95 -2.40 10.66 -12.49
N GLY A 96 -2.15 10.03 -11.34
CA GLY A 96 -1.99 8.59 -11.22
C GLY A 96 -0.58 8.22 -10.76
N LYS A 97 0.40 9.04 -11.14
CA LYS A 97 1.74 8.97 -10.58
C LYS A 97 1.67 9.43 -9.12
N ILE A 98 1.93 8.53 -8.17
CA ILE A 98 1.73 8.79 -6.75
C ILE A 98 3.09 9.04 -6.09
N GLY A 99 3.31 10.25 -5.57
CA GLY A 99 4.48 10.55 -4.78
C GLY A 99 4.44 9.91 -3.39
N ALA A 100 5.60 9.82 -2.73
CA ALA A 100 5.68 9.39 -1.34
C ALA A 100 4.82 10.30 -0.47
N GLU A 101 4.85 11.60 -0.76
CA GLU A 101 4.06 12.60 -0.07
C GLU A 101 2.57 12.24 -0.15
N GLU A 102 2.06 12.03 -1.37
CA GLU A 102 0.69 11.61 -1.62
C GLU A 102 0.34 10.39 -0.78
N PHE A 103 1.19 9.36 -0.84
CA PHE A 103 0.96 8.17 -0.03
C PHE A 103 0.95 8.48 1.47
N GLN A 104 1.90 9.29 1.96
CA GLN A 104 1.98 9.68 3.36
C GLN A 104 0.67 10.35 3.77
N GLU A 105 0.19 11.32 2.99
CA GLU A 105 -1.12 11.94 3.18
C GLU A 105 -2.19 10.86 3.38
N MET A 106 -2.36 9.99 2.38
CA MET A 106 -3.47 9.04 2.41
C MET A 106 -3.35 8.11 3.60
N VAL A 107 -2.14 7.61 3.86
CA VAL A 107 -1.86 6.76 5.01
C VAL A 107 -2.07 7.52 6.32
N HIS A 108 -1.69 8.80 6.38
CA HIS A 108 -1.70 9.59 7.60
C HIS A 108 -3.15 9.82 8.06
N SER A 109 -4.09 9.69 7.12
CA SER A 109 -5.51 9.81 7.40
C SER A 109 -6.04 8.68 8.30
CA CA B . -0.35 11.99 -8.02
CA CA C . 9.32 4.20 -8.50
N MET A 1 12.52 -8.30 4.92
CA MET A 1 13.23 -8.07 6.18
C MET A 1 13.16 -6.60 6.60
N SER A 2 11.96 -6.15 6.96
CA SER A 2 11.73 -4.79 7.46
C SER A 2 10.39 -4.74 8.18
N ILE A 3 9.32 -4.93 7.40
CA ILE A 3 7.94 -4.70 7.86
C ILE A 3 7.34 -5.99 8.42
N THR A 4 7.80 -7.12 7.88
CA THR A 4 7.36 -8.46 8.12
C THR A 4 7.63 -8.90 9.56
N ASP A 5 8.41 -8.14 10.33
CA ASP A 5 8.72 -8.41 11.72
C ASP A 5 8.67 -7.12 12.54
N VAL A 6 7.85 -6.16 12.11
CA VAL A 6 7.60 -4.93 12.88
C VAL A 6 6.28 -5.04 13.62
N LEU A 7 5.25 -5.48 12.91
CA LEU A 7 3.86 -5.39 13.31
C LEU A 7 3.02 -5.86 12.12
N SER A 8 3.20 -5.16 11.00
CA SER A 8 2.39 -5.25 9.79
C SER A 8 2.04 -6.67 9.36
N ALA A 9 2.89 -7.66 9.62
CA ALA A 9 2.58 -9.06 9.38
C ALA A 9 1.19 -9.46 9.88
N ASP A 10 0.84 -9.09 11.11
CA ASP A 10 -0.47 -9.43 11.67
C ASP A 10 -1.56 -8.68 10.91
N ASP A 11 -1.29 -7.41 10.62
CA ASP A 11 -2.25 -6.51 10.00
C ASP A 11 -2.56 -6.99 8.59
N ILE A 12 -1.53 -7.40 7.84
CA ILE A 12 -1.71 -7.96 6.52
C ILE A 12 -2.44 -9.30 6.58
N ALA A 13 -2.12 -10.15 7.56
CA ALA A 13 -2.89 -11.37 7.78
C ALA A 13 -4.38 -11.06 7.97
N ALA A 14 -4.71 -9.99 8.70
CA ALA A 14 -6.09 -9.51 8.77
C ALA A 14 -6.59 -9.04 7.39
N ALA A 15 -5.89 -8.07 6.77
CA ALA A 15 -6.23 -7.47 5.50
C ALA A 15 -6.58 -8.53 4.45
N LEU A 16 -5.71 -9.54 4.39
CA LEU A 16 -5.82 -10.69 3.53
C LEU A 16 -7.23 -11.28 3.63
N GLN A 17 -7.72 -11.47 4.86
CA GLN A 17 -8.99 -12.14 5.07
C GLN A 17 -10.14 -11.15 4.91
N GLU A 18 -9.99 -9.95 5.48
CA GLU A 18 -11.08 -8.98 5.51
C GLU A 18 -11.41 -8.50 4.08
N CYS A 19 -10.38 -8.30 3.26
CA CYS A 19 -10.51 -8.11 1.82
C CYS A 19 -10.02 -9.38 1.12
N ARG A 20 -10.70 -10.52 1.37
CA ARG A 20 -10.44 -11.74 0.61
C ARG A 20 -11.06 -11.63 -0.78
N ASP A 21 -12.27 -11.07 -0.84
CA ASP A 21 -13.17 -11.23 -1.96
C ASP A 21 -12.79 -10.32 -3.12
N PRO A 22 -13.04 -10.74 -4.36
CA PRO A 22 -12.62 -10.00 -5.55
C PRO A 22 -13.36 -8.67 -5.65
N ASP A 23 -12.59 -7.60 -5.85
CA ASP A 23 -13.00 -6.24 -6.12
C ASP A 23 -13.53 -5.58 -4.84
N THR A 24 -12.91 -5.86 -3.69
CA THR A 24 -13.38 -5.42 -2.36
C THR A 24 -12.39 -4.46 -1.67
N PHE A 25 -11.20 -4.25 -2.25
CA PHE A 25 -10.05 -3.72 -1.54
C PHE A 25 -10.13 -2.19 -1.41
N GLU A 26 -10.86 -1.69 -0.40
CA GLU A 26 -10.97 -0.26 -0.16
C GLU A 26 -9.63 0.31 0.30
N PRO A 27 -9.29 1.53 -0.12
CA PRO A 27 -7.99 2.13 0.17
C PRO A 27 -7.87 2.51 1.64
N GLN A 28 -8.71 3.44 2.12
CA GLN A 28 -8.70 3.88 3.52
C GLN A 28 -8.85 2.68 4.45
N LYS A 29 -9.80 1.80 4.12
CA LYS A 29 -9.98 0.53 4.82
C LYS A 29 -8.65 -0.20 4.90
N PHE A 30 -7.99 -0.45 3.77
CA PHE A 30 -6.71 -1.13 3.74
C PHE A 30 -5.67 -0.41 4.61
N PHE A 31 -5.48 0.90 4.43
CA PHE A 31 -4.51 1.67 5.20
C PHE A 31 -4.73 1.55 6.70
N GLN A 32 -5.99 1.46 7.14
CA GLN A 32 -6.31 1.23 8.54
C GLN A 32 -5.95 -0.21 8.89
N THR A 33 -6.55 -1.15 8.19
CA THR A 33 -6.50 -2.56 8.52
C THR A 33 -5.08 -3.12 8.43
N SER A 34 -4.23 -2.49 7.62
CA SER A 34 -2.84 -2.83 7.40
C SER A 34 -1.92 -2.20 8.46
N GLY A 35 -2.45 -1.32 9.31
CA GLY A 35 -1.71 -0.75 10.43
C GLY A 35 -0.92 0.48 9.99
N LEU A 36 -0.82 0.70 8.69
CA LEU A 36 -0.12 1.82 8.08
C LEU A 36 -0.61 3.16 8.64
N SER A 37 -1.92 3.32 8.79
CA SER A 37 -2.52 4.53 9.37
C SER A 37 -2.26 4.62 10.88
N LYS A 38 -1.82 3.53 11.52
CA LYS A 38 -1.45 3.53 12.91
C LYS A 38 0.04 3.88 13.05
N MET A 39 0.87 3.42 12.10
CA MET A 39 2.27 3.77 12.04
C MET A 39 2.46 5.30 11.97
N SER A 40 3.60 5.77 12.46
CA SER A 40 3.97 7.17 12.36
C SER A 40 4.51 7.47 10.96
N ALA A 41 4.41 8.74 10.54
CA ALA A 41 4.93 9.26 9.28
C ALA A 41 6.31 8.69 8.95
N ASN A 42 7.19 8.67 9.95
CA ASN A 42 8.55 8.14 9.81
C ASN A 42 8.51 6.72 9.25
N GLN A 43 7.82 5.82 9.96
CA GLN A 43 7.69 4.43 9.57
C GLN A 43 7.02 4.33 8.20
N VAL A 44 5.95 5.10 7.98
CA VAL A 44 5.22 5.09 6.73
C VAL A 44 6.18 5.45 5.57
N LYS A 45 7.01 6.45 5.77
CA LYS A 45 8.01 6.82 4.78
C LYS A 45 9.02 5.70 4.56
N ASP A 46 9.58 5.13 5.64
CA ASP A 46 10.49 3.99 5.54
C ASP A 46 9.88 2.88 4.71
N VAL A 47 8.66 2.42 5.06
CA VAL A 47 8.01 1.38 4.28
C VAL A 47 7.92 1.77 2.80
N PHE A 48 7.54 3.01 2.48
CA PHE A 48 7.55 3.48 1.09
C PHE A 48 8.91 3.29 0.42
N ARG A 49 10.01 3.56 1.13
CA ARG A 49 11.34 3.30 0.57
C ARG A 49 11.45 1.83 0.18
N PHE A 50 10.95 0.92 1.01
CA PHE A 50 10.96 -0.50 0.68
C PHE A 50 10.00 -0.80 -0.48
N ILE A 51 8.87 -0.07 -0.59
CA ILE A 51 7.95 -0.23 -1.71
C ILE A 51 8.63 0.16 -3.03
N ASP A 52 9.10 1.42 -3.18
CA ASP A 52 9.67 1.90 -4.44
C ASP A 52 11.06 1.30 -4.67
N ASN A 53 11.09 -0.01 -4.95
CA ASN A 53 12.29 -0.78 -5.28
C ASN A 53 13.17 -0.04 -6.28
N ASP A 54 12.52 0.46 -7.33
CA ASP A 54 13.10 1.16 -8.46
C ASP A 54 13.74 2.49 -8.04
N GLN A 55 13.36 3.02 -6.87
CA GLN A 55 13.86 4.26 -6.26
C GLN A 55 13.62 5.50 -7.13
N SER A 56 12.81 5.39 -8.18
CA SER A 56 12.64 6.40 -9.21
C SER A 56 11.92 7.66 -8.72
N GLY A 57 11.34 7.66 -7.52
CA GLY A 57 10.78 8.87 -6.91
C GLY A 57 9.34 9.13 -7.37
N TYR A 58 8.60 8.05 -7.57
CA TYR A 58 7.18 8.00 -7.92
C TYR A 58 6.79 6.54 -7.81
N LEU A 59 5.58 6.25 -7.34
CA LEU A 59 5.05 4.90 -7.26
C LEU A 59 4.08 4.71 -8.41
N ASP A 60 4.64 4.69 -9.62
CA ASP A 60 3.94 4.51 -10.88
C ASP A 60 3.12 3.20 -10.87
N GLU A 61 1.96 3.17 -11.55
CA GLU A 61 1.06 2.03 -11.54
C GLU A 61 1.78 0.69 -11.73
N GLU A 62 2.61 0.59 -12.77
CA GLU A 62 3.23 -0.68 -13.11
C GLU A 62 4.26 -1.11 -12.06
N GLU A 63 4.77 -0.18 -11.24
CA GLU A 63 5.54 -0.52 -10.06
C GLU A 63 4.59 -0.98 -8.94
N LEU A 64 3.50 -0.23 -8.75
CA LEU A 64 2.43 -0.60 -7.81
C LEU A 64 1.93 -2.02 -8.08
N LYS A 65 2.00 -2.52 -9.33
CA LYS A 65 1.76 -3.92 -9.65
C LYS A 65 2.55 -4.91 -8.77
N PHE A 66 3.60 -4.49 -8.06
CA PHE A 66 4.28 -5.30 -7.04
C PHE A 66 4.40 -4.57 -5.69
N PHE A 67 3.42 -3.75 -5.32
CA PHE A 67 3.40 -3.03 -4.05
C PHE A 67 3.47 -4.02 -2.87
N LEU A 68 2.43 -4.82 -2.66
CA LEU A 68 2.33 -5.73 -1.53
C LEU A 68 3.04 -7.07 -1.80
N GLN A 69 3.46 -7.33 -3.05
CA GLN A 69 4.30 -8.49 -3.42
C GLN A 69 5.60 -8.51 -2.59
N LYS A 70 5.98 -7.39 -1.98
CA LYS A 70 7.17 -7.30 -1.14
C LYS A 70 6.88 -7.78 0.28
N PHE A 71 5.59 -7.87 0.66
CA PHE A 71 5.14 -8.27 1.98
C PHE A 71 4.69 -9.74 1.92
N GLU A 72 3.77 -10.04 0.98
CA GLU A 72 3.26 -11.36 0.69
C GLU A 72 3.75 -11.72 -0.72
N SER A 73 3.76 -13.00 -1.09
CA SER A 73 4.06 -13.43 -2.45
C SER A 73 2.79 -13.40 -3.31
N GLY A 74 1.65 -13.71 -2.71
CA GLY A 74 0.38 -13.93 -3.38
C GLY A 74 -0.61 -12.84 -2.98
N ALA A 75 -0.12 -11.60 -2.93
CA ALA A 75 -0.95 -10.45 -2.61
C ALA A 75 -1.88 -10.10 -3.79
N ARG A 76 -2.57 -8.97 -3.70
CA ARG A 76 -3.68 -8.66 -4.59
C ARG A 76 -3.25 -7.97 -5.86
N GLU A 77 -2.01 -7.48 -5.88
CA GLU A 77 -1.46 -6.50 -6.82
C GLU A 77 -1.83 -6.81 -8.27
N LEU A 78 -1.77 -8.10 -8.62
CA LEU A 78 -2.16 -8.62 -9.92
C LEU A 78 -3.54 -8.11 -10.37
N THR A 79 -4.53 -8.08 -9.47
CA THR A 79 -5.85 -7.53 -9.77
C THR A 79 -5.76 -6.03 -9.95
N GLU A 80 -5.83 -5.58 -11.20
CA GLU A 80 -5.78 -4.17 -11.53
C GLU A 80 -6.85 -3.38 -10.79
N SER A 81 -8.08 -3.91 -10.69
CA SER A 81 -9.19 -3.23 -10.02
C SER A 81 -8.81 -2.82 -8.59
N GLU A 82 -8.35 -3.79 -7.80
CA GLU A 82 -7.97 -3.59 -6.41
C GLU A 82 -6.78 -2.62 -6.36
N THR A 83 -5.78 -2.87 -7.22
CA THR A 83 -4.65 -1.98 -7.36
C THR A 83 -5.11 -0.54 -7.65
N LYS A 84 -6.08 -0.37 -8.54
CA LYS A 84 -6.56 0.93 -8.98
C LYS A 84 -7.46 1.55 -7.92
N SER A 85 -8.13 0.76 -7.09
CA SER A 85 -8.82 1.25 -5.90
C SER A 85 -7.81 1.89 -4.94
N LEU A 86 -6.67 1.22 -4.72
CA LEU A 86 -5.56 1.79 -3.96
C LEU A 86 -5.07 3.07 -4.64
N MET A 87 -4.65 2.97 -5.91
CA MET A 87 -4.19 4.11 -6.70
C MET A 87 -5.15 5.31 -6.57
N ALA A 88 -6.43 5.07 -6.83
CA ALA A 88 -7.49 6.06 -6.93
C ALA A 88 -7.47 7.02 -5.74
N ALA A 89 -7.47 6.45 -4.52
CA ALA A 89 -7.46 7.27 -3.31
C ALA A 89 -6.05 7.81 -3.03
N ALA A 90 -5.03 6.98 -3.21
CA ALA A 90 -3.65 7.39 -2.98
C ALA A 90 -3.30 8.64 -3.80
N ASP A 91 -3.77 8.68 -5.05
CA ASP A 91 -3.47 9.76 -5.97
C ASP A 91 -4.32 10.99 -5.66
N ASN A 92 -3.91 11.79 -4.68
CA ASN A 92 -4.59 13.04 -4.34
C ASN A 92 -4.27 14.16 -5.33
N ASP A 93 -4.23 13.84 -6.64
CA ASP A 93 -4.08 14.77 -7.76
C ASP A 93 -5.23 14.53 -8.73
N GLY A 94 -5.31 13.29 -9.24
CA GLY A 94 -5.99 12.97 -10.48
C GLY A 94 -4.96 12.98 -11.62
N ASP A 95 -3.78 12.38 -11.40
CA ASP A 95 -2.76 12.15 -12.42
C ASP A 95 -2.40 10.66 -12.49
N GLY A 96 -2.15 10.03 -11.34
CA GLY A 96 -1.99 8.59 -11.22
C GLY A 96 -0.58 8.22 -10.76
N LYS A 97 0.40 9.04 -11.14
CA LYS A 97 1.74 8.97 -10.58
C LYS A 97 1.67 9.43 -9.12
N ILE A 98 1.93 8.53 -8.17
CA ILE A 98 1.73 8.79 -6.75
C ILE A 98 3.09 9.04 -6.09
N GLY A 99 3.31 10.25 -5.57
CA GLY A 99 4.48 10.55 -4.78
C GLY A 99 4.44 9.91 -3.39
N ALA A 100 5.60 9.82 -2.73
CA ALA A 100 5.68 9.39 -1.34
C ALA A 100 4.82 10.30 -0.47
N GLU A 101 4.85 11.60 -0.76
CA GLU A 101 4.06 12.60 -0.07
C GLU A 101 2.57 12.24 -0.15
N GLU A 102 2.06 12.03 -1.37
CA GLU A 102 0.69 11.61 -1.62
C GLU A 102 0.34 10.39 -0.78
N PHE A 103 1.19 9.36 -0.84
CA PHE A 103 0.96 8.17 -0.03
C PHE A 103 0.95 8.48 1.47
N GLN A 104 1.90 9.29 1.96
CA GLN A 104 1.98 9.68 3.36
C GLN A 104 0.67 10.35 3.77
N GLU A 105 0.19 11.32 2.99
CA GLU A 105 -1.12 11.94 3.18
C GLU A 105 -2.19 10.86 3.38
N MET A 106 -2.36 9.99 2.38
CA MET A 106 -3.47 9.04 2.41
C MET A 106 -3.35 8.11 3.60
N VAL A 107 -2.14 7.61 3.86
CA VAL A 107 -1.86 6.76 5.01
C VAL A 107 -2.07 7.52 6.32
N HIS A 108 -1.69 8.80 6.38
CA HIS A 108 -1.70 9.59 7.60
C HIS A 108 -3.15 9.82 8.06
N SER A 109 -4.09 9.69 7.12
CA SER A 109 -5.51 9.81 7.40
C SER A 109 -6.04 8.68 8.30
CA CA B . -0.35 11.99 -8.02
CA CA C . 9.32 4.20 -8.50
N MET A 1 15.51 -5.31 10.98
CA MET A 1 14.06 -5.48 10.93
C MET A 1 13.55 -4.96 9.61
N SER A 2 12.31 -5.30 9.26
CA SER A 2 11.61 -4.86 8.07
C SER A 2 10.13 -5.12 8.38
N ILE A 3 9.21 -4.65 7.55
CA ILE A 3 7.77 -4.70 7.81
C ILE A 3 7.30 -6.10 8.28
N THR A 4 7.89 -7.14 7.69
CA THR A 4 7.61 -8.53 7.90
C THR A 4 8.03 -9.02 9.31
N ASP A 5 8.70 -8.18 10.10
CA ASP A 5 9.21 -8.51 11.43
C ASP A 5 9.31 -7.21 12.25
N VAL A 6 8.26 -6.39 12.16
CA VAL A 6 8.07 -5.16 12.92
C VAL A 6 6.68 -5.19 13.57
N LEU A 7 5.64 -5.30 12.74
CA LEU A 7 4.25 -5.25 13.15
C LEU A 7 3.41 -5.62 11.91
N SER A 8 3.74 -4.98 10.79
CA SER A 8 3.01 -5.11 9.53
C SER A 8 2.72 -6.56 9.13
N ALA A 9 3.59 -7.51 9.45
CA ALA A 9 3.30 -8.92 9.18
C ALA A 9 1.94 -9.38 9.72
N ASP A 10 1.56 -8.93 10.91
CA ASP A 10 0.27 -9.26 11.48
C ASP A 10 -0.83 -8.44 10.80
N ASP A 11 -0.51 -7.18 10.49
CA ASP A 11 -1.43 -6.25 9.84
C ASP A 11 -1.91 -6.85 8.53
N ILE A 12 -0.93 -7.27 7.71
CA ILE A 12 -1.20 -7.82 6.42
C ILE A 12 -2.02 -9.09 6.56
N ALA A 13 -1.75 -9.93 7.57
CA ALA A 13 -2.55 -11.11 7.85
C ALA A 13 -4.04 -10.74 8.02
N ALA A 14 -4.33 -9.67 8.77
CA ALA A 14 -5.71 -9.18 8.88
C ALA A 14 -6.24 -8.72 7.51
N ALA A 15 -5.57 -7.75 6.89
CA ALA A 15 -5.97 -7.16 5.62
C ALA A 15 -6.27 -8.24 4.58
N LEU A 16 -5.39 -9.22 4.50
CA LEU A 16 -5.48 -10.37 3.62
C LEU A 16 -6.86 -11.01 3.79
N GLN A 17 -7.33 -11.17 5.03
CA GLN A 17 -8.62 -11.79 5.28
C GLN A 17 -9.78 -10.80 5.18
N GLU A 18 -9.58 -9.52 5.48
CA GLU A 18 -10.69 -8.57 5.40
C GLU A 18 -11.02 -8.24 3.93
N CYS A 19 -10.04 -8.36 3.04
CA CYS A 19 -10.19 -8.14 1.60
C CYS A 19 -9.65 -9.35 0.82
N ARG A 20 -10.00 -10.58 1.21
CA ARG A 20 -9.65 -11.73 0.38
C ARG A 20 -10.55 -11.76 -0.86
N ASP A 21 -11.82 -11.44 -0.64
CA ASP A 21 -12.88 -11.55 -1.61
C ASP A 21 -12.55 -10.62 -2.78
N PRO A 22 -12.68 -11.09 -4.04
CA PRO A 22 -12.26 -10.31 -5.18
C PRO A 22 -13.05 -9.00 -5.23
N ASP A 23 -12.38 -7.93 -5.65
CA ASP A 23 -13.01 -6.66 -5.96
C ASP A 23 -13.54 -5.96 -4.69
N THR A 24 -13.00 -6.34 -3.51
CA THR A 24 -13.38 -5.79 -2.20
C THR A 24 -12.25 -4.98 -1.55
N PHE A 25 -11.18 -4.67 -2.30
CA PHE A 25 -10.07 -3.90 -1.74
C PHE A 25 -10.42 -2.42 -1.86
N GLU A 26 -10.60 -1.75 -0.73
CA GLU A 26 -10.83 -0.31 -0.66
C GLU A 26 -9.60 0.37 -0.04
N PRO A 27 -9.30 1.62 -0.44
CA PRO A 27 -8.09 2.32 -0.02
C PRO A 27 -8.09 2.60 1.49
N GLN A 28 -8.91 3.56 1.94
CA GLN A 28 -9.04 3.96 3.33
C GLN A 28 -9.24 2.74 4.23
N LYS A 29 -10.11 1.83 3.76
CA LYS A 29 -10.41 0.56 4.38
C LYS A 29 -9.12 -0.22 4.67
N PHE A 30 -8.38 -0.60 3.62
CA PHE A 30 -7.13 -1.36 3.77
C PHE A 30 -6.12 -0.59 4.64
N PHE A 31 -6.02 0.71 4.37
CA PHE A 31 -5.15 1.61 5.10
C PHE A 31 -5.36 1.52 6.63
N GLN A 32 -6.60 1.63 7.08
CA GLN A 32 -6.93 1.50 8.48
C GLN A 32 -6.84 0.04 8.92
N THR A 33 -7.21 -0.92 8.08
CA THR A 33 -7.20 -2.31 8.49
C THR A 33 -5.79 -2.77 8.80
N SER A 34 -4.83 -2.36 7.97
CA SER A 34 -3.44 -2.63 8.25
C SER A 34 -3.12 -1.92 9.57
N GLY A 35 -3.46 -0.65 9.66
CA GLY A 35 -3.15 0.19 10.80
C GLY A 35 -1.97 1.09 10.49
N LEU A 36 -1.68 1.30 9.20
CA LEU A 36 -0.74 2.31 8.78
C LEU A 36 -1.21 3.69 9.26
N SER A 37 -2.52 3.87 9.48
CA SER A 37 -3.10 5.10 10.06
C SER A 37 -2.56 5.33 11.47
N LYS A 38 -2.13 4.25 12.15
CA LYS A 38 -1.57 4.32 13.47
C LYS A 38 -0.06 4.44 13.39
N MET A 39 0.55 3.96 12.31
CA MET A 39 1.97 4.12 12.14
C MET A 39 2.35 5.59 11.97
N SER A 40 3.51 5.96 12.51
CA SER A 40 4.01 7.32 12.41
C SER A 40 4.53 7.58 11.00
N ALA A 41 4.56 8.86 10.60
CA ALA A 41 5.11 9.30 9.33
C ALA A 41 6.45 8.64 9.01
N ASN A 42 7.33 8.57 10.02
CA ASN A 42 8.61 7.88 9.93
C ASN A 42 8.43 6.47 9.35
N GLN A 43 7.70 5.63 10.08
CA GLN A 43 7.44 4.25 9.67
C GLN A 43 6.81 4.22 8.29
N VAL A 44 5.80 5.06 8.04
CA VAL A 44 5.13 5.11 6.75
C VAL A 44 6.14 5.43 5.63
N LYS A 45 7.10 6.33 5.89
CA LYS A 45 8.15 6.65 4.92
C LYS A 45 9.09 5.46 4.72
N ASP A 46 9.50 4.81 5.81
CA ASP A 46 10.39 3.65 5.75
C ASP A 46 9.74 2.55 4.92
N VAL A 47 8.50 2.17 5.27
CA VAL A 47 7.78 1.17 4.49
C VAL A 47 7.64 1.65 3.05
N PHE A 48 7.30 2.92 2.82
CA PHE A 48 7.24 3.51 1.49
C PHE A 48 8.52 3.19 0.70
N ARG A 49 9.71 3.41 1.28
CA ARG A 49 10.96 3.09 0.59
C ARG A 49 11.04 1.60 0.22
N PHE A 50 10.55 0.70 1.07
CA PHE A 50 10.50 -0.72 0.71
C PHE A 50 9.57 -0.92 -0.49
N ILE A 51 8.52 -0.11 -0.61
CA ILE A 51 7.57 -0.23 -1.70
C ILE A 51 8.19 0.31 -3.00
N ASP A 52 8.82 1.49 -2.98
CA ASP A 52 9.51 2.06 -4.14
C ASP A 52 10.81 1.29 -4.38
N ASN A 53 10.69 0.00 -4.72
CA ASN A 53 11.79 -0.95 -4.79
C ASN A 53 12.86 -0.50 -5.77
N ASP A 54 12.44 0.12 -6.87
CA ASP A 54 13.31 0.70 -7.87
C ASP A 54 13.97 2.00 -7.37
N GLN A 55 13.41 2.64 -6.35
CA GLN A 55 13.83 3.93 -5.81
C GLN A 55 13.89 4.99 -6.91
N SER A 56 12.71 5.42 -7.37
CA SER A 56 12.57 6.51 -8.34
C SER A 56 12.06 7.79 -7.69
N GLY A 57 11.28 7.68 -6.61
CA GLY A 57 10.52 8.81 -6.07
C GLY A 57 9.15 8.95 -6.74
N TYR A 58 8.74 7.98 -7.57
CA TYR A 58 7.36 7.81 -8.00
C TYR A 58 7.00 6.33 -7.89
N LEU A 59 5.83 6.07 -7.30
CA LEU A 59 5.09 4.83 -7.35
C LEU A 59 4.12 4.96 -8.51
N ASP A 60 4.66 4.74 -9.70
CA ASP A 60 3.90 4.59 -10.92
C ASP A 60 3.00 3.35 -10.81
N GLU A 61 1.88 3.36 -11.54
CA GLU A 61 0.84 2.35 -11.47
C GLU A 61 1.40 0.93 -11.58
N GLU A 62 2.28 0.72 -12.55
CA GLU A 62 2.87 -0.58 -12.84
C GLU A 62 3.62 -1.12 -11.61
N GLU A 63 4.42 -0.27 -10.98
CA GLU A 63 5.11 -0.63 -9.76
C GLU A 63 4.11 -1.01 -8.67
N LEU A 64 3.03 -0.23 -8.54
CA LEU A 64 1.95 -0.54 -7.61
C LEU A 64 1.34 -1.91 -7.93
N LYS A 65 1.22 -2.27 -9.21
CA LYS A 65 0.82 -3.60 -9.65
C LYS A 65 1.76 -4.72 -9.15
N PHE A 66 2.94 -4.37 -8.60
CA PHE A 66 3.86 -5.32 -7.96
C PHE A 66 4.14 -4.88 -6.51
N PHE A 67 3.19 -4.17 -5.86
CA PHE A 67 3.36 -3.71 -4.49
C PHE A 67 3.42 -4.89 -3.52
N LEU A 68 2.29 -5.53 -3.25
CA LEU A 68 2.17 -6.43 -2.11
C LEU A 68 3.03 -7.70 -2.32
N GLN A 69 3.45 -7.98 -3.56
CA GLN A 69 4.48 -8.95 -3.92
C GLN A 69 5.78 -8.74 -3.12
N LYS A 70 6.01 -7.54 -2.58
CA LYS A 70 7.15 -7.24 -1.73
C LYS A 70 6.93 -7.73 -0.29
N PHE A 71 5.67 -7.86 0.13
CA PHE A 71 5.27 -8.31 1.45
C PHE A 71 5.00 -9.82 1.42
N GLU A 72 4.01 -10.22 0.63
CA GLU A 72 3.57 -11.61 0.45
C GLU A 72 4.06 -12.08 -0.92
N SER A 73 3.75 -13.32 -1.30
CA SER A 73 4.12 -13.88 -2.61
C SER A 73 2.89 -14.37 -3.35
N GLY A 74 1.84 -13.56 -3.40
CA GLY A 74 0.61 -13.89 -4.10
C GLY A 74 -0.56 -13.14 -3.49
N ALA A 75 -0.51 -11.81 -3.50
CA ALA A 75 -1.62 -11.00 -3.03
C ALA A 75 -2.53 -10.69 -4.23
N ARG A 76 -3.09 -9.48 -4.27
CA ARG A 76 -4.04 -9.08 -5.29
C ARG A 76 -3.54 -7.82 -6.02
N GLU A 77 -2.24 -7.81 -6.32
CA GLU A 77 -1.57 -6.76 -7.05
C GLU A 77 -1.88 -6.90 -8.53
N LEU A 78 -1.96 -8.16 -8.97
CA LEU A 78 -2.30 -8.53 -10.34
C LEU A 78 -3.60 -7.85 -10.78
N THR A 79 -4.62 -7.86 -9.92
CA THR A 79 -5.89 -7.23 -10.27
C THR A 79 -5.73 -5.72 -10.35
N GLU A 80 -5.89 -5.21 -11.57
CA GLU A 80 -5.82 -3.79 -11.83
C GLU A 80 -6.87 -3.03 -11.01
N SER A 81 -8.10 -3.54 -10.91
CA SER A 81 -9.13 -2.98 -10.06
C SER A 81 -8.60 -2.69 -8.65
N GLU A 82 -8.12 -3.70 -7.93
CA GLU A 82 -7.74 -3.57 -6.53
C GLU A 82 -6.51 -2.70 -6.40
N THR A 83 -5.54 -2.87 -7.32
CA THR A 83 -4.42 -1.95 -7.38
C THR A 83 -4.96 -0.51 -7.49
N LYS A 84 -5.91 -0.33 -8.39
CA LYS A 84 -6.47 0.95 -8.72
C LYS A 84 -7.33 1.50 -7.59
N SER A 85 -7.94 0.67 -6.75
CA SER A 85 -8.55 1.11 -5.50
C SER A 85 -7.54 1.86 -4.65
N LEU A 86 -6.33 1.31 -4.47
CA LEU A 86 -5.26 2.05 -3.80
C LEU A 86 -4.94 3.31 -4.60
N MET A 87 -4.56 3.14 -5.87
CA MET A 87 -4.19 4.27 -6.71
C MET A 87 -5.20 5.43 -6.62
N ALA A 88 -6.49 5.11 -6.64
CA ALA A 88 -7.60 6.04 -6.71
C ALA A 88 -7.55 7.04 -5.55
N ALA A 89 -7.32 6.57 -4.34
CA ALA A 89 -7.23 7.45 -3.17
C ALA A 89 -5.82 8.00 -3.04
N ALA A 90 -4.81 7.13 -3.20
CA ALA A 90 -3.42 7.51 -3.03
C ALA A 90 -3.07 8.69 -3.94
N ASP A 91 -3.48 8.62 -5.21
CA ASP A 91 -3.26 9.71 -6.13
C ASP A 91 -4.19 10.87 -5.80
N ASN A 92 -3.85 11.65 -4.77
CA ASN A 92 -4.64 12.81 -4.38
C ASN A 92 -4.40 14.01 -5.32
N ASP A 93 -4.42 13.77 -6.63
CA ASP A 93 -4.16 14.75 -7.67
C ASP A 93 -5.21 14.59 -8.78
N GLY A 94 -5.25 13.39 -9.37
CA GLY A 94 -5.90 13.13 -10.64
C GLY A 94 -4.84 13.00 -11.75
N ASP A 95 -3.78 12.24 -11.49
CA ASP A 95 -2.76 11.86 -12.47
C ASP A 95 -2.62 10.32 -12.48
N GLY A 96 -2.22 9.71 -11.36
CA GLY A 96 -2.07 8.27 -11.22
C GLY A 96 -0.69 7.89 -10.70
N LYS A 97 0.30 8.74 -10.93
CA LYS A 97 1.65 8.59 -10.42
C LYS A 97 1.65 9.07 -8.97
N ILE A 98 1.88 8.15 -8.03
CA ILE A 98 1.86 8.46 -6.61
C ILE A 98 3.30 8.74 -6.19
N GLY A 99 3.51 9.52 -5.14
CA GLY A 99 4.84 9.79 -4.59
C GLY A 99 4.80 9.61 -3.08
N ALA A 100 5.92 9.82 -2.39
CA ALA A 100 5.98 9.62 -0.96
C ALA A 100 5.09 10.62 -0.24
N GLU A 101 5.03 11.85 -0.74
CA GLU A 101 4.10 12.83 -0.21
C GLU A 101 2.66 12.33 -0.35
N GLU A 102 2.21 12.05 -1.57
CA GLU A 102 0.86 11.58 -1.82
C GLU A 102 0.54 10.36 -0.94
N PHE A 103 1.46 9.39 -0.91
CA PHE A 103 1.28 8.17 -0.15
C PHE A 103 1.18 8.47 1.35
N GLN A 104 2.17 9.19 1.90
CA GLN A 104 2.16 9.59 3.29
C GLN A 104 0.90 10.37 3.63
N GLU A 105 0.49 11.35 2.82
CA GLU A 105 -0.75 12.09 3.01
C GLU A 105 -1.92 11.14 3.19
N MET A 106 -2.16 10.28 2.20
CA MET A 106 -3.26 9.33 2.28
C MET A 106 -3.12 8.49 3.55
N VAL A 107 -1.91 7.98 3.79
CA VAL A 107 -1.60 7.12 4.90
C VAL A 107 -1.50 7.88 6.23
N HIS A 108 -1.58 9.22 6.23
CA HIS A 108 -1.63 10.03 7.43
C HIS A 108 -3.09 10.24 7.87
N SER A 109 -4.05 9.89 7.02
CA SER A 109 -5.46 10.13 7.23
C SER A 109 -6.09 9.28 8.35
CA CA B . -0.10 12.04 -8.30
CA CA C . 9.37 3.73 -8.54
N MET A 1 11.98 -7.95 4.75
CA MET A 1 12.99 -7.61 5.75
C MET A 1 12.95 -6.09 5.97
N SER A 2 12.15 -5.65 6.94
CA SER A 2 11.82 -4.25 7.22
C SER A 2 10.51 -4.28 8.01
N ILE A 3 9.40 -4.59 7.32
CA ILE A 3 8.05 -4.41 7.83
C ILE A 3 7.49 -5.70 8.43
N THR A 4 8.05 -6.83 7.99
CA THR A 4 7.66 -8.16 8.30
C THR A 4 7.89 -8.48 9.78
N ASP A 5 8.67 -7.66 10.50
CA ASP A 5 8.98 -7.86 11.90
C ASP A 5 8.83 -6.52 12.65
N VAL A 6 7.73 -5.82 12.36
CA VAL A 6 7.36 -4.54 12.98
C VAL A 6 5.99 -4.69 13.65
N LEU A 7 4.98 -4.98 12.83
CA LEU A 7 3.58 -5.05 13.22
C LEU A 7 2.86 -5.61 12.00
N SER A 8 2.96 -4.82 10.92
CA SER A 8 2.31 -4.95 9.62
C SER A 8 2.05 -6.38 9.16
N ALA A 9 2.97 -7.32 9.41
CA ALA A 9 2.80 -8.71 9.01
C ALA A 9 1.47 -9.31 9.45
N ASP A 10 1.03 -9.00 10.67
CA ASP A 10 -0.26 -9.48 11.15
C ASP A 10 -1.37 -8.78 10.36
N ASP A 11 -1.20 -7.47 10.20
CA ASP A 11 -2.19 -6.56 9.67
C ASP A 11 -2.51 -6.94 8.22
N ILE A 12 -1.45 -7.16 7.43
CA ILE A 12 -1.57 -7.60 6.06
C ILE A 12 -2.28 -8.96 5.97
N ALA A 13 -2.01 -9.87 6.91
CA ALA A 13 -2.68 -11.16 6.92
C ALA A 13 -4.19 -10.97 7.06
N ALA A 14 -4.63 -10.09 7.96
CA ALA A 14 -6.03 -9.72 8.04
C ALA A 14 -6.51 -9.13 6.71
N ALA A 15 -5.81 -8.09 6.22
CA ALA A 15 -6.14 -7.38 5.00
C ALA A 15 -6.39 -8.35 3.83
N LEU A 16 -5.48 -9.32 3.71
CA LEU A 16 -5.49 -10.34 2.68
C LEU A 16 -6.85 -11.06 2.71
N GLN A 17 -7.34 -11.38 3.90
CA GLN A 17 -8.57 -12.14 4.02
C GLN A 17 -9.77 -11.22 3.79
N GLU A 18 -9.79 -10.07 4.47
CA GLU A 18 -10.93 -9.15 4.41
C GLU A 18 -11.18 -8.68 2.97
N CYS A 19 -10.11 -8.55 2.17
CA CYS A 19 -10.17 -8.16 0.77
C CYS A 19 -9.84 -9.36 -0.13
N ARG A 20 -10.28 -10.58 0.25
CA ARG A 20 -10.01 -11.76 -0.56
C ARG A 20 -11.00 -11.82 -1.73
N ASP A 21 -12.19 -11.29 -1.52
CA ASP A 21 -13.23 -11.21 -2.54
C ASP A 21 -12.87 -10.10 -3.55
N PRO A 22 -13.19 -10.27 -4.83
CA PRO A 22 -12.84 -9.33 -5.89
C PRO A 22 -13.52 -7.98 -5.68
N ASP A 23 -12.79 -6.90 -5.96
CA ASP A 23 -13.27 -5.54 -5.88
C ASP A 23 -13.67 -5.11 -4.45
N THR A 24 -13.38 -5.91 -3.42
CA THR A 24 -13.74 -5.66 -2.01
C THR A 24 -12.62 -4.91 -1.28
N PHE A 25 -11.70 -4.32 -2.04
CA PHE A 25 -10.59 -3.56 -1.53
C PHE A 25 -10.96 -2.09 -1.64
N GLU A 26 -11.15 -1.43 -0.50
CA GLU A 26 -11.26 0.02 -0.42
C GLU A 26 -9.94 0.57 0.14
N PRO A 27 -9.53 1.77 -0.27
CA PRO A 27 -8.27 2.36 0.13
C PRO A 27 -8.20 2.57 1.64
N GLN A 28 -9.10 3.42 2.17
CA GLN A 28 -9.06 3.82 3.57
C GLN A 28 -9.19 2.59 4.49
N LYS A 29 -10.07 1.67 4.11
CA LYS A 29 -10.19 0.34 4.72
C LYS A 29 -8.81 -0.30 4.79
N PHE A 30 -8.23 -0.67 3.63
CA PHE A 30 -6.97 -1.38 3.55
C PHE A 30 -5.85 -0.66 4.32
N PHE A 31 -5.79 0.65 4.15
CA PHE A 31 -4.87 1.57 4.80
C PHE A 31 -4.88 1.34 6.31
N GLN A 32 -6.06 1.49 6.93
CA GLN A 32 -6.18 1.36 8.36
C GLN A 32 -5.86 -0.07 8.74
N THR A 33 -6.44 -1.02 8.02
CA THR A 33 -6.38 -2.42 8.34
C THR A 33 -4.98 -2.97 8.28
N SER A 34 -4.17 -2.48 7.34
CA SER A 34 -2.77 -2.86 7.21
C SER A 34 -1.92 -2.18 8.27
N GLY A 35 -2.55 -1.40 9.16
CA GLY A 35 -1.91 -0.86 10.36
C GLY A 35 -1.06 0.36 10.02
N LEU A 36 -1.19 0.85 8.79
CA LEU A 36 -0.34 1.90 8.31
C LEU A 36 -0.74 3.23 8.95
N SER A 37 -1.99 3.35 9.40
CA SER A 37 -2.46 4.45 10.23
C SER A 37 -1.78 4.42 11.60
N LYS A 38 -1.34 3.23 12.04
CA LYS A 38 -0.73 3.02 13.34
C LYS A 38 0.76 3.31 13.21
N MET A 39 1.35 2.99 12.04
CA MET A 39 2.78 3.17 11.84
C MET A 39 3.33 4.54 12.29
N SER A 40 2.94 5.63 11.61
CA SER A 40 3.42 7.01 11.74
C SER A 40 4.13 7.38 10.45
N ALA A 41 3.94 8.63 9.96
CA ALA A 41 4.64 9.20 8.81
C ALA A 41 6.11 8.77 8.73
N ASN A 42 6.78 8.73 9.89
CA ASN A 42 8.17 8.36 9.99
C ASN A 42 8.39 6.97 9.38
N GLN A 43 7.73 5.99 9.96
CA GLN A 43 7.87 4.61 9.57
C GLN A 43 7.23 4.39 8.21
N VAL A 44 6.13 5.08 7.90
CA VAL A 44 5.46 4.97 6.63
C VAL A 44 6.43 5.38 5.51
N LYS A 45 7.10 6.52 5.66
CA LYS A 45 8.15 6.91 4.72
C LYS A 45 9.21 5.83 4.63
N ASP A 46 9.67 5.28 5.75
CA ASP A 46 10.67 4.21 5.73
C ASP A 46 10.17 3.02 4.90
N VAL A 47 8.98 2.47 5.23
CA VAL A 47 8.43 1.36 4.49
C VAL A 47 8.37 1.67 3.00
N PHE A 48 7.94 2.87 2.62
CA PHE A 48 7.92 3.27 1.21
C PHE A 48 9.27 3.00 0.53
N ARG A 49 10.40 3.26 1.19
CA ARG A 49 11.70 3.00 0.59
C ARG A 49 11.87 1.53 0.18
N PHE A 50 11.22 0.61 0.92
CA PHE A 50 11.25 -0.81 0.62
C PHE A 50 10.48 -1.12 -0.67
N ILE A 51 9.50 -0.28 -1.05
CA ILE A 51 8.64 -0.49 -2.21
C ILE A 51 8.68 0.71 -3.15
N ASP A 52 9.48 0.58 -4.21
CA ASP A 52 9.48 1.45 -5.39
C ASP A 52 10.07 0.62 -6.52
N ASN A 53 11.22 -0.01 -6.23
CA ASN A 53 12.05 -0.84 -7.09
C ASN A 53 13.18 0.02 -7.63
N ASP A 54 12.82 1.17 -8.22
CA ASP A 54 13.78 2.20 -8.57
C ASP A 54 14.55 2.65 -7.33
N GLN A 55 13.80 2.88 -6.26
CA GLN A 55 14.14 3.80 -5.18
C GLN A 55 14.30 5.21 -5.76
N SER A 56 13.20 5.72 -6.30
CA SER A 56 13.04 7.04 -6.89
C SER A 56 12.30 7.98 -5.93
N GLY A 57 11.24 7.48 -5.29
CA GLY A 57 10.26 8.28 -4.56
C GLY A 57 8.91 8.32 -5.30
N TYR A 58 8.87 7.87 -6.56
CA TYR A 58 7.67 7.75 -7.36
C TYR A 58 7.20 6.30 -7.36
N LEU A 59 6.02 6.07 -6.78
CA LEU A 59 5.25 4.85 -6.88
C LEU A 59 4.38 4.97 -8.13
N ASP A 60 5.01 4.68 -9.26
CA ASP A 60 4.36 4.62 -10.56
C ASP A 60 3.32 3.48 -10.55
N GLU A 61 2.17 3.67 -11.23
CA GLU A 61 1.02 2.79 -11.18
C GLU A 61 1.37 1.29 -11.15
N GLU A 62 2.21 0.85 -12.10
CA GLU A 62 2.50 -0.57 -12.24
C GLU A 62 3.37 -1.09 -11.09
N GLU A 63 4.11 -0.24 -10.40
CA GLU A 63 4.77 -0.65 -9.17
C GLU A 63 3.71 -0.92 -8.12
N LEU A 64 2.66 -0.08 -8.09
CA LEU A 64 1.50 -0.33 -7.25
C LEU A 64 1.00 -1.77 -7.49
N LYS A 65 0.86 -2.18 -8.76
CA LYS A 65 0.48 -3.54 -9.16
C LYS A 65 1.36 -4.66 -8.57
N PHE A 66 2.53 -4.34 -8.00
CA PHE A 66 3.37 -5.32 -7.29
C PHE A 66 3.67 -4.91 -5.85
N PHE A 67 3.01 -3.87 -5.34
CA PHE A 67 3.35 -3.20 -4.07
C PHE A 67 3.50 -4.22 -2.94
N LEU A 68 2.41 -4.90 -2.61
CA LEU A 68 2.35 -5.85 -1.50
C LEU A 68 3.24 -7.08 -1.73
N GLN A 69 3.76 -7.34 -2.93
CA GLN A 69 4.61 -8.52 -3.15
C GLN A 69 5.85 -8.45 -2.27
N LYS A 70 6.34 -7.24 -1.97
CA LYS A 70 7.42 -7.05 -1.01
C LYS A 70 7.06 -7.59 0.37
N PHE A 71 5.77 -7.56 0.72
CA PHE A 71 5.29 -8.01 2.00
C PHE A 71 5.01 -9.52 1.95
N GLU A 72 4.20 -9.94 0.96
CA GLU A 72 3.74 -11.31 0.82
C GLU A 72 3.68 -11.64 -0.68
N SER A 73 4.40 -12.69 -1.07
CA SER A 73 4.42 -13.28 -2.40
C SER A 73 3.01 -13.43 -3.00
N GLY A 74 2.05 -13.77 -2.14
CA GLY A 74 0.69 -14.11 -2.49
C GLY A 74 -0.29 -13.00 -2.11
N ALA A 75 0.17 -11.74 -2.10
CA ALA A 75 -0.72 -10.60 -1.87
C ALA A 75 -1.64 -10.35 -3.07
N ARG A 76 -2.29 -9.18 -3.14
CA ARG A 76 -3.51 -8.99 -3.92
C ARG A 76 -3.37 -8.02 -5.12
N GLU A 77 -2.27 -7.29 -5.23
CA GLU A 77 -2.08 -6.29 -6.28
C GLU A 77 -2.17 -6.84 -7.71
N LEU A 78 -2.26 -8.16 -7.86
CA LEU A 78 -2.52 -8.80 -9.13
C LEU A 78 -3.83 -8.29 -9.73
N THR A 79 -4.89 -8.09 -8.93
CA THR A 79 -6.13 -7.55 -9.50
C THR A 79 -5.97 -6.05 -9.75
N GLU A 80 -6.31 -5.64 -10.96
CA GLU A 80 -6.27 -4.24 -11.32
C GLU A 80 -7.30 -3.44 -10.52
N SER A 81 -8.53 -3.94 -10.35
CA SER A 81 -9.51 -3.32 -9.45
C SER A 81 -8.93 -3.07 -8.06
N GLU A 82 -8.53 -4.12 -7.34
CA GLU A 82 -8.01 -3.99 -5.99
C GLU A 82 -6.84 -2.98 -5.95
N THR A 83 -5.93 -3.03 -6.93
CA THR A 83 -4.88 -2.02 -7.01
C THR A 83 -5.50 -0.63 -7.12
N LYS A 84 -6.39 -0.50 -8.11
CA LYS A 84 -6.98 0.75 -8.55
C LYS A 84 -7.73 1.42 -7.40
N SER A 85 -8.41 0.66 -6.55
CA SER A 85 -8.99 1.19 -5.31
C SER A 85 -7.95 1.94 -4.48
N LEU A 86 -6.76 1.36 -4.30
CA LEU A 86 -5.69 2.01 -3.57
C LEU A 86 -5.24 3.24 -4.36
N MET A 87 -4.84 3.01 -5.62
CA MET A 87 -4.42 4.06 -6.54
C MET A 87 -5.36 5.29 -6.49
N ALA A 88 -6.67 5.03 -6.52
CA ALA A 88 -7.72 6.02 -6.66
C ALA A 88 -7.69 7.06 -5.53
N ALA A 89 -7.49 6.62 -4.29
CA ALA A 89 -7.44 7.52 -3.13
C ALA A 89 -6.02 8.00 -2.87
N ALA A 90 -5.03 7.16 -3.16
CA ALA A 90 -3.63 7.52 -3.06
C ALA A 90 -3.30 8.69 -3.98
N ASP A 91 -3.70 8.60 -5.25
CA ASP A 91 -3.45 9.65 -6.21
C ASP A 91 -4.34 10.85 -5.87
N ASN A 92 -3.74 11.96 -5.47
CA ASN A 92 -4.49 13.17 -5.10
C ASN A 92 -4.28 14.25 -6.15
N ASP A 93 -4.21 13.82 -7.42
CA ASP A 93 -4.15 14.67 -8.60
C ASP A 93 -5.36 14.40 -9.51
N GLY A 94 -5.63 13.13 -9.76
CA GLY A 94 -6.36 12.66 -10.93
C GLY A 94 -5.37 12.38 -12.04
N ASP A 95 -4.22 11.77 -11.72
CA ASP A 95 -3.16 11.44 -12.67
C ASP A 95 -2.88 9.94 -12.64
N GLY A 96 -2.57 9.38 -11.47
CA GLY A 96 -2.34 7.95 -11.27
C GLY A 96 -0.96 7.69 -10.70
N LYS A 97 0.05 8.44 -11.15
CA LYS A 97 1.42 8.33 -10.65
C LYS A 97 1.41 8.87 -9.22
N ILE A 98 1.82 8.05 -8.25
CA ILE A 98 1.74 8.41 -6.84
C ILE A 98 3.15 8.73 -6.35
N GLY A 99 3.33 9.89 -5.71
CA GLY A 99 4.57 10.19 -5.02
C GLY A 99 4.53 9.62 -3.60
N ALA A 100 5.71 9.42 -2.99
CA ALA A 100 5.82 9.13 -1.57
C ALA A 100 5.04 10.17 -0.77
N GLU A 101 5.03 11.41 -1.25
CA GLU A 101 4.32 12.52 -0.61
C GLU A 101 2.82 12.23 -0.57
N GLU A 102 2.18 12.09 -1.74
CA GLU A 102 0.78 11.67 -1.87
C GLU A 102 0.50 10.49 -0.95
N PHE A 103 1.38 9.47 -1.01
CA PHE A 103 1.18 8.26 -0.25
C PHE A 103 1.25 8.50 1.27
N GLN A 104 2.20 9.32 1.73
CA GLN A 104 2.27 9.73 3.13
C GLN A 104 1.00 10.49 3.49
N GLU A 105 0.50 11.40 2.65
CA GLU A 105 -0.75 12.08 2.96
C GLU A 105 -1.87 11.08 3.22
N MET A 106 -2.08 10.14 2.28
CA MET A 106 -3.14 9.15 2.45
C MET A 106 -2.90 8.38 3.74
N VAL A 107 -1.70 7.83 3.87
CA VAL A 107 -1.34 6.89 4.92
C VAL A 107 -1.14 7.58 6.29
N HIS A 108 -0.98 8.90 6.34
CA HIS A 108 -0.88 9.62 7.60
C HIS A 108 -2.23 10.25 7.99
N SER A 109 -3.30 9.99 7.21
CA SER A 109 -4.62 10.52 7.49
C SER A 109 -5.32 9.71 8.59
CA CA B . -0.41 11.76 -8.37
CA CA C . 9.06 4.04 -9.33
N MET A 1 14.69 -7.84 9.34
CA MET A 1 13.23 -7.76 9.54
C MET A 1 12.68 -6.99 8.37
N SER A 2 11.36 -7.04 8.19
CA SER A 2 10.65 -6.37 7.13
C SER A 2 9.31 -5.93 7.71
N ILE A 3 8.55 -5.21 6.89
CA ILE A 3 7.22 -4.74 7.26
C ILE A 3 6.36 -5.90 7.79
N THR A 4 6.48 -7.08 7.16
CA THR A 4 5.78 -8.29 7.49
C THR A 4 6.51 -8.99 8.64
N ASP A 5 6.76 -8.25 9.73
CA ASP A 5 7.44 -8.75 10.93
C ASP A 5 7.41 -7.64 11.98
N VAL A 6 7.84 -6.44 11.58
CA VAL A 6 7.93 -5.27 12.45
C VAL A 6 6.62 -5.03 13.22
N LEU A 7 5.49 -5.08 12.49
CA LEU A 7 4.17 -4.81 13.03
C LEU A 7 3.17 -5.35 12.02
N SER A 8 3.27 -4.83 10.79
CA SER A 8 2.31 -5.07 9.74
C SER A 8 1.99 -6.55 9.55
N ALA A 9 2.89 -7.47 9.90
CA ALA A 9 2.61 -8.90 9.99
C ALA A 9 1.21 -9.24 10.51
N ASP A 10 0.78 -8.64 11.62
CA ASP A 10 -0.53 -8.94 12.15
C ASP A 10 -1.61 -8.35 11.22
N ASP A 11 -1.37 -7.12 10.81
CA ASP A 11 -2.29 -6.31 10.03
C ASP A 11 -2.55 -6.96 8.68
N ILE A 12 -1.51 -7.48 8.01
CA ILE A 12 -1.63 -8.19 6.77
C ILE A 12 -2.50 -9.43 6.96
N ALA A 13 -2.37 -10.14 8.08
CA ALA A 13 -3.18 -11.31 8.35
C ALA A 13 -4.65 -10.92 8.43
N ALA A 14 -4.94 -9.79 9.09
CA ALA A 14 -6.30 -9.24 9.08
C ALA A 14 -6.72 -8.91 7.63
N ALA A 15 -5.98 -8.03 6.96
CA ALA A 15 -6.26 -7.54 5.62
C ALA A 15 -6.56 -8.68 4.65
N LEU A 16 -5.69 -9.68 4.70
CA LEU A 16 -5.76 -10.91 3.93
C LEU A 16 -7.15 -11.51 3.99
N GLN A 17 -7.76 -11.53 5.18
CA GLN A 17 -9.03 -12.21 5.37
C GLN A 17 -10.18 -11.24 5.13
N GLU A 18 -10.06 -10.02 5.66
CA GLU A 18 -11.14 -9.05 5.62
C GLU A 18 -11.45 -8.61 4.18
N CYS A 19 -10.43 -8.54 3.31
CA CYS A 19 -10.58 -8.31 1.89
C CYS A 19 -9.91 -9.45 1.13
N ARG A 20 -10.40 -10.69 1.31
CA ARG A 20 -9.88 -11.85 0.59
C ARG A 20 -10.48 -11.97 -0.81
N ASP A 21 -11.61 -11.30 -1.04
CA ASP A 21 -12.48 -11.51 -2.20
C ASP A 21 -12.20 -10.47 -3.29
N PRO A 22 -12.36 -10.84 -4.57
CA PRO A 22 -11.99 -9.99 -5.70
C PRO A 22 -12.78 -8.67 -5.67
N ASP A 23 -12.04 -7.56 -5.75
CA ASP A 23 -12.53 -6.20 -5.97
C ASP A 23 -13.14 -5.61 -4.69
N THR A 24 -12.84 -6.20 -3.53
CA THR A 24 -13.38 -5.77 -2.23
C THR A 24 -12.48 -4.70 -1.57
N PHE A 25 -11.24 -4.58 -2.02
CA PHE A 25 -10.18 -3.98 -1.21
C PHE A 25 -10.15 -2.46 -1.35
N GLU A 26 -10.79 -1.75 -0.41
CA GLU A 26 -10.87 -0.29 -0.41
C GLU A 26 -9.57 0.32 0.12
N PRO A 27 -9.27 1.58 -0.24
CA PRO A 27 -8.04 2.23 0.16
C PRO A 27 -8.07 2.58 1.65
N GLN A 28 -8.99 3.45 2.07
CA GLN A 28 -9.09 3.88 3.46
C GLN A 28 -9.37 2.69 4.39
N LYS A 29 -10.10 1.69 3.89
CA LYS A 29 -10.26 0.43 4.60
C LYS A 29 -8.90 -0.23 4.80
N PHE A 30 -8.24 -0.60 3.70
CA PHE A 30 -6.99 -1.35 3.73
C PHE A 30 -5.95 -0.61 4.57
N PHE A 31 -5.78 0.67 4.33
CA PHE A 31 -4.99 1.63 5.09
C PHE A 31 -5.01 1.33 6.59
N GLN A 32 -6.19 1.43 7.20
CA GLN A 32 -6.31 1.22 8.63
C GLN A 32 -6.01 -0.25 8.93
N THR A 33 -6.64 -1.15 8.18
CA THR A 33 -6.56 -2.58 8.42
C THR A 33 -5.12 -3.10 8.30
N SER A 34 -4.28 -2.40 7.54
CA SER A 34 -2.88 -2.71 7.28
C SER A 34 -1.97 -2.05 8.32
N GLY A 35 -2.54 -1.26 9.23
CA GLY A 35 -1.80 -0.72 10.37
C GLY A 35 -0.99 0.51 9.95
N LEU A 36 -1.17 0.96 8.72
CA LEU A 36 -0.43 2.07 8.17
C LEU A 36 -0.85 3.37 8.86
N SER A 37 -2.09 3.41 9.39
CA SER A 37 -2.59 4.46 10.27
C SER A 37 -1.82 4.48 11.59
N LYS A 38 -1.32 3.32 12.05
CA LYS A 38 -0.65 3.19 13.32
C LYS A 38 0.82 3.51 13.14
N MET A 39 1.40 3.08 12.00
CA MET A 39 2.76 3.42 11.67
C MET A 39 2.97 4.95 11.66
N SER A 40 3.97 5.44 12.38
CA SER A 40 4.36 6.84 12.34
C SER A 40 4.84 7.22 10.94
N ALA A 41 4.82 8.52 10.61
CA ALA A 41 5.30 9.06 9.35
C ALA A 41 6.64 8.42 8.93
N ASN A 42 7.54 8.24 9.89
CA ASN A 42 8.84 7.61 9.67
C ASN A 42 8.65 6.23 9.04
N GLN A 43 7.91 5.35 9.73
CA GLN A 43 7.64 4.01 9.25
C GLN A 43 6.90 4.08 7.91
N VAL A 44 5.85 4.89 7.81
CA VAL A 44 5.10 5.00 6.57
C VAL A 44 6.02 5.35 5.39
N LYS A 45 6.88 6.36 5.56
CA LYS A 45 7.79 6.79 4.50
C LYS A 45 8.95 5.80 4.32
N ASP A 46 9.30 5.03 5.34
CA ASP A 46 10.23 3.92 5.21
C ASP A 46 9.58 2.83 4.35
N VAL A 47 8.49 2.22 4.82
CA VAL A 47 7.76 1.19 4.08
C VAL A 47 7.51 1.61 2.65
N PHE A 48 6.96 2.81 2.41
CA PHE A 48 6.76 3.28 1.05
C PHE A 48 8.05 3.26 0.24
N ARG A 49 9.17 3.70 0.80
CA ARG A 49 10.45 3.64 0.08
C ARG A 49 10.94 2.20 -0.09
N PHE A 50 10.71 1.33 0.90
CA PHE A 50 11.14 -0.05 0.84
C PHE A 50 10.41 -0.77 -0.30
N ILE A 51 9.10 -0.47 -0.43
CA ILE A 51 8.28 -1.02 -1.50
C ILE A 51 8.51 -0.29 -2.84
N ASP A 52 8.82 1.02 -2.82
CA ASP A 52 9.25 1.77 -4.01
C ASP A 52 10.62 1.24 -4.45
N ASN A 53 10.62 0.06 -5.07
CA ASN A 53 11.79 -0.43 -5.77
C ASN A 53 12.22 0.63 -6.78
N ASP A 54 13.48 0.63 -7.18
CA ASP A 54 14.06 1.65 -8.05
C ASP A 54 14.27 3.00 -7.32
N GLN A 55 13.28 3.45 -6.57
CA GLN A 55 13.27 4.77 -5.95
C GLN A 55 13.36 5.88 -7.00
N SER A 56 12.47 5.80 -8.00
CA SER A 56 12.17 6.87 -8.95
C SER A 56 11.71 8.18 -8.27
N GLY A 57 11.48 8.16 -6.95
CA GLY A 57 10.80 9.25 -6.26
C GLY A 57 9.30 9.21 -6.57
N TYR A 58 8.84 8.10 -7.14
CA TYR A 58 7.47 7.88 -7.52
C TYR A 58 7.16 6.39 -7.36
N LEU A 59 5.94 6.14 -6.90
CA LEU A 59 5.26 4.88 -7.02
C LEU A 59 4.40 4.99 -8.27
N ASP A 60 5.08 4.84 -9.42
CA ASP A 60 4.49 4.83 -10.74
C ASP A 60 3.54 3.61 -10.86
N GLU A 61 2.74 3.48 -11.93
CA GLU A 61 1.69 2.46 -12.00
C GLU A 61 2.23 1.07 -11.63
N GLU A 62 3.26 0.61 -12.34
CA GLU A 62 4.02 -0.60 -12.04
C GLU A 62 4.41 -0.77 -10.57
N GLU A 63 4.74 0.28 -9.81
CA GLU A 63 4.99 0.08 -8.38
C GLU A 63 3.77 -0.54 -7.73
N LEU A 64 2.61 -0.02 -8.09
CA LEU A 64 1.33 -0.54 -7.65
C LEU A 64 0.94 -1.79 -8.44
N LYS A 65 1.89 -2.43 -9.13
CA LYS A 65 1.78 -3.81 -9.61
C LYS A 65 2.67 -4.71 -8.74
N PHE A 66 3.28 -4.17 -7.67
CA PHE A 66 4.00 -4.96 -6.69
C PHE A 66 4.02 -4.30 -5.31
N PHE A 67 3.00 -3.52 -4.95
CA PHE A 67 2.92 -2.83 -3.66
C PHE A 67 3.03 -3.87 -2.53
N LEU A 68 2.07 -4.79 -2.45
CA LEU A 68 2.05 -5.83 -1.43
C LEU A 68 2.95 -7.03 -1.78
N GLN A 69 3.40 -7.18 -3.02
CA GLN A 69 4.32 -8.25 -3.43
C GLN A 69 5.73 -8.08 -2.83
N LYS A 70 5.91 -7.21 -1.82
CA LYS A 70 7.09 -7.17 -0.96
C LYS A 70 6.76 -7.76 0.41
N PHE A 71 5.50 -7.73 0.84
CA PHE A 71 5.08 -8.39 2.07
C PHE A 71 4.88 -9.87 1.77
N GLU A 72 4.15 -10.18 0.69
CA GLU A 72 3.77 -11.52 0.32
C GLU A 72 4.30 -11.86 -1.07
N SER A 73 4.06 -13.11 -1.48
CA SER A 73 4.19 -13.58 -2.85
C SER A 73 2.84 -13.54 -3.58
N GLY A 74 1.73 -13.68 -2.85
CA GLY A 74 0.42 -13.94 -3.43
C GLY A 74 -0.54 -12.78 -3.25
N ALA A 75 -0.01 -11.61 -2.89
CA ALA A 75 -0.83 -10.44 -2.61
C ALA A 75 -1.43 -9.87 -3.90
N ARG A 76 -2.53 -9.13 -3.76
CA ARG A 76 -3.47 -8.87 -4.84
C ARG A 76 -2.99 -7.90 -5.93
N GLU A 77 -1.69 -7.65 -6.04
CA GLU A 77 -1.17 -6.64 -6.94
C GLU A 77 -1.57 -6.91 -8.39
N LEU A 78 -1.64 -8.19 -8.72
CA LEU A 78 -2.09 -8.68 -10.00
C LEU A 78 -3.48 -8.14 -10.37
N THR A 79 -4.39 -7.97 -9.40
CA THR A 79 -5.73 -7.48 -9.70
C THR A 79 -5.69 -5.99 -9.95
N GLU A 80 -5.81 -5.62 -11.22
CA GLU A 80 -5.72 -4.24 -11.64
C GLU A 80 -6.74 -3.37 -10.91
N SER A 81 -7.96 -3.86 -10.71
CA SER A 81 -9.03 -3.12 -10.06
C SER A 81 -8.67 -2.79 -8.60
N GLU A 82 -8.29 -3.78 -7.79
CA GLU A 82 -7.89 -3.52 -6.42
C GLU A 82 -6.70 -2.56 -6.39
N THR A 83 -5.70 -2.84 -7.24
CA THR A 83 -4.56 -1.96 -7.39
C THR A 83 -5.05 -0.52 -7.61
N LYS A 84 -5.97 -0.35 -8.58
CA LYS A 84 -6.52 0.93 -8.99
C LYS A 84 -7.37 1.55 -7.89
N SER A 85 -7.98 0.75 -7.01
CA SER A 85 -8.66 1.26 -5.82
C SER A 85 -7.65 1.99 -4.93
N LEU A 86 -6.48 1.38 -4.69
CA LEU A 86 -5.43 2.04 -3.95
C LEU A 86 -4.92 3.26 -4.72
N MET A 87 -4.58 3.09 -6.00
CA MET A 87 -4.22 4.22 -6.84
C MET A 87 -5.21 5.39 -6.68
N ALA A 88 -6.50 5.09 -6.81
CA ALA A 88 -7.60 6.04 -6.92
C ALA A 88 -7.60 7.04 -5.76
N ALA A 89 -7.44 6.55 -4.53
CA ALA A 89 -7.42 7.41 -3.35
C ALA A 89 -6.02 7.96 -3.07
N ALA A 90 -4.99 7.13 -3.20
CA ALA A 90 -3.61 7.57 -2.97
C ALA A 90 -3.23 8.72 -3.88
N ASP A 91 -3.66 8.66 -5.15
CA ASP A 91 -3.46 9.78 -6.04
C ASP A 91 -4.29 10.95 -5.56
N ASN A 92 -3.63 12.01 -5.09
CA ASN A 92 -4.34 13.18 -4.60
C ASN A 92 -4.52 14.22 -5.71
N ASP A 93 -4.13 13.91 -6.96
CA ASP A 93 -4.24 14.85 -8.08
C ASP A 93 -5.48 14.54 -8.92
N GLY A 94 -5.58 13.31 -9.42
CA GLY A 94 -6.36 12.96 -10.59
C GLY A 94 -5.43 12.88 -11.80
N ASP A 95 -4.34 12.10 -11.65
CA ASP A 95 -3.35 11.81 -12.68
C ASP A 95 -3.02 10.32 -12.69
N GLY A 96 -2.70 9.75 -11.52
CA GLY A 96 -2.54 8.32 -11.30
C GLY A 96 -1.19 8.02 -10.66
N LYS A 97 -0.12 8.60 -11.20
CA LYS A 97 1.20 8.55 -10.58
C LYS A 97 1.11 9.11 -9.15
N ILE A 98 1.75 8.41 -8.20
CA ILE A 98 1.66 8.69 -6.78
C ILE A 98 3.06 8.88 -6.22
N GLY A 99 3.37 10.10 -5.77
CA GLY A 99 4.62 10.35 -5.08
C GLY A 99 4.60 9.69 -3.69
N ALA A 100 5.78 9.47 -3.11
CA ALA A 100 5.88 9.01 -1.73
C ALA A 100 5.16 10.01 -0.82
N GLU A 101 5.28 11.30 -1.13
CA GLU A 101 4.45 12.35 -0.56
C GLU A 101 2.96 11.98 -0.58
N GLU A 102 2.33 11.93 -1.77
CA GLU A 102 0.93 11.57 -1.94
C GLU A 102 0.54 10.35 -1.09
N PHE A 103 1.37 9.31 -1.12
CA PHE A 103 1.09 8.09 -0.38
C PHE A 103 1.16 8.32 1.14
N GLN A 104 2.24 8.92 1.64
CA GLN A 104 2.43 9.24 3.05
C GLN A 104 1.36 10.22 3.53
N GLU A 105 0.88 11.12 2.69
CA GLU A 105 -0.28 11.95 2.98
C GLU A 105 -1.50 11.05 3.21
N MET A 106 -1.86 10.26 2.20
CA MET A 106 -3.07 9.44 2.25
C MET A 106 -3.07 8.58 3.50
N VAL A 107 -1.93 7.97 3.79
CA VAL A 107 -1.76 7.14 4.96
C VAL A 107 -1.71 7.97 6.24
N HIS A 108 -0.70 8.82 6.41
CA HIS A 108 -0.48 9.48 7.69
C HIS A 108 -1.72 10.28 8.10
N SER A 109 -2.37 10.87 7.10
CA SER A 109 -3.63 11.58 7.21
C SER A 109 -3.60 12.71 8.24
CA CA B . -0.80 12.02 -8.22
CA CA C . 9.53 3.72 -8.33
N MET A 1 12.88 -8.72 4.49
CA MET A 1 13.25 -8.24 5.83
C MET A 1 13.10 -6.74 5.82
N SER A 2 12.48 -6.17 6.86
CA SER A 2 12.15 -4.76 7.08
C SER A 2 10.81 -4.76 7.81
N ILE A 3 9.71 -4.89 7.08
CA ILE A 3 8.37 -4.65 7.63
C ILE A 3 7.82 -5.88 8.36
N THR A 4 8.32 -7.06 7.97
CA THR A 4 7.95 -8.33 8.48
C THR A 4 8.07 -8.41 10.00
N ASP A 5 9.11 -7.79 10.57
CA ASP A 5 9.42 -7.85 11.98
C ASP A 5 9.20 -6.48 12.63
N VAL A 6 8.07 -5.85 12.30
CA VAL A 6 7.63 -4.58 12.87
C VAL A 6 6.27 -4.76 13.55
N LEU A 7 5.26 -5.09 12.76
CA LEU A 7 3.87 -5.19 13.18
C LEU A 7 3.10 -5.82 12.03
N SER A 8 3.24 -5.18 10.85
CA SER A 8 2.55 -5.41 9.60
C SER A 8 2.18 -6.84 9.27
N ALA A 9 2.94 -7.84 9.73
CA ALA A 9 2.60 -9.24 9.61
C ALA A 9 1.16 -9.53 10.05
N ASP A 10 0.78 -9.04 11.23
CA ASP A 10 -0.57 -9.26 11.74
C ASP A 10 -1.58 -8.58 10.81
N ASP A 11 -1.23 -7.37 10.38
CA ASP A 11 -2.12 -6.50 9.63
C ASP A 11 -2.36 -7.11 8.26
N ILE A 12 -1.33 -7.62 7.59
CA ILE A 12 -1.52 -8.33 6.35
C ILE A 12 -2.38 -9.57 6.54
N ALA A 13 -2.24 -10.30 7.65
CA ALA A 13 -3.11 -11.43 7.93
C ALA A 13 -4.57 -10.99 7.96
N ALA A 14 -4.87 -9.87 8.62
CA ALA A 14 -6.20 -9.28 8.59
C ALA A 14 -6.61 -8.93 7.15
N ALA A 15 -5.79 -8.12 6.47
CA ALA A 15 -6.05 -7.61 5.14
C ALA A 15 -6.35 -8.74 4.16
N LEU A 16 -5.55 -9.80 4.24
CA LEU A 16 -5.69 -11.01 3.44
C LEU A 16 -7.11 -11.55 3.51
N GLN A 17 -7.74 -11.49 4.69
CA GLN A 17 -9.07 -12.03 4.88
C GLN A 17 -10.13 -10.98 4.56
N GLU A 18 -9.95 -9.73 5.01
CA GLU A 18 -10.94 -8.68 4.84
C GLU A 18 -11.06 -8.27 3.36
N CYS A 19 -9.95 -8.29 2.64
CA CYS A 19 -9.86 -8.03 1.21
C CYS A 19 -9.58 -9.34 0.46
N ARG A 20 -10.39 -10.36 0.73
CA ARG A 20 -10.29 -11.67 0.10
C ARG A 20 -11.17 -11.72 -1.14
N ASP A 21 -12.40 -11.25 -0.98
CA ASP A 21 -13.42 -11.17 -2.03
C ASP A 21 -12.94 -10.22 -3.13
N PRO A 22 -13.32 -10.44 -4.40
CA PRO A 22 -12.83 -9.65 -5.51
C PRO A 22 -13.36 -8.21 -5.44
N ASP A 23 -12.48 -7.26 -5.74
CA ASP A 23 -12.77 -5.85 -5.93
C ASP A 23 -13.29 -5.19 -4.63
N THR A 24 -12.92 -5.74 -3.46
CA THR A 24 -13.32 -5.24 -2.15
C THR A 24 -12.31 -4.24 -1.59
N PHE A 25 -11.11 -4.17 -2.18
CA PHE A 25 -10.07 -3.25 -1.74
C PHE A 25 -10.56 -1.81 -1.70
N GLU A 26 -10.52 -1.18 -0.52
CA GLU A 26 -10.74 0.24 -0.30
C GLU A 26 -9.47 0.88 0.30
N PRO A 27 -9.27 2.20 0.11
CA PRO A 27 -8.08 2.91 0.55
C PRO A 27 -7.98 2.96 2.08
N GLN A 28 -8.67 3.91 2.73
CA GLN A 28 -8.60 4.13 4.18
C GLN A 28 -8.79 2.82 4.94
N LYS A 29 -9.79 2.05 4.52
CA LYS A 29 -10.00 0.65 4.91
C LYS A 29 -8.64 -0.08 4.97
N PHE A 30 -8.00 -0.27 3.82
CA PHE A 30 -6.78 -1.04 3.75
C PHE A 30 -5.63 -0.36 4.51
N PHE A 31 -5.54 0.97 4.46
CA PHE A 31 -4.50 1.70 5.18
C PHE A 31 -4.57 1.40 6.68
N GLN A 32 -5.77 1.35 7.25
CA GLN A 32 -5.94 0.95 8.64
C GLN A 32 -5.64 -0.53 8.76
N THR A 33 -6.29 -1.37 7.95
CA THR A 33 -6.27 -2.80 8.11
C THR A 33 -4.86 -3.37 7.93
N SER A 34 -4.02 -2.67 7.15
CA SER A 34 -2.64 -3.02 6.87
C SER A 34 -1.67 -2.34 7.85
N GLY A 35 -2.18 -1.55 8.80
CA GLY A 35 -1.40 -0.99 9.90
C GLY A 35 -0.80 0.36 9.52
N LEU A 36 -0.86 0.69 8.23
CA LEU A 36 -0.14 1.79 7.65
C LEU A 36 -0.62 3.13 8.19
N SER A 37 -1.92 3.29 8.44
CA SER A 37 -2.43 4.50 9.08
C SER A 37 -2.02 4.60 10.55
N LYS A 38 -1.67 3.47 11.16
CA LYS A 38 -1.28 3.41 12.56
C LYS A 38 0.21 3.71 12.67
N MET A 39 0.98 3.20 11.71
CA MET A 39 2.37 3.58 11.56
C MET A 39 2.47 5.09 11.34
N SER A 40 3.36 5.74 12.10
CA SER A 40 3.56 7.17 11.98
C SER A 40 4.21 7.47 10.62
N ALA A 41 4.07 8.70 10.15
CA ALA A 41 4.65 9.18 8.90
C ALA A 41 6.09 8.69 8.71
N ASN A 42 6.90 8.72 9.77
CA ASN A 42 8.26 8.18 9.77
C ASN A 42 8.28 6.74 9.27
N GLN A 43 7.50 5.85 9.88
CA GLN A 43 7.49 4.45 9.51
C GLN A 43 6.87 4.27 8.13
N VAL A 44 5.80 5.01 7.81
CA VAL A 44 5.24 4.93 6.46
C VAL A 44 6.33 5.31 5.43
N LYS A 45 7.12 6.35 5.73
CA LYS A 45 8.24 6.76 4.90
C LYS A 45 9.31 5.67 4.84
N ASP A 46 9.60 5.00 5.95
CA ASP A 46 10.51 3.85 5.95
C ASP A 46 10.00 2.76 4.99
N VAL A 47 8.83 2.18 5.29
CA VAL A 47 8.29 1.07 4.51
C VAL A 47 8.23 1.46 3.02
N PHE A 48 7.73 2.67 2.74
CA PHE A 48 7.73 3.28 1.43
C PHE A 48 9.03 3.05 0.65
N ARG A 49 10.20 3.21 1.28
CA ARG A 49 11.48 3.04 0.59
C ARG A 49 11.62 1.64 -0.02
N PHE A 50 11.00 0.64 0.60
CA PHE A 50 11.08 -0.74 0.16
C PHE A 50 10.11 -0.95 -1.02
N ILE A 51 8.93 -0.32 -0.97
CA ILE A 51 7.99 -0.22 -2.09
C ILE A 51 8.65 0.65 -3.20
N ASP A 52 8.01 0.82 -4.37
CA ASP A 52 8.51 1.51 -5.57
C ASP A 52 9.57 0.68 -6.29
N ASN A 53 10.58 0.21 -5.55
CA ASN A 53 11.63 -0.68 -6.03
C ASN A 53 12.69 0.06 -6.85
N ASP A 54 12.29 0.98 -7.74
CA ASP A 54 13.23 1.94 -8.33
C ASP A 54 14.04 2.56 -7.20
N GLN A 55 13.32 3.07 -6.20
CA GLN A 55 13.74 3.98 -5.14
C GLN A 55 13.49 5.45 -5.56
N SER A 56 13.00 5.64 -6.79
CA SER A 56 12.48 6.88 -7.34
C SER A 56 11.52 7.56 -6.36
N GLY A 57 10.66 6.76 -5.72
CA GLY A 57 9.63 7.24 -4.83
C GLY A 57 8.33 7.58 -5.57
N TYR A 58 8.37 7.69 -6.90
CA TYR A 58 7.16 7.70 -7.72
C TYR A 58 6.69 6.26 -7.81
N LEU A 59 5.68 5.90 -7.02
CA LEU A 59 4.89 4.70 -7.25
C LEU A 59 4.09 4.96 -8.51
N ASP A 60 4.71 4.63 -9.64
CA ASP A 60 4.09 4.53 -10.94
C ASP A 60 3.11 3.35 -10.94
N GLU A 61 2.05 3.39 -11.75
CA GLU A 61 0.97 2.41 -11.74
C GLU A 61 1.48 0.96 -11.69
N GLU A 62 2.36 0.59 -12.62
CA GLU A 62 2.94 -0.74 -12.72
C GLU A 62 3.63 -1.17 -11.40
N GLU A 63 4.15 -0.24 -10.59
CA GLU A 63 4.75 -0.62 -9.33
C GLU A 63 3.70 -0.99 -8.29
N LEU A 64 2.51 -0.39 -8.40
CA LEU A 64 1.40 -0.78 -7.57
C LEU A 64 0.95 -2.21 -7.90
N LYS A 65 1.28 -2.72 -9.10
CA LYS A 65 1.13 -4.13 -9.43
C LYS A 65 2.03 -5.03 -8.56
N PHE A 66 2.92 -4.47 -7.72
CA PHE A 66 3.62 -5.25 -6.72
C PHE A 66 3.65 -4.55 -5.35
N PHE A 67 2.63 -3.77 -5.02
CA PHE A 67 2.54 -3.02 -3.77
C PHE A 67 2.82 -3.90 -2.54
N LEU A 68 1.91 -4.81 -2.19
CA LEU A 68 2.07 -5.70 -1.04
C LEU A 68 3.01 -6.86 -1.35
N GLN A 69 3.22 -7.15 -2.63
CA GLN A 69 4.16 -8.16 -3.11
C GLN A 69 5.60 -7.83 -2.69
N LYS A 70 5.84 -6.61 -2.19
CA LYS A 70 7.10 -6.28 -1.57
C LYS A 70 7.32 -7.04 -0.26
N PHE A 71 6.23 -7.29 0.47
CA PHE A 71 6.26 -8.03 1.72
C PHE A 71 6.05 -9.51 1.39
N GLU A 72 4.88 -9.82 0.83
CA GLU A 72 4.40 -11.18 0.61
C GLU A 72 4.57 -11.54 -0.87
N SER A 73 4.13 -12.71 -1.32
CA SER A 73 4.29 -13.16 -2.70
C SER A 73 2.97 -13.55 -3.38
N GLY A 74 1.90 -13.75 -2.62
CA GLY A 74 0.60 -14.20 -3.10
C GLY A 74 -0.53 -13.34 -2.54
N ALA A 75 -0.27 -12.02 -2.47
CA ALA A 75 -1.25 -11.01 -2.08
C ALA A 75 -2.24 -10.77 -3.24
N ARG A 76 -2.55 -9.51 -3.56
CA ARG A 76 -3.65 -9.16 -4.46
C ARG A 76 -3.20 -8.29 -5.65
N GLU A 77 -1.93 -7.89 -5.69
CA GLU A 77 -1.45 -6.81 -6.53
C GLU A 77 -1.74 -7.03 -8.03
N LEU A 78 -1.92 -8.28 -8.40
CA LEU A 78 -2.35 -8.71 -9.73
C LEU A 78 -3.68 -8.05 -10.14
N THR A 79 -4.64 -7.96 -9.22
CA THR A 79 -5.97 -7.43 -9.55
C THR A 79 -5.89 -5.93 -9.75
N GLU A 80 -5.90 -5.54 -11.02
CA GLU A 80 -5.83 -4.16 -11.45
C GLU A 80 -6.87 -3.30 -10.76
N SER A 81 -8.11 -3.76 -10.61
CA SER A 81 -9.15 -3.02 -9.91
C SER A 81 -8.74 -2.68 -8.47
N GLU A 82 -8.11 -3.63 -7.78
CA GLU A 82 -7.82 -3.48 -6.37
C GLU A 82 -6.58 -2.60 -6.21
N THR A 83 -5.56 -2.87 -7.02
CA THR A 83 -4.44 -1.97 -7.18
C THR A 83 -4.94 -0.53 -7.42
N LYS A 84 -5.78 -0.36 -8.44
CA LYS A 84 -6.20 0.96 -8.87
C LYS A 84 -7.14 1.60 -7.86
N SER A 85 -7.83 0.82 -7.01
CA SER A 85 -8.55 1.40 -5.87
C SER A 85 -7.57 2.14 -4.96
N LEU A 86 -6.46 1.47 -4.59
CA LEU A 86 -5.41 2.16 -3.83
C LEU A 86 -4.92 3.37 -4.62
N MET A 87 -4.49 3.15 -5.87
CA MET A 87 -4.02 4.24 -6.72
C MET A 87 -5.00 5.43 -6.71
N ALA A 88 -6.26 5.16 -6.99
CA ALA A 88 -7.31 6.13 -7.25
C ALA A 88 -7.45 7.14 -6.12
N ALA A 89 -7.35 6.67 -4.88
CA ALA A 89 -7.48 7.53 -3.71
C ALA A 89 -6.13 8.07 -3.25
N ALA A 90 -5.08 7.23 -3.26
CA ALA A 90 -3.74 7.69 -2.90
C ALA A 90 -3.31 8.84 -3.81
N ASP A 91 -3.62 8.74 -5.09
CA ASP A 91 -3.35 9.83 -6.01
C ASP A 91 -4.30 10.98 -5.69
N ASN A 92 -3.74 12.14 -5.36
CA ASN A 92 -4.53 13.32 -5.01
C ASN A 92 -4.50 14.36 -6.13
N ASP A 93 -4.00 13.98 -7.32
CA ASP A 93 -3.96 14.87 -8.49
C ASP A 93 -5.15 14.59 -9.40
N GLY A 94 -5.48 13.30 -9.56
CA GLY A 94 -6.21 12.77 -10.69
C GLY A 94 -5.21 12.44 -11.80
N ASP A 95 -4.03 11.90 -11.44
CA ASP A 95 -2.98 11.55 -12.41
C ASP A 95 -2.66 10.06 -12.35
N GLY A 96 -2.24 9.54 -11.19
CA GLY A 96 -1.93 8.14 -10.98
C GLY A 96 -0.52 7.96 -10.39
N LYS A 97 0.45 8.77 -10.82
CA LYS A 97 1.78 8.79 -10.25
C LYS A 97 1.65 9.18 -8.77
N ILE A 98 2.04 8.30 -7.84
CA ILE A 98 1.93 8.58 -6.42
C ILE A 98 3.32 8.79 -5.84
N GLY A 99 3.61 10.01 -5.38
CA GLY A 99 4.81 10.28 -4.64
C GLY A 99 4.70 9.76 -3.20
N ALA A 100 5.82 9.78 -2.47
CA ALA A 100 5.82 9.46 -1.04
C ALA A 100 4.84 10.35 -0.31
N GLU A 101 4.84 11.64 -0.68
CA GLU A 101 4.02 12.66 -0.05
C GLU A 101 2.55 12.25 -0.20
N GLU A 102 2.03 12.18 -1.44
CA GLU A 102 0.70 11.66 -1.74
C GLU A 102 0.36 10.41 -0.92
N PHE A 103 1.25 9.41 -0.98
CA PHE A 103 0.99 8.15 -0.29
C PHE A 103 0.83 8.38 1.21
N GLN A 104 1.84 8.99 1.83
CA GLN A 104 1.91 9.22 3.26
C GLN A 104 0.76 10.11 3.72
N GLU A 105 0.37 11.12 2.94
CA GLU A 105 -0.82 11.91 3.23
C GLU A 105 -2.03 10.98 3.37
N MET A 106 -2.37 10.27 2.30
CA MET A 106 -3.60 9.50 2.28
C MET A 106 -3.57 8.38 3.33
N VAL A 107 -2.41 7.76 3.52
CA VAL A 107 -2.21 6.77 4.57
C VAL A 107 -2.38 7.40 5.96
N HIS A 108 -1.76 8.55 6.20
CA HIS A 108 -1.72 9.18 7.51
C HIS A 108 -3.12 9.69 7.90
N SER A 109 -3.90 10.07 6.87
CA SER A 109 -5.27 10.53 6.98
C SER A 109 -6.10 9.67 7.94
CA CA B . -0.28 12.05 -8.18
CA CA C . 8.80 4.22 -9.75
N MET A 1 10.51 -9.51 6.48
CA MET A 1 11.86 -9.24 7.01
C MET A 1 12.21 -7.75 7.05
N SER A 2 11.27 -6.89 7.43
CA SER A 2 11.45 -5.44 7.57
C SER A 2 10.17 -4.86 8.16
N ILE A 3 9.05 -5.12 7.47
CA ILE A 3 7.75 -4.65 7.91
C ILE A 3 7.04 -5.69 8.76
N THR A 4 7.21 -6.95 8.37
CA THR A 4 6.60 -8.08 9.02
C THR A 4 7.02 -8.09 10.49
N ASP A 5 8.34 -8.11 10.69
CA ASP A 5 9.03 -8.34 11.95
C ASP A 5 9.08 -7.06 12.80
N VAL A 6 7.94 -6.37 12.88
CA VAL A 6 7.73 -5.11 13.58
C VAL A 6 6.33 -5.15 14.19
N LEU A 7 5.33 -5.35 13.34
CA LEU A 7 3.91 -5.36 13.68
C LEU A 7 3.18 -5.96 12.48
N SER A 8 3.42 -5.32 11.33
CA SER A 8 2.67 -5.44 10.08
C SER A 8 2.35 -6.87 9.65
N ALA A 9 3.10 -7.88 10.09
CA ALA A 9 2.75 -9.29 9.88
C ALA A 9 1.29 -9.57 10.29
N ASP A 10 0.91 -9.10 11.48
CA ASP A 10 -0.43 -9.31 11.99
C ASP A 10 -1.45 -8.60 11.09
N ASP A 11 -1.09 -7.41 10.63
CA ASP A 11 -1.96 -6.54 9.87
C ASP A 11 -2.16 -7.09 8.47
N ILE A 12 -1.09 -7.58 7.81
CA ILE A 12 -1.24 -8.25 6.54
C ILE A 12 -2.09 -9.51 6.71
N ALA A 13 -1.91 -10.28 7.78
CA ALA A 13 -2.80 -11.41 8.06
C ALA A 13 -4.26 -10.96 8.13
N ALA A 14 -4.56 -9.86 8.84
CA ALA A 14 -5.90 -9.29 8.85
C ALA A 14 -6.36 -8.95 7.42
N ALA A 15 -5.61 -8.08 6.74
CA ALA A 15 -5.84 -7.63 5.37
C ALA A 15 -6.16 -8.81 4.45
N LEU A 16 -5.40 -9.90 4.60
CA LEU A 16 -5.50 -11.08 3.77
C LEU A 16 -6.90 -11.68 3.87
N GLN A 17 -7.46 -11.71 5.09
CA GLN A 17 -8.72 -12.40 5.33
C GLN A 17 -9.88 -11.44 5.08
N GLU A 18 -9.75 -10.18 5.49
CA GLU A 18 -10.80 -9.20 5.30
C GLU A 18 -10.96 -8.90 3.81
N CYS A 19 -9.84 -8.62 3.13
CA CYS A 19 -9.81 -8.30 1.71
C CYS A 19 -9.73 -9.60 0.91
N ARG A 20 -10.56 -10.58 1.26
CA ARG A 20 -10.54 -11.89 0.64
C ARG A 20 -11.42 -11.85 -0.59
N ASP A 21 -12.68 -11.47 -0.43
CA ASP A 21 -13.62 -11.31 -1.52
C ASP A 21 -13.04 -10.35 -2.56
N PRO A 22 -13.05 -10.70 -3.86
CA PRO A 22 -12.39 -9.88 -4.87
C PRO A 22 -13.04 -8.51 -4.95
N ASP A 23 -12.25 -7.51 -5.33
CA ASP A 23 -12.66 -6.13 -5.59
C ASP A 23 -13.13 -5.39 -4.32
N THR A 24 -13.06 -6.01 -3.13
CA THR A 24 -13.55 -5.42 -1.87
C THR A 24 -12.58 -4.36 -1.32
N PHE A 25 -11.40 -4.25 -1.91
CA PHE A 25 -10.33 -3.40 -1.40
C PHE A 25 -10.68 -1.90 -1.51
N GLU A 26 -10.85 -1.25 -0.36
CA GLU A 26 -10.91 0.21 -0.22
C GLU A 26 -9.58 0.76 0.33
N PRO A 27 -9.28 2.06 0.07
CA PRO A 27 -8.01 2.69 0.42
C PRO A 27 -7.85 2.88 1.93
N GLN A 28 -8.60 3.82 2.54
CA GLN A 28 -8.52 4.11 3.97
C GLN A 28 -8.69 2.84 4.80
N LYS A 29 -9.69 2.05 4.42
CA LYS A 29 -9.93 0.71 4.91
C LYS A 29 -8.59 -0.04 4.92
N PHE A 30 -8.02 -0.32 3.73
CA PHE A 30 -6.73 -0.99 3.63
C PHE A 30 -5.68 -0.36 4.54
N PHE A 31 -5.45 0.96 4.47
CA PHE A 31 -4.42 1.64 5.25
C PHE A 31 -4.52 1.30 6.73
N GLN A 32 -5.72 1.35 7.30
CA GLN A 32 -5.88 1.02 8.70
C GLN A 32 -5.70 -0.48 8.93
N THR A 33 -6.29 -1.31 8.06
CA THR A 33 -6.23 -2.77 8.19
C THR A 33 -4.79 -3.27 8.11
N SER A 34 -3.96 -2.65 7.28
CA SER A 34 -2.56 -3.00 7.10
C SER A 34 -1.69 -2.35 8.18
N GLY A 35 -2.31 -1.59 9.10
CA GLY A 35 -1.62 -0.99 10.22
C GLY A 35 -0.94 0.31 9.79
N LEU A 36 -0.91 0.60 8.50
CA LEU A 36 -0.20 1.72 7.91
C LEU A 36 -0.71 3.04 8.50
N SER A 37 -2.02 3.17 8.74
CA SER A 37 -2.53 4.39 9.37
C SER A 37 -2.16 4.49 10.84
N LYS A 38 -1.86 3.36 11.48
CA LYS A 38 -1.46 3.35 12.88
C LYS A 38 0.04 3.64 12.98
N MET A 39 0.81 3.13 12.02
CA MET A 39 2.21 3.44 11.88
C MET A 39 2.41 4.94 11.69
N SER A 40 3.39 5.50 12.41
CA SER A 40 3.78 6.88 12.23
C SER A 40 4.32 7.11 10.82
N ALA A 41 4.17 8.34 10.34
CA ALA A 41 4.73 8.85 9.08
C ALA A 41 6.15 8.33 8.85
N ASN A 42 6.96 8.29 9.90
CA ASN A 42 8.32 7.74 9.89
C ASN A 42 8.35 6.33 9.30
N GLN A 43 7.56 5.43 9.89
CA GLN A 43 7.55 4.01 9.53
C GLN A 43 6.87 3.86 8.18
N VAL A 44 5.80 4.61 7.91
CA VAL A 44 5.13 4.61 6.62
C VAL A 44 6.13 5.01 5.53
N LYS A 45 6.89 6.09 5.74
CA LYS A 45 7.96 6.48 4.85
C LYS A 45 8.94 5.33 4.66
N ASP A 46 9.40 4.71 5.74
CA ASP A 46 10.34 3.61 5.63
C ASP A 46 9.76 2.48 4.75
N VAL A 47 8.55 2.01 5.04
CA VAL A 47 7.93 0.98 4.22
C VAL A 47 7.90 1.40 2.75
N PHE A 48 7.55 2.67 2.46
CA PHE A 48 7.60 3.21 1.10
C PHE A 48 8.96 3.02 0.44
N ARG A 49 10.08 3.11 1.18
CA ARG A 49 11.38 2.83 0.59
C ARG A 49 11.43 1.38 0.09
N PHE A 50 10.86 0.46 0.86
CA PHE A 50 10.76 -0.94 0.47
C PHE A 50 9.87 -1.06 -0.78
N ILE A 51 8.74 -0.35 -0.78
CA ILE A 51 7.84 -0.34 -1.93
C ILE A 51 8.57 0.14 -3.19
N ASP A 52 9.18 1.33 -3.14
CA ASP A 52 9.80 1.98 -4.29
C ASP A 52 11.13 1.31 -4.61
N ASN A 53 11.05 0.04 -5.01
CA ASN A 53 12.19 -0.85 -5.26
C ASN A 53 13.17 -0.26 -6.28
N ASP A 54 12.64 0.50 -7.23
CA ASP A 54 13.38 1.25 -8.24
C ASP A 54 14.04 2.51 -7.65
N GLN A 55 13.45 3.09 -6.60
CA GLN A 55 13.86 4.36 -6.01
C GLN A 55 13.84 5.48 -7.05
N SER A 56 12.65 5.72 -7.61
CA SER A 56 12.39 6.82 -8.53
C SER A 56 11.96 8.08 -7.77
N GLY A 57 11.04 7.92 -6.82
CA GLY A 57 10.29 9.01 -6.22
C GLY A 57 8.80 8.92 -6.57
N TYR A 58 8.45 8.17 -7.62
CA TYR A 58 7.07 7.96 -8.05
C TYR A 58 6.71 6.48 -7.97
N LEU A 59 5.46 6.22 -7.58
CA LEU A 59 4.88 4.89 -7.58
C LEU A 59 3.92 4.77 -8.77
N ASP A 60 4.49 4.72 -9.96
CA ASP A 60 3.80 4.54 -11.23
C ASP A 60 2.95 3.25 -11.23
N GLU A 61 1.94 3.18 -12.11
CA GLU A 61 0.98 2.07 -12.20
C GLU A 61 1.63 0.69 -12.08
N GLU A 62 2.58 0.39 -12.97
CA GLU A 62 3.26 -0.90 -12.98
C GLU A 62 4.02 -1.16 -11.67
N GLU A 63 4.43 -0.11 -10.97
CA GLU A 63 5.07 -0.29 -9.68
C GLU A 63 4.03 -0.75 -8.66
N LEU A 64 2.82 -0.15 -8.73
CA LEU A 64 1.68 -0.59 -7.93
C LEU A 64 1.42 -2.09 -8.14
N LYS A 65 1.54 -2.56 -9.39
CA LYS A 65 1.43 -3.98 -9.75
C LYS A 65 2.38 -4.87 -8.93
N PHE A 66 3.39 -4.31 -8.27
CA PHE A 66 4.19 -5.00 -7.27
C PHE A 66 4.35 -4.14 -6.02
N PHE A 67 3.24 -3.65 -5.45
CA PHE A 67 3.21 -2.91 -4.19
C PHE A 67 3.31 -3.89 -3.01
N LEU A 68 2.24 -4.60 -2.68
CA LEU A 68 2.22 -5.50 -1.53
C LEU A 68 2.96 -6.83 -1.81
N GLN A 69 3.36 -7.07 -3.06
CA GLN A 69 4.16 -8.23 -3.46
C GLN A 69 5.35 -8.42 -2.52
N LYS A 70 6.11 -7.34 -2.28
CA LYS A 70 7.30 -7.39 -1.44
C LYS A 70 6.99 -7.80 0.01
N PHE A 71 5.72 -7.83 0.40
CA PHE A 71 5.29 -8.22 1.73
C PHE A 71 4.76 -9.66 1.72
N GLU A 72 3.72 -9.94 0.93
CA GLU A 72 3.00 -11.22 0.99
C GLU A 72 3.42 -12.17 -0.15
N SER A 73 3.95 -11.65 -1.26
CA SER A 73 4.29 -12.39 -2.48
C SER A 73 3.02 -12.74 -3.27
N GLY A 74 2.03 -13.32 -2.60
CA GLY A 74 0.76 -13.69 -3.21
C GLY A 74 -0.32 -12.66 -2.90
N ALA A 75 0.03 -11.37 -2.95
CA ALA A 75 -0.91 -10.30 -2.68
C ALA A 75 -1.78 -9.99 -3.90
N ARG A 76 -2.57 -8.92 -3.82
CA ARG A 76 -3.64 -8.65 -4.77
C ARG A 76 -3.15 -7.86 -5.98
N GLU A 77 -1.90 -7.40 -5.97
CA GLU A 77 -1.37 -6.37 -6.85
C GLU A 77 -1.70 -6.61 -8.33
N LEU A 78 -1.70 -7.88 -8.72
CA LEU A 78 -2.11 -8.33 -10.04
C LEU A 78 -3.50 -7.78 -10.44
N THR A 79 -4.48 -7.83 -9.52
CA THR A 79 -5.82 -7.33 -9.77
C THR A 79 -5.78 -5.82 -9.98
N GLU A 80 -5.99 -5.45 -11.24
CA GLU A 80 -5.98 -4.07 -11.66
C GLU A 80 -7.04 -3.27 -10.88
N SER A 81 -8.24 -3.83 -10.67
CA SER A 81 -9.28 -3.18 -9.89
C SER A 81 -8.73 -2.66 -8.57
N GLU A 82 -8.19 -3.55 -7.75
CA GLU A 82 -7.85 -3.29 -6.36
C GLU A 82 -6.64 -2.37 -6.31
N THR A 83 -5.65 -2.65 -7.16
CA THR A 83 -4.56 -1.71 -7.39
C THR A 83 -5.11 -0.30 -7.65
N LYS A 84 -6.03 -0.21 -8.62
CA LYS A 84 -6.57 1.06 -9.08
C LYS A 84 -7.44 1.71 -8.00
N SER A 85 -8.14 0.95 -7.16
CA SER A 85 -8.82 1.48 -5.99
C SER A 85 -7.84 2.19 -5.06
N LEU A 86 -6.65 1.61 -4.84
CA LEU A 86 -5.60 2.33 -4.10
C LEU A 86 -5.25 3.59 -4.89
N MET A 87 -4.72 3.39 -6.11
CA MET A 87 -4.20 4.47 -6.92
C MET A 87 -5.17 5.66 -7.01
N ALA A 88 -6.43 5.37 -7.32
CA ALA A 88 -7.52 6.32 -7.49
C ALA A 88 -7.61 7.30 -6.31
N ALA A 89 -7.53 6.79 -5.08
CA ALA A 89 -7.65 7.62 -3.90
C ALA A 89 -6.31 8.28 -3.56
N ALA A 90 -5.26 7.47 -3.51
CA ALA A 90 -3.92 7.94 -3.18
C ALA A 90 -3.49 9.09 -4.08
N ASP A 91 -3.78 8.98 -5.38
CA ASP A 91 -3.44 10.03 -6.32
C ASP A 91 -4.38 11.20 -6.16
N ASN A 92 -4.10 12.07 -5.18
CA ASN A 92 -4.87 13.29 -4.96
C ASN A 92 -4.49 14.38 -5.97
N ASP A 93 -4.47 14.02 -7.26
CA ASP A 93 -4.17 14.89 -8.40
C ASP A 93 -5.16 14.60 -9.52
N GLY A 94 -5.16 13.35 -10.00
CA GLY A 94 -5.72 12.95 -11.28
C GLY A 94 -4.61 12.75 -12.31
N ASP A 95 -3.51 12.10 -11.90
CA ASP A 95 -2.40 11.69 -12.76
C ASP A 95 -2.20 10.17 -12.65
N GLY A 96 -1.91 9.64 -11.46
CA GLY A 96 -1.69 8.22 -11.20
C GLY A 96 -0.28 7.96 -10.67
N LYS A 97 0.67 8.85 -10.96
CA LYS A 97 1.99 8.83 -10.38
C LYS A 97 1.89 9.43 -8.98
N ILE A 98 1.92 8.55 -7.98
CA ILE A 98 1.75 8.92 -6.59
C ILE A 98 3.15 9.12 -5.99
N GLY A 99 3.42 10.34 -5.52
CA GLY A 99 4.63 10.61 -4.75
C GLY A 99 4.55 10.02 -3.33
N ALA A 100 5.68 9.98 -2.63
CA ALA A 100 5.72 9.47 -1.27
C ALA A 100 4.83 10.33 -0.37
N GLU A 101 4.81 11.64 -0.61
CA GLU A 101 3.96 12.56 0.11
C GLU A 101 2.48 12.22 -0.13
N GLU A 102 2.04 12.17 -1.39
CA GLU A 102 0.69 11.74 -1.77
C GLU A 102 0.31 10.47 -0.97
N PHE A 103 1.19 9.48 -0.98
CA PHE A 103 0.98 8.24 -0.23
C PHE A 103 0.87 8.47 1.29
N GLN A 104 1.86 9.13 1.90
CA GLN A 104 1.90 9.40 3.33
C GLN A 104 0.61 10.10 3.75
N GLU A 105 0.20 11.15 3.04
CA GLU A 105 -1.06 11.86 3.28
C GLU A 105 -2.20 10.86 3.39
N MET A 106 -2.42 10.07 2.33
CA MET A 106 -3.55 9.15 2.31
C MET A 106 -3.47 8.13 3.45
N VAL A 107 -2.30 7.52 3.63
CA VAL A 107 -2.08 6.56 4.70
C VAL A 107 -2.33 7.17 6.07
N HIS A 108 -1.81 8.38 6.28
CA HIS A 108 -1.81 9.09 7.55
C HIS A 108 -3.24 9.38 8.00
N SER A 109 -4.13 9.54 7.02
CA SER A 109 -5.53 9.88 7.23
C SER A 109 -6.20 8.91 8.20
CA CA B . -0.01 12.25 -8.35
CA CA C . 9.30 4.06 -7.87
N MET A 1 13.54 -8.34 8.79
CA MET A 1 14.32 -7.48 7.87
C MET A 1 13.75 -6.06 7.72
N SER A 2 12.46 -5.94 7.39
CA SER A 2 11.84 -4.65 7.11
C SER A 2 10.48 -4.57 7.79
N ILE A 3 9.41 -5.01 7.12
CA ILE A 3 8.04 -4.91 7.62
C ILE A 3 7.55 -6.27 8.09
N THR A 4 8.13 -7.35 7.54
CA THR A 4 7.76 -8.72 7.76
C THR A 4 8.20 -9.20 9.14
N ASP A 5 8.68 -8.29 9.99
CA ASP A 5 9.54 -8.54 11.13
C ASP A 5 9.57 -7.23 11.92
N VAL A 6 8.38 -6.64 12.11
CA VAL A 6 8.22 -5.40 12.84
C VAL A 6 6.86 -5.36 13.55
N LEU A 7 5.79 -5.65 12.81
CA LEU A 7 4.40 -5.53 13.24
C LEU A 7 3.55 -5.92 12.03
N SER A 8 3.79 -5.21 10.93
CA SER A 8 3.03 -5.26 9.69
C SER A 8 2.68 -6.66 9.20
N ALA A 9 3.51 -7.67 9.43
CA ALA A 9 3.18 -9.05 9.08
C ALA A 9 1.79 -9.49 9.58
N ASP A 10 1.45 -9.15 10.83
CA ASP A 10 0.15 -9.52 11.38
C ASP A 10 -0.95 -8.66 10.73
N ASP A 11 -0.65 -7.39 10.52
CA ASP A 11 -1.56 -6.42 9.95
C ASP A 11 -1.97 -6.84 8.53
N ILE A 12 -0.98 -7.25 7.72
CA ILE A 12 -1.26 -7.72 6.40
C ILE A 12 -2.14 -8.96 6.46
N ALA A 13 -1.89 -9.90 7.38
CA ALA A 13 -2.76 -11.06 7.55
C ALA A 13 -4.22 -10.62 7.73
N ALA A 14 -4.47 -9.64 8.61
CA ALA A 14 -5.80 -9.05 8.74
C ALA A 14 -6.33 -8.55 7.39
N ALA A 15 -5.63 -7.61 6.76
CA ALA A 15 -6.05 -7.02 5.49
C ALA A 15 -6.39 -8.08 4.45
N LEU A 16 -5.47 -9.04 4.31
CA LEU A 16 -5.56 -10.17 3.39
C LEU A 16 -6.93 -10.84 3.54
N GLN A 17 -7.33 -11.14 4.78
CA GLN A 17 -8.56 -11.89 4.98
C GLN A 17 -9.76 -10.93 4.86
N GLU A 18 -9.68 -9.78 5.51
CA GLU A 18 -10.70 -8.75 5.49
C GLU A 18 -11.17 -8.49 4.06
N CYS A 19 -10.23 -8.28 3.12
CA CYS A 19 -10.56 -7.98 1.74
C CYS A 19 -10.27 -9.20 0.85
N ARG A 20 -10.72 -10.39 1.27
CA ARG A 20 -10.47 -11.60 0.48
C ARG A 20 -11.26 -11.50 -0.82
N ASP A 21 -12.50 -11.05 -0.69
CA ASP A 21 -13.50 -10.99 -1.73
C ASP A 21 -13.08 -9.96 -2.79
N PRO A 22 -13.19 -10.27 -4.09
CA PRO A 22 -12.64 -9.43 -5.15
C PRO A 22 -13.32 -8.05 -5.19
N ASP A 23 -12.56 -7.03 -5.59
CA ASP A 23 -12.95 -5.63 -5.74
C ASP A 23 -13.23 -4.92 -4.40
N THR A 24 -13.10 -5.61 -3.26
CA THR A 24 -13.43 -5.11 -1.94
C THR A 24 -12.37 -4.17 -1.35
N PHE A 25 -11.14 -4.23 -1.84
CA PHE A 25 -10.02 -3.61 -1.13
C PHE A 25 -10.03 -2.08 -1.29
N GLU A 26 -10.68 -1.38 -0.36
CA GLU A 26 -10.69 0.07 -0.32
C GLU A 26 -9.37 0.60 0.25
N PRO A 27 -9.00 1.84 -0.09
CA PRO A 27 -7.75 2.44 0.32
C PRO A 27 -7.74 2.78 1.81
N GLN A 28 -8.55 3.75 2.24
CA GLN A 28 -8.63 4.15 3.65
C GLN A 28 -8.90 2.92 4.54
N LYS A 29 -9.86 2.08 4.10
CA LYS A 29 -10.10 0.77 4.67
C LYS A 29 -8.77 0.04 4.92
N PHE A 30 -8.01 -0.23 3.86
CA PHE A 30 -6.72 -0.90 3.96
C PHE A 30 -5.79 -0.20 4.96
N PHE A 31 -5.61 1.12 4.81
CA PHE A 31 -4.71 1.89 5.66
C PHE A 31 -5.08 1.76 7.14
N GLN A 32 -6.39 1.68 7.44
CA GLN A 32 -6.85 1.46 8.79
C GLN A 32 -6.57 0.02 9.19
N THR A 33 -7.10 -0.95 8.43
CA THR A 33 -7.06 -2.35 8.74
C THR A 33 -5.63 -2.81 8.99
N SER A 34 -4.68 -2.27 8.21
CA SER A 34 -3.29 -2.66 8.30
C SER A 34 -2.50 -1.84 9.32
N GLY A 35 -3.12 -0.90 10.06
CA GLY A 35 -2.44 -0.21 11.16
C GLY A 35 -1.47 0.87 10.68
N LEU A 36 -1.12 0.83 9.39
CA LEU A 36 -0.36 1.83 8.66
C LEU A 36 -0.86 3.25 8.95
N SER A 37 -2.16 3.43 9.15
CA SER A 37 -2.71 4.75 9.50
C SER A 37 -2.11 5.23 10.82
N LYS A 38 -1.92 4.31 11.77
CA LYS A 38 -1.46 4.64 13.11
C LYS A 38 0.06 4.64 13.19
N MET A 39 0.71 3.79 12.36
CA MET A 39 2.15 3.55 12.35
C MET A 39 2.98 4.78 12.76
N SER A 40 2.94 5.80 11.90
CA SER A 40 3.64 7.08 11.94
C SER A 40 4.18 7.33 10.54
N ALA A 41 4.16 8.60 10.13
CA ALA A 41 4.73 9.06 8.86
C ALA A 41 6.08 8.40 8.58
N ASN A 42 6.92 8.30 9.60
CA ASN A 42 8.27 7.75 9.49
C ASN A 42 8.22 6.33 8.96
N GLN A 43 7.49 5.46 9.68
CA GLN A 43 7.37 4.05 9.32
C GLN A 43 6.70 3.93 7.96
N VAL A 44 5.52 4.54 7.80
CA VAL A 44 4.80 4.53 6.54
C VAL A 44 5.74 4.94 5.37
N LYS A 45 6.51 6.00 5.53
CA LYS A 45 7.45 6.45 4.52
C LYS A 45 8.53 5.40 4.26
N ASP A 46 9.12 4.82 5.32
CA ASP A 46 10.09 3.75 5.17
C ASP A 46 9.51 2.59 4.36
N VAL A 47 8.33 2.08 4.77
CA VAL A 47 7.69 1.02 4.02
C VAL A 47 7.49 1.44 2.56
N PHE A 48 7.06 2.68 2.29
CA PHE A 48 6.94 3.13 0.91
C PHE A 48 8.28 3.10 0.17
N ARG A 49 9.39 3.47 0.83
CA ARG A 49 10.69 3.28 0.19
C ARG A 49 10.93 1.81 -0.14
N PHE A 50 10.59 0.90 0.78
CA PHE A 50 10.74 -0.52 0.51
C PHE A 50 9.92 -0.92 -0.73
N ILE A 51 8.67 -0.45 -0.83
CA ILE A 51 7.85 -0.67 -2.02
C ILE A 51 8.50 -0.10 -3.28
N ASP A 52 8.97 1.16 -3.27
CA ASP A 52 9.52 1.86 -4.44
C ASP A 52 10.87 1.23 -4.82
N ASN A 53 10.82 0.00 -5.32
CA ASN A 53 11.94 -0.92 -5.50
C ASN A 53 13.00 -0.36 -6.44
N ASP A 54 12.55 0.32 -7.50
CA ASP A 54 13.38 1.08 -8.43
C ASP A 54 13.96 2.33 -7.77
N GLN A 55 13.28 2.84 -6.73
CA GLN A 55 13.66 4.03 -5.99
C GLN A 55 13.61 5.32 -6.83
N SER A 56 12.65 5.43 -7.75
CA SER A 56 12.38 6.69 -8.43
C SER A 56 12.05 7.82 -7.44
N GLY A 57 11.42 7.50 -6.31
CA GLY A 57 10.77 8.47 -5.44
C GLY A 57 9.33 8.65 -5.91
N TYR A 58 8.69 7.56 -6.34
CA TYR A 58 7.33 7.53 -6.88
C TYR A 58 6.86 6.09 -6.91
N LEU A 59 5.61 5.90 -6.47
CA LEU A 59 4.86 4.68 -6.65
C LEU A 59 4.19 4.75 -8.01
N ASP A 60 4.99 4.50 -9.03
CA ASP A 60 4.53 4.45 -10.40
C ASP A 60 3.64 3.22 -10.63
N GLU A 61 2.79 3.27 -11.65
CA GLU A 61 1.71 2.32 -11.89
C GLU A 61 2.18 0.86 -11.89
N GLU A 62 3.21 0.56 -12.68
CA GLU A 62 3.68 -0.81 -12.87
C GLU A 62 4.11 -1.40 -11.52
N GLU A 63 4.91 -0.66 -10.76
CA GLU A 63 5.36 -1.07 -9.44
C GLU A 63 4.18 -1.38 -8.52
N LEU A 64 3.10 -0.61 -8.66
CA LEU A 64 1.88 -0.83 -7.90
C LEU A 64 1.37 -2.27 -8.10
N LYS A 65 1.54 -2.83 -9.30
CA LYS A 65 1.23 -4.22 -9.64
C LYS A 65 2.08 -5.23 -8.83
N PHE A 66 3.11 -4.77 -8.12
CA PHE A 66 3.96 -5.56 -7.23
C PHE A 66 3.98 -4.92 -5.82
N PHE A 67 3.00 -4.06 -5.49
CA PHE A 67 2.97 -3.28 -4.26
C PHE A 67 3.17 -4.17 -3.02
N LEU A 68 2.15 -4.96 -2.70
CA LEU A 68 2.14 -5.81 -1.52
C LEU A 68 3.12 -6.98 -1.72
N GLN A 69 3.49 -7.25 -2.97
CA GLN A 69 4.43 -8.28 -3.39
C GLN A 69 5.89 -7.96 -3.04
N LYS A 70 6.14 -6.82 -2.37
CA LYS A 70 7.39 -6.64 -1.62
C LYS A 70 7.35 -7.43 -0.31
N PHE A 71 6.15 -7.56 0.27
CA PHE A 71 5.95 -8.17 1.57
C PHE A 71 5.64 -9.65 1.39
N GLU A 72 4.56 -9.92 0.64
CA GLU A 72 4.08 -11.25 0.33
C GLU A 72 4.65 -11.65 -1.04
N SER A 73 4.17 -12.77 -1.59
CA SER A 73 4.53 -13.23 -2.93
C SER A 73 3.29 -13.72 -3.67
N GLY A 74 2.23 -12.90 -3.66
CA GLY A 74 0.96 -13.23 -4.30
C GLY A 74 -0.20 -12.75 -3.44
N ALA A 75 -0.28 -11.45 -3.20
CA ALA A 75 -1.33 -10.83 -2.41
C ALA A 75 -2.52 -10.48 -3.30
N ARG A 76 -2.64 -9.20 -3.71
CA ARG A 76 -3.72 -8.73 -4.55
C ARG A 76 -3.25 -7.67 -5.54
N GLU A 77 -1.97 -7.71 -5.85
CA GLU A 77 -1.26 -6.71 -6.63
C GLU A 77 -1.69 -6.85 -8.10
N LEU A 78 -1.92 -8.11 -8.49
CA LEU A 78 -2.35 -8.52 -9.81
C LEU A 78 -3.60 -7.76 -10.25
N THR A 79 -4.68 -7.81 -9.45
CA THR A 79 -5.96 -7.24 -9.82
C THR A 79 -5.82 -5.74 -10.07
N GLU A 80 -6.01 -5.32 -11.32
CA GLU A 80 -5.82 -3.94 -11.70
C GLU A 80 -6.84 -3.06 -10.98
N SER A 81 -8.11 -3.47 -10.93
CA SER A 81 -9.17 -2.77 -10.22
C SER A 81 -8.74 -2.46 -8.78
N GLU A 82 -8.43 -3.51 -8.03
CA GLU A 82 -7.99 -3.39 -6.65
C GLU A 82 -6.77 -2.47 -6.55
N THR A 83 -5.75 -2.71 -7.39
CA THR A 83 -4.56 -1.87 -7.35
C THR A 83 -4.95 -0.42 -7.61
N LYS A 84 -5.90 -0.18 -8.53
CA LYS A 84 -6.41 1.13 -8.86
C LYS A 84 -7.25 1.70 -7.71
N SER A 85 -7.88 0.88 -6.87
CA SER A 85 -8.50 1.36 -5.64
C SER A 85 -7.46 2.05 -4.76
N LEU A 86 -6.28 1.42 -4.58
CA LEU A 86 -5.17 2.11 -3.94
C LEU A 86 -4.78 3.34 -4.75
N MET A 87 -4.39 3.15 -6.02
CA MET A 87 -3.90 4.24 -6.87
C MET A 87 -4.78 5.48 -6.78
N ALA A 88 -6.08 5.29 -7.02
CA ALA A 88 -7.12 6.29 -7.10
C ALA A 88 -7.02 7.26 -5.92
N ALA A 89 -7.24 6.74 -4.71
CA ALA A 89 -7.16 7.56 -3.51
C ALA A 89 -5.75 8.09 -3.32
N ALA A 90 -4.76 7.20 -3.31
CA ALA A 90 -3.37 7.57 -3.05
C ALA A 90 -2.94 8.75 -3.93
N ASP A 91 -3.36 8.75 -5.18
CA ASP A 91 -3.07 9.78 -6.15
C ASP A 91 -3.86 11.05 -5.81
N ASN A 92 -5.19 10.94 -5.77
CA ASN A 92 -6.13 12.04 -5.58
C ASN A 92 -5.85 13.29 -6.43
N ASP A 93 -5.19 13.15 -7.58
CA ASP A 93 -4.92 14.24 -8.51
C ASP A 93 -5.71 14.04 -9.79
N GLY A 94 -5.69 12.81 -10.29
CA GLY A 94 -6.04 12.44 -11.65
C GLY A 94 -4.78 12.31 -12.49
N ASP A 95 -3.69 11.74 -11.93
CA ASP A 95 -2.46 11.46 -12.67
C ASP A 95 -2.02 10.00 -12.53
N GLY A 96 -1.99 9.47 -11.31
CA GLY A 96 -1.76 8.06 -11.03
C GLY A 96 -0.39 7.81 -10.39
N LYS A 97 0.59 8.67 -10.65
CA LYS A 97 1.90 8.63 -10.03
C LYS A 97 1.77 9.26 -8.65
N ILE A 98 2.30 8.55 -7.65
CA ILE A 98 2.07 8.78 -6.24
C ILE A 98 3.41 9.00 -5.55
N GLY A 99 3.73 10.24 -5.19
CA GLY A 99 4.85 10.52 -4.33
C GLY A 99 4.64 9.88 -2.95
N ALA A 100 5.71 9.72 -2.19
CA ALA A 100 5.62 9.18 -0.84
C ALA A 100 4.70 10.06 0.00
N GLU A 101 4.78 11.38 -0.20
CA GLU A 101 3.97 12.33 0.53
C GLU A 101 2.47 12.18 0.22
N GLU A 102 2.10 12.09 -1.06
CA GLU A 102 0.74 11.73 -1.47
C GLU A 102 0.28 10.49 -0.71
N PHE A 103 1.08 9.43 -0.76
CA PHE A 103 0.67 8.16 -0.19
C PHE A 103 0.56 8.24 1.35
N GLN A 104 1.55 8.87 2.00
CA GLN A 104 1.55 9.19 3.42
C GLN A 104 0.26 9.92 3.78
N GLU A 105 -0.07 11.03 3.09
CA GLU A 105 -1.31 11.76 3.32
C GLU A 105 -2.50 10.80 3.34
N MET A 106 -2.62 9.98 2.30
CA MET A 106 -3.75 9.09 2.22
C MET A 106 -3.77 8.11 3.39
N VAL A 107 -2.62 7.50 3.70
CA VAL A 107 -2.47 6.63 4.86
C VAL A 107 -2.77 7.37 6.16
N HIS A 108 -2.37 8.63 6.27
CA HIS A 108 -2.41 9.43 7.49
C HIS A 108 -3.86 9.64 7.93
N SER A 109 -4.80 9.46 7.00
CA SER A 109 -6.22 9.53 7.23
C SER A 109 -6.70 8.51 8.28
CA CA B . -0.43 12.07 -8.12
CA CA C . 9.11 3.91 -8.66
N MET A 1 15.77 -5.52 9.81
CA MET A 1 14.35 -5.63 10.19
C MET A 1 13.56 -5.33 8.94
N SER A 2 12.27 -5.63 8.93
CA SER A 2 11.37 -5.26 7.86
C SER A 2 9.97 -5.25 8.46
N ILE A 3 8.99 -4.86 7.67
CA ILE A 3 7.60 -4.69 8.08
C ILE A 3 7.03 -6.00 8.65
N THR A 4 7.60 -7.10 8.17
CA THR A 4 7.26 -8.45 8.54
C THR A 4 7.67 -8.77 9.99
N ASP A 5 8.45 -7.87 10.61
CA ASP A 5 9.04 -8.05 11.92
C ASP A 5 8.88 -6.76 12.74
N VAL A 6 7.78 -6.00 12.53
CA VAL A 6 7.46 -4.84 13.38
C VAL A 6 6.06 -4.91 13.97
N LEU A 7 5.05 -5.04 13.11
CA LEU A 7 3.64 -4.98 13.47
C LEU A 7 2.87 -5.40 12.21
N SER A 8 3.08 -4.64 11.14
CA SER A 8 2.40 -4.78 9.86
C SER A 8 2.23 -6.23 9.41
N ALA A 9 3.19 -7.12 9.68
CA ALA A 9 3.05 -8.55 9.44
C ALA A 9 1.66 -9.11 9.81
N ASP A 10 1.15 -8.74 10.98
CA ASP A 10 -0.17 -9.19 11.42
C ASP A 10 -1.26 -8.52 10.58
N ASP A 11 -1.09 -7.22 10.35
CA ASP A 11 -2.05 -6.39 9.66
C ASP A 11 -2.22 -6.87 8.22
N ILE A 12 -1.11 -7.15 7.52
CA ILE A 12 -1.12 -7.64 6.17
C ILE A 12 -1.87 -8.97 6.10
N ALA A 13 -1.66 -9.86 7.07
CA ALA A 13 -2.37 -11.12 7.13
C ALA A 13 -3.89 -10.88 7.16
N ALA A 14 -4.34 -9.95 8.02
CA ALA A 14 -5.76 -9.56 8.01
C ALA A 14 -6.16 -9.00 6.66
N ALA A 15 -5.40 -8.02 6.15
CA ALA A 15 -5.68 -7.33 4.92
C ALA A 15 -5.87 -8.30 3.75
N LEU A 16 -5.00 -9.29 3.69
CA LEU A 16 -5.05 -10.36 2.70
C LEU A 16 -6.42 -11.03 2.77
N GLN A 17 -6.91 -11.29 4.00
CA GLN A 17 -8.16 -11.98 4.21
C GLN A 17 -9.37 -11.08 3.96
N GLU A 18 -9.30 -9.81 4.35
CA GLU A 18 -10.41 -8.87 4.13
C GLU A 18 -10.56 -8.64 2.61
N CYS A 19 -9.44 -8.43 1.92
CA CYS A 19 -9.40 -8.27 0.46
C CYS A 19 -9.33 -9.63 -0.24
N ARG A 20 -10.08 -10.63 0.22
CA ARG A 20 -10.08 -11.95 -0.41
C ARG A 20 -10.92 -11.87 -1.67
N ASP A 21 -12.18 -11.46 -1.52
CA ASP A 21 -13.15 -11.43 -2.59
C ASP A 21 -12.76 -10.35 -3.59
N PRO A 22 -12.93 -10.60 -4.90
CA PRO A 22 -12.51 -9.66 -5.92
C PRO A 22 -13.29 -8.35 -5.83
N ASP A 23 -12.58 -7.26 -6.09
CA ASP A 23 -13.07 -5.89 -6.10
C ASP A 23 -13.69 -5.47 -4.76
N THR A 24 -13.12 -5.95 -3.64
CA THR A 24 -13.54 -5.62 -2.27
C THR A 24 -12.60 -4.60 -1.63
N PHE A 25 -11.34 -4.62 -2.05
CA PHE A 25 -10.26 -3.78 -1.56
C PHE A 25 -10.68 -2.32 -1.65
N GLU A 26 -10.62 -1.59 -0.53
CA GLU A 26 -10.82 -0.15 -0.47
C GLU A 26 -9.55 0.50 0.06
N PRO A 27 -9.28 1.76 -0.31
CA PRO A 27 -8.12 2.48 0.17
C PRO A 27 -8.20 2.71 1.68
N GLN A 28 -9.16 3.51 2.13
CA GLN A 28 -9.28 3.89 3.54
C GLN A 28 -9.50 2.66 4.43
N LYS A 29 -10.24 1.67 3.93
CA LYS A 29 -10.40 0.38 4.61
C LYS A 29 -9.02 -0.26 4.80
N PHE A 30 -8.36 -0.61 3.68
CA PHE A 30 -7.10 -1.34 3.71
C PHE A 30 -6.06 -0.57 4.52
N PHE A 31 -5.97 0.73 4.29
CA PHE A 31 -5.12 1.67 4.98
C PHE A 31 -5.10 1.40 6.48
N GLN A 32 -6.28 1.41 7.11
CA GLN A 32 -6.39 1.14 8.53
C GLN A 32 -6.11 -0.35 8.80
N THR A 33 -6.70 -1.25 8.01
CA THR A 33 -6.53 -2.68 8.17
C THR A 33 -5.05 -3.10 8.15
N SER A 34 -4.23 -2.34 7.43
CA SER A 34 -2.83 -2.60 7.18
C SER A 34 -1.97 -1.96 8.29
N GLY A 35 -2.57 -1.16 9.18
CA GLY A 35 -1.90 -0.60 10.34
C GLY A 35 -1.08 0.63 9.97
N LEU A 36 -1.06 0.95 8.68
CA LEU A 36 -0.29 2.03 8.11
C LEU A 36 -0.75 3.38 8.69
N SER A 37 -2.02 3.48 9.08
CA SER A 37 -2.56 4.63 9.80
C SER A 37 -1.89 4.80 11.17
N LYS A 38 -1.56 3.67 11.82
CA LYS A 38 -1.00 3.71 13.15
C LYS A 38 0.49 3.95 13.06
N MET A 39 1.11 3.47 11.97
CA MET A 39 2.51 3.75 11.73
C MET A 39 2.72 5.27 11.65
N SER A 40 3.64 5.81 12.47
CA SER A 40 4.06 7.19 12.38
C SER A 40 4.69 7.46 11.01
N ALA A 41 4.70 8.73 10.58
CA ALA A 41 5.35 9.18 9.36
C ALA A 41 6.72 8.54 9.19
N ASN A 42 7.48 8.43 10.28
CA ASN A 42 8.76 7.75 10.34
C ASN A 42 8.67 6.39 9.65
N GLN A 43 7.79 5.53 10.16
CA GLN A 43 7.65 4.17 9.70
C GLN A 43 7.03 4.18 8.30
N VAL A 44 6.01 5.00 8.04
CA VAL A 44 5.37 5.06 6.73
C VAL A 44 6.42 5.40 5.66
N LYS A 45 7.26 6.39 5.93
CA LYS A 45 8.34 6.78 5.05
C LYS A 45 9.34 5.61 4.93
N ASP A 46 9.67 4.95 6.03
CA ASP A 46 10.62 3.85 5.99
C ASP A 46 10.09 2.71 5.09
N VAL A 47 8.89 2.21 5.39
CA VAL A 47 8.24 1.19 4.58
C VAL A 47 8.15 1.63 3.12
N PHE A 48 7.76 2.89 2.86
CA PHE A 48 7.82 3.46 1.51
C PHE A 48 9.14 3.12 0.80
N ARG A 49 10.29 3.31 1.47
CA ARG A 49 11.58 2.96 0.88
C ARG A 49 11.68 1.47 0.53
N PHE A 50 11.02 0.58 1.29
CA PHE A 50 10.95 -0.83 0.92
C PHE A 50 10.07 -1.03 -0.33
N ILE A 51 9.00 -0.25 -0.49
CA ILE A 51 8.12 -0.34 -1.67
C ILE A 51 8.79 0.36 -2.87
N ASP A 52 8.08 0.52 -4.00
CA ASP A 52 8.53 1.13 -5.26
C ASP A 52 9.42 0.16 -6.02
N ASN A 53 10.49 -0.29 -5.35
CA ASN A 53 11.51 -1.23 -5.83
C ASN A 53 12.70 -0.42 -6.33
N ASP A 54 12.44 0.51 -7.26
CA ASP A 54 13.40 1.50 -7.72
C ASP A 54 13.96 2.33 -6.56
N GLN A 55 13.12 2.61 -5.55
CA GLN A 55 13.34 3.71 -4.61
C GLN A 55 13.48 5.02 -5.38
N SER A 56 12.54 5.30 -6.31
CA SER A 56 12.48 6.56 -7.03
C SER A 56 11.61 7.56 -6.28
N GLY A 57 10.46 7.12 -5.78
CA GLY A 57 9.51 7.97 -5.08
C GLY A 57 8.18 8.04 -5.82
N TYR A 58 8.22 8.06 -7.14
CA TYR A 58 7.04 7.86 -7.95
C TYR A 58 6.66 6.39 -7.80
N LEU A 59 5.56 6.11 -7.12
CA LEU A 59 4.88 4.83 -7.11
C LEU A 59 3.98 4.82 -8.34
N ASP A 60 4.60 4.52 -9.47
CA ASP A 60 3.95 4.47 -10.76
C ASP A 60 3.01 3.24 -10.80
N GLU A 61 1.93 3.33 -11.58
CA GLU A 61 0.84 2.34 -11.61
C GLU A 61 1.36 0.91 -11.71
N GLU A 62 2.32 0.69 -12.62
CA GLU A 62 2.90 -0.62 -12.85
C GLU A 62 3.52 -1.19 -11.57
N GLU A 63 4.18 -0.37 -10.76
CA GLU A 63 4.81 -0.84 -9.54
C GLU A 63 3.76 -1.19 -8.50
N LEU A 64 2.60 -0.52 -8.56
CA LEU A 64 1.46 -0.90 -7.76
C LEU A 64 1.11 -2.38 -8.01
N LYS A 65 1.36 -2.91 -9.22
CA LYS A 65 1.21 -4.33 -9.54
C LYS A 65 2.11 -5.24 -8.69
N PHE A 66 3.05 -4.69 -7.92
CA PHE A 66 3.85 -5.42 -6.95
C PHE A 66 3.90 -4.70 -5.59
N PHE A 67 2.92 -3.83 -5.30
CA PHE A 67 2.89 -3.07 -4.05
C PHE A 67 2.98 -4.01 -2.83
N LEU A 68 1.95 -4.84 -2.64
CA LEU A 68 1.86 -5.73 -1.49
C LEU A 68 2.64 -7.04 -1.71
N GLN A 69 3.05 -7.32 -2.95
CA GLN A 69 3.90 -8.47 -3.25
C GLN A 69 5.13 -8.41 -2.36
N LYS A 70 5.89 -7.31 -2.42
CA LYS A 70 7.10 -7.13 -1.62
C LYS A 70 6.78 -6.76 -0.16
N PHE A 71 5.78 -7.43 0.43
CA PHE A 71 5.27 -7.25 1.78
C PHE A 71 4.81 -8.64 2.25
N GLU A 72 3.88 -9.25 1.50
CA GLU A 72 3.30 -10.55 1.80
C GLU A 72 3.86 -11.66 0.90
N SER A 73 3.94 -11.41 -0.42
CA SER A 73 4.26 -12.37 -1.47
C SER A 73 3.02 -13.17 -1.85
N GLY A 74 2.50 -12.91 -3.04
CA GLY A 74 1.31 -13.57 -3.58
C GLY A 74 0.04 -12.85 -3.12
N ALA A 75 0.09 -11.52 -3.11
CA ALA A 75 -1.02 -10.66 -2.76
C ALA A 75 -1.92 -10.39 -3.97
N ARG A 76 -2.66 -9.27 -3.98
CA ARG A 76 -3.82 -9.08 -4.85
C ARG A 76 -3.50 -8.20 -6.06
N GLU A 77 -2.32 -7.60 -6.05
CA GLU A 77 -1.84 -6.52 -6.89
C GLU A 77 -2.19 -6.71 -8.37
N LEU A 78 -2.07 -7.96 -8.82
CA LEU A 78 -2.43 -8.39 -10.16
C LEU A 78 -3.84 -7.92 -10.56
N THR A 79 -4.83 -7.99 -9.66
CA THR A 79 -6.13 -7.39 -9.93
C THR A 79 -5.96 -5.88 -10.03
N GLU A 80 -6.10 -5.37 -11.25
CA GLU A 80 -6.06 -3.93 -11.49
C GLU A 80 -7.07 -3.21 -10.62
N SER A 81 -8.32 -3.67 -10.54
CA SER A 81 -9.36 -3.10 -9.69
C SER A 81 -8.87 -2.89 -8.25
N GLU A 82 -8.44 -3.98 -7.58
CA GLU A 82 -8.09 -3.94 -6.17
C GLU A 82 -6.88 -3.04 -5.96
N THR A 83 -5.89 -3.09 -6.85
CA THR A 83 -4.75 -2.18 -6.79
C THR A 83 -5.24 -0.74 -6.96
N LYS A 84 -6.13 -0.55 -7.95
CA LYS A 84 -6.67 0.73 -8.33
C LYS A 84 -7.45 1.34 -7.17
N SER A 85 -8.09 0.53 -6.33
CA SER A 85 -8.70 1.03 -5.11
C SER A 85 -7.69 1.81 -4.27
N LEU A 86 -6.45 1.33 -4.12
CA LEU A 86 -5.40 2.13 -3.50
C LEU A 86 -5.12 3.34 -4.38
N MET A 87 -4.77 3.10 -5.65
CA MET A 87 -4.42 4.18 -6.57
C MET A 87 -5.38 5.36 -6.47
N ALA A 88 -6.68 5.07 -6.47
CA ALA A 88 -7.81 5.98 -6.51
C ALA A 88 -7.75 7.03 -5.39
N ALA A 89 -7.48 6.59 -4.16
CA ALA A 89 -7.40 7.52 -3.04
C ALA A 89 -5.98 8.08 -2.90
N ALA A 90 -4.98 7.21 -3.09
CA ALA A 90 -3.59 7.61 -2.97
C ALA A 90 -3.29 8.78 -3.91
N ASP A 91 -3.75 8.69 -5.16
CA ASP A 91 -3.56 9.74 -6.13
C ASP A 91 -4.49 10.90 -5.82
N ASN A 92 -4.13 11.71 -4.82
CA ASN A 92 -4.88 12.89 -4.42
C ASN A 92 -4.66 14.06 -5.40
N ASP A 93 -4.63 13.77 -6.70
CA ASP A 93 -4.45 14.70 -7.81
C ASP A 93 -5.58 14.49 -8.81
N GLY A 94 -5.66 13.27 -9.35
CA GLY A 94 -6.42 12.93 -10.55
C GLY A 94 -5.48 12.75 -11.74
N ASP A 95 -4.36 12.03 -11.53
CA ASP A 95 -3.40 11.65 -12.56
C ASP A 95 -3.21 10.12 -12.56
N GLY A 96 -2.68 9.53 -11.48
CA GLY A 96 -2.43 8.10 -11.33
C GLY A 96 -1.00 7.80 -10.91
N LYS A 97 -0.05 8.65 -11.31
CA LYS A 97 1.33 8.65 -10.82
C LYS A 97 1.32 9.20 -9.40
N ILE A 98 1.54 8.32 -8.43
CA ILE A 98 1.46 8.64 -7.01
C ILE A 98 2.86 8.91 -6.49
N GLY A 99 3.15 10.13 -6.05
CA GLY A 99 4.42 10.41 -5.39
C GLY A 99 4.52 9.76 -4.01
N ALA A 100 5.74 9.69 -3.45
CA ALA A 100 5.98 9.27 -2.08
C ALA A 100 5.23 10.21 -1.15
N GLU A 101 5.24 11.50 -1.50
CA GLU A 101 4.43 12.53 -0.87
C GLU A 101 2.96 12.11 -0.82
N GLU A 102 2.34 11.83 -1.97
CA GLU A 102 0.97 11.35 -2.07
C GLU A 102 0.75 10.15 -1.14
N PHE A 103 1.65 9.17 -1.18
CA PHE A 103 1.60 8.01 -0.28
C PHE A 103 1.59 8.42 1.19
N GLN A 104 2.63 9.11 1.67
CA GLN A 104 2.73 9.52 3.08
C GLN A 104 1.55 10.42 3.46
N GLU A 105 1.07 11.27 2.56
CA GLU A 105 -0.13 12.06 2.82
C GLU A 105 -1.31 11.13 3.13
N MET A 106 -1.65 10.25 2.20
CA MET A 106 -2.79 9.35 2.37
C MET A 106 -2.59 8.55 3.66
N VAL A 107 -1.42 7.94 3.79
CA VAL A 107 -1.11 7.02 4.86
C VAL A 107 -0.94 7.72 6.21
N HIS A 108 -0.47 8.96 6.26
CA HIS A 108 -0.32 9.68 7.52
C HIS A 108 -1.54 10.56 7.80
N SER A 109 -2.64 10.32 7.08
CA SER A 109 -3.88 11.07 7.25
C SER A 109 -4.57 10.62 8.54
CA CA B . -0.48 12.04 -8.47
CA CA C . 8.60 4.00 -9.45
N MET A 1 14.52 -6.66 9.57
CA MET A 1 13.56 -5.55 9.53
C MET A 1 13.16 -5.34 8.07
N SER A 2 11.87 -5.51 7.75
CA SER A 2 11.31 -5.28 6.41
C SER A 2 9.79 -5.44 6.50
N ILE A 3 9.18 -4.79 7.48
CA ILE A 3 7.74 -4.83 7.79
C ILE A 3 7.29 -6.20 8.36
N THR A 4 7.69 -7.27 7.68
CA THR A 4 7.55 -8.69 7.90
C THR A 4 7.67 -9.15 9.35
N ASP A 5 8.46 -8.43 10.15
CA ASP A 5 8.49 -8.64 11.59
C ASP A 5 8.71 -7.30 12.29
N VAL A 6 7.80 -6.35 12.01
CA VAL A 6 7.76 -5.06 12.68
C VAL A 6 6.44 -4.92 13.44
N LEU A 7 5.32 -5.03 12.71
CA LEU A 7 3.97 -4.90 13.24
C LEU A 7 3.05 -5.34 12.11
N SER A 8 3.14 -4.62 10.99
CA SER A 8 2.26 -4.72 9.85
C SER A 8 2.15 -6.15 9.31
N ALA A 9 3.10 -7.04 9.61
CA ALA A 9 2.99 -8.46 9.34
C ALA A 9 1.68 -9.07 9.84
N ASP A 10 1.22 -8.70 11.03
CA ASP A 10 -0.07 -9.18 11.52
C ASP A 10 -1.20 -8.54 10.71
N ASP A 11 -1.06 -7.24 10.45
CA ASP A 11 -2.08 -6.43 9.83
C ASP A 11 -2.33 -6.91 8.41
N ILE A 12 -1.27 -7.19 7.63
CA ILE A 12 -1.40 -7.73 6.30
C ILE A 12 -2.16 -9.06 6.32
N ALA A 13 -1.91 -9.91 7.32
CA ALA A 13 -2.64 -11.18 7.47
C ALA A 13 -4.14 -10.88 7.61
N ALA A 14 -4.50 -9.88 8.41
CA ALA A 14 -5.88 -9.42 8.49
C ALA A 14 -6.37 -8.94 7.12
N ALA A 15 -5.68 -7.99 6.52
CA ALA A 15 -6.02 -7.37 5.23
C ALA A 15 -6.30 -8.41 4.17
N LEU A 16 -5.41 -9.40 4.09
CA LEU A 16 -5.51 -10.51 3.17
C LEU A 16 -6.89 -11.14 3.26
N GLN A 17 -7.39 -11.34 4.49
CA GLN A 17 -8.67 -12.00 4.72
C GLN A 17 -9.81 -11.02 4.48
N GLU A 18 -9.69 -9.81 5.03
CA GLU A 18 -10.81 -8.89 5.05
C GLU A 18 -11.14 -8.38 3.64
N CYS A 19 -10.14 -8.32 2.76
CA CYS A 19 -10.29 -8.05 1.33
C CYS A 19 -9.94 -9.30 0.53
N ARG A 20 -10.51 -10.47 0.90
CA ARG A 20 -10.29 -11.73 0.18
C ARG A 20 -11.05 -11.71 -1.13
N ASP A 21 -12.21 -11.05 -1.15
CA ASP A 21 -13.17 -11.05 -2.22
C ASP A 21 -12.77 -10.02 -3.26
N PRO A 22 -12.93 -10.31 -4.57
CA PRO A 22 -12.40 -9.46 -5.62
C PRO A 22 -12.99 -8.07 -5.53
N ASP A 23 -12.19 -7.08 -5.95
CA ASP A 23 -12.55 -5.69 -6.09
C ASP A 23 -13.21 -5.14 -4.81
N THR A 24 -12.66 -5.51 -3.64
CA THR A 24 -13.14 -5.09 -2.33
C THR A 24 -12.19 -4.12 -1.63
N PHE A 25 -10.92 -4.15 -1.98
CA PHE A 25 -9.89 -3.34 -1.37
C PHE A 25 -10.26 -1.85 -1.38
N GLU A 26 -10.51 -1.26 -0.20
CA GLU A 26 -10.75 0.17 -0.01
C GLU A 26 -9.48 0.83 0.56
N PRO A 27 -9.31 2.15 0.35
CA PRO A 27 -8.13 2.88 0.78
C PRO A 27 -8.04 3.00 2.30
N GLN A 28 -8.80 3.91 2.92
CA GLN A 28 -8.79 4.14 4.36
C GLN A 28 -8.93 2.83 5.13
N LYS A 29 -9.87 1.98 4.66
CA LYS A 29 -10.02 0.62 5.11
C LYS A 29 -8.66 -0.08 5.19
N PHE A 30 -7.95 -0.23 4.06
CA PHE A 30 -6.65 -0.89 4.06
C PHE A 30 -5.65 -0.14 4.94
N PHE A 31 -5.61 1.19 4.89
CA PHE A 31 -4.69 1.98 5.69
C PHE A 31 -4.82 1.66 7.17
N GLN A 32 -6.05 1.43 7.66
CA GLN A 32 -6.25 0.99 9.03
C GLN A 32 -5.90 -0.48 9.18
N THR A 33 -6.49 -1.33 8.34
CA THR A 33 -6.38 -2.77 8.46
C THR A 33 -4.96 -3.29 8.21
N SER A 34 -4.10 -2.47 7.60
CA SER A 34 -2.69 -2.75 7.34
C SER A 34 -1.81 -2.11 8.42
N GLY A 35 -2.38 -1.36 9.37
CA GLY A 35 -1.62 -0.74 10.45
C GLY A 35 -0.93 0.54 10.01
N LEU A 36 -0.70 0.71 8.70
CA LEU A 36 -0.09 1.85 8.06
C LEU A 36 -0.54 3.20 8.62
N SER A 37 -1.84 3.42 8.79
CA SER A 37 -2.35 4.69 9.33
C SER A 37 -1.98 4.89 10.80
N LYS A 38 -1.77 3.80 11.53
CA LYS A 38 -1.38 3.85 12.92
C LYS A 38 0.11 4.15 12.97
N MET A 39 0.86 3.56 12.03
CA MET A 39 2.27 3.82 11.92
C MET A 39 2.49 5.30 11.58
N SER A 40 3.51 5.91 12.20
CA SER A 40 3.79 7.31 11.96
C SER A 40 4.46 7.48 10.60
N ALA A 41 4.45 8.73 10.10
CA ALA A 41 5.08 9.11 8.84
C ALA A 41 6.50 8.53 8.71
N ASN A 42 7.24 8.46 9.82
CA ASN A 42 8.53 7.80 9.88
C ASN A 42 8.45 6.39 9.28
N GLN A 43 7.61 5.54 9.85
CA GLN A 43 7.48 4.17 9.41
C GLN A 43 6.84 4.12 8.04
N VAL A 44 5.79 4.91 7.78
CA VAL A 44 5.17 4.89 6.46
C VAL A 44 6.19 5.27 5.39
N LYS A 45 7.08 6.23 5.66
CA LYS A 45 8.17 6.57 4.75
C LYS A 45 9.12 5.38 4.59
N ASP A 46 9.55 4.77 5.70
CA ASP A 46 10.46 3.62 5.67
C ASP A 46 9.87 2.50 4.79
N VAL A 47 8.67 2.02 5.15
CA VAL A 47 8.02 1.00 4.36
C VAL A 47 7.84 1.48 2.92
N PHE A 48 7.35 2.71 2.72
CA PHE A 48 7.19 3.32 1.40
C PHE A 48 8.44 3.10 0.55
N ARG A 49 9.64 3.38 1.08
CA ARG A 49 10.85 3.13 0.32
C ARG A 49 10.93 1.68 -0.16
N PHE A 50 10.53 0.72 0.68
CA PHE A 50 10.49 -0.68 0.29
C PHE A 50 9.46 -0.88 -0.82
N ILE A 51 8.30 -0.24 -0.75
CA ILE A 51 7.29 -0.32 -1.81
C ILE A 51 7.83 0.33 -3.11
N ASP A 52 8.50 1.49 -3.04
CA ASP A 52 9.06 2.19 -4.19
C ASP A 52 10.34 1.49 -4.66
N ASN A 53 10.21 0.25 -5.11
CA ASN A 53 11.27 -0.45 -5.83
C ASN A 53 11.81 0.50 -6.89
N ASP A 54 13.12 0.44 -7.13
CA ASP A 54 13.86 1.35 -8.00
C ASP A 54 14.11 2.72 -7.36
N GLN A 55 13.15 3.20 -6.54
CA GLN A 55 13.18 4.51 -5.93
C GLN A 55 13.29 5.62 -6.99
N SER A 56 12.55 5.47 -8.10
CA SER A 56 12.42 6.42 -9.20
C SER A 56 12.14 7.84 -8.71
N GLY A 57 11.41 7.95 -7.58
CA GLY A 57 10.77 9.16 -7.15
C GLY A 57 9.26 8.98 -7.20
N TYR A 58 8.77 7.98 -7.95
CA TYR A 58 7.36 7.71 -8.08
C TYR A 58 7.05 6.21 -7.95
N LEU A 59 5.79 5.97 -7.64
CA LEU A 59 5.12 4.68 -7.75
C LEU A 59 4.36 4.73 -9.05
N ASP A 60 5.14 4.64 -10.13
CA ASP A 60 4.65 4.51 -11.48
C ASP A 60 3.71 3.28 -11.54
N GLU A 61 2.66 3.32 -12.39
CA GLU A 61 1.49 2.46 -12.27
C GLU A 61 1.85 0.96 -12.15
N GLU A 62 2.63 0.43 -13.09
CA GLU A 62 3.07 -0.96 -13.06
C GLU A 62 3.78 -1.31 -11.75
N GLU A 63 4.47 -0.35 -11.15
CA GLU A 63 5.14 -0.52 -9.87
C GLU A 63 4.09 -0.62 -8.76
N LEU A 64 3.07 0.24 -8.81
CA LEU A 64 1.90 0.21 -7.93
C LEU A 64 1.28 -1.19 -7.91
N LYS A 65 1.28 -1.89 -9.05
CA LYS A 65 0.92 -3.31 -9.11
C LYS A 65 1.62 -4.08 -8.00
N PHE A 66 2.97 -4.10 -7.99
CA PHE A 66 3.77 -4.76 -6.95
C PHE A 66 3.71 -3.94 -5.65
N PHE A 67 2.53 -3.74 -5.06
CA PHE A 67 2.39 -3.06 -3.78
C PHE A 67 2.49 -4.12 -2.67
N LEU A 68 1.48 -4.98 -2.57
CA LEU A 68 1.38 -5.95 -1.48
C LEU A 68 2.48 -7.01 -1.57
N GLN A 69 2.98 -7.27 -2.78
CA GLN A 69 3.97 -8.32 -3.05
C GLN A 69 5.37 -7.95 -2.55
N LYS A 70 5.55 -6.78 -1.91
CA LYS A 70 6.73 -6.57 -1.09
C LYS A 70 6.63 -7.41 0.18
N PHE A 71 5.40 -7.61 0.68
CA PHE A 71 5.16 -8.25 1.97
C PHE A 71 4.98 -9.75 1.77
N GLU A 72 3.99 -10.11 0.94
CA GLU A 72 3.64 -11.49 0.66
C GLU A 72 4.28 -11.91 -0.66
N SER A 73 4.13 -13.19 -1.02
CA SER A 73 4.52 -13.72 -2.31
C SER A 73 3.30 -14.08 -3.18
N GLY A 74 2.09 -14.05 -2.63
CA GLY A 74 0.86 -14.37 -3.36
C GLY A 74 -0.25 -13.40 -2.99
N ALA A 75 0.08 -12.11 -2.87
CA ALA A 75 -0.87 -11.05 -2.61
C ALA A 75 -1.55 -10.57 -3.89
N ARG A 76 -2.41 -9.56 -3.74
CA ARG A 76 -3.42 -9.17 -4.71
C ARG A 76 -2.91 -8.15 -5.74
N GLU A 77 -1.60 -8.10 -6.00
CA GLU A 77 -1.02 -7.11 -6.89
C GLU A 77 -1.71 -7.13 -8.26
N LEU A 78 -1.70 -8.32 -8.86
CA LEU A 78 -2.23 -8.63 -10.17
C LEU A 78 -3.65 -8.12 -10.38
N THR A 79 -4.51 -8.11 -9.35
CA THR A 79 -5.83 -7.55 -9.56
C THR A 79 -5.73 -6.05 -9.69
N GLU A 80 -5.81 -5.64 -10.94
CA GLU A 80 -5.68 -4.25 -11.31
C GLU A 80 -6.79 -3.44 -10.65
N SER A 81 -8.04 -3.94 -10.59
CA SER A 81 -9.08 -3.27 -9.81
C SER A 81 -8.62 -2.93 -8.39
N GLU A 82 -8.09 -3.90 -7.65
CA GLU A 82 -7.78 -3.74 -6.24
C GLU A 82 -6.59 -2.80 -6.10
N THR A 83 -5.54 -3.02 -6.92
CA THR A 83 -4.39 -2.15 -6.98
C THR A 83 -4.85 -0.71 -7.25
N LYS A 84 -5.71 -0.59 -8.26
CA LYS A 84 -6.13 0.68 -8.83
C LYS A 84 -7.10 1.37 -7.89
N SER A 85 -7.88 0.64 -7.09
CA SER A 85 -8.68 1.20 -6.02
C SER A 85 -7.77 1.96 -5.06
N LEU A 86 -6.70 1.31 -4.61
CA LEU A 86 -5.72 1.97 -3.76
C LEU A 86 -5.10 3.16 -4.50
N MET A 87 -4.60 2.94 -5.72
CA MET A 87 -4.08 4.03 -6.53
C MET A 87 -5.08 5.21 -6.62
N ALA A 88 -6.35 4.91 -6.84
CA ALA A 88 -7.40 5.89 -7.12
C ALA A 88 -7.47 6.95 -6.03
N ALA A 89 -7.43 6.51 -4.77
CA ALA A 89 -7.52 7.41 -3.63
C ALA A 89 -6.15 7.92 -3.23
N ALA A 90 -5.14 7.03 -3.18
CA ALA A 90 -3.78 7.42 -2.83
C ALA A 90 -3.29 8.54 -3.74
N ASP A 91 -3.59 8.43 -5.03
CA ASP A 91 -3.27 9.47 -5.98
C ASP A 91 -4.25 10.63 -5.77
N ASN A 92 -3.80 11.71 -5.13
CA ASN A 92 -4.66 12.84 -4.83
C ASN A 92 -4.47 13.98 -5.85
N ASP A 93 -3.69 13.74 -6.92
CA ASP A 93 -3.64 14.60 -8.08
C ASP A 93 -4.83 14.30 -8.98
N GLY A 94 -5.00 13.01 -9.30
CA GLY A 94 -5.74 12.56 -10.46
C GLY A 94 -4.79 12.40 -11.64
N ASP A 95 -3.61 11.80 -11.40
CA ASP A 95 -2.61 11.51 -12.43
C ASP A 95 -2.23 10.03 -12.42
N GLY A 96 -1.94 9.47 -11.23
CA GLY A 96 -1.75 8.05 -11.01
C GLY A 96 -0.40 7.79 -10.33
N LYS A 97 0.66 8.43 -10.82
CA LYS A 97 1.96 8.38 -10.19
C LYS A 97 1.84 8.94 -8.77
N ILE A 98 2.07 8.08 -7.78
CA ILE A 98 2.05 8.41 -6.37
C ILE A 98 3.49 8.63 -5.89
N GLY A 99 3.66 9.45 -4.85
CA GLY A 99 4.92 9.70 -4.18
C GLY A 99 4.75 9.43 -2.69
N ALA A 100 5.84 9.59 -1.92
CA ALA A 100 5.85 9.29 -0.50
C ALA A 100 4.83 10.16 0.22
N GLU A 101 4.88 11.46 -0.08
CA GLU A 101 3.93 12.42 0.44
C GLU A 101 2.50 11.95 0.12
N GLU A 102 2.10 11.95 -1.16
CA GLU A 102 0.79 11.48 -1.60
C GLU A 102 0.34 10.22 -0.84
N PHE A 103 1.22 9.22 -0.74
CA PHE A 103 0.92 7.98 -0.04
C PHE A 103 0.65 8.26 1.45
N GLN A 104 1.60 8.88 2.15
CA GLN A 104 1.46 9.19 3.57
C GLN A 104 0.24 10.06 3.81
N GLU A 105 0.00 11.13 3.05
CA GLU A 105 -1.21 11.96 3.19
C GLU A 105 -2.45 11.07 3.32
N MET A 106 -2.67 10.20 2.33
CA MET A 106 -3.86 9.37 2.35
C MET A 106 -3.83 8.41 3.54
N VAL A 107 -2.69 7.74 3.76
CA VAL A 107 -2.51 6.84 4.91
C VAL A 107 -2.75 7.55 6.25
N HIS A 108 -2.37 8.84 6.34
CA HIS A 108 -2.41 9.64 7.55
C HIS A 108 -3.84 10.02 7.92
N SER A 109 -4.74 9.98 6.92
CA SER A 109 -6.12 10.39 7.09
C SER A 109 -6.92 9.46 8.00
CA CA B . -0.13 11.70 -8.04
CA CA C . 9.65 3.63 -8.32
N MET A 1 13.04 -8.33 8.51
CA MET A 1 13.57 -7.66 7.30
C MET A 1 13.25 -6.16 7.30
N SER A 2 11.97 -5.82 7.36
CA SER A 2 11.50 -4.45 7.50
C SER A 2 10.08 -4.53 8.09
N ILE A 3 9.06 -4.57 7.23
CA ILE A 3 7.68 -4.48 7.68
C ILE A 3 7.19 -5.79 8.31
N THR A 4 7.71 -6.92 7.80
CA THR A 4 7.30 -8.25 8.20
C THR A 4 7.53 -8.49 9.69
N ASP A 5 8.55 -7.83 10.25
CA ASP A 5 8.97 -7.99 11.61
C ASP A 5 8.89 -6.63 12.29
N VAL A 6 7.71 -6.01 12.24
CA VAL A 6 7.45 -4.74 12.91
C VAL A 6 6.10 -4.74 13.63
N LEU A 7 5.04 -5.11 12.91
CA LEU A 7 3.65 -5.07 13.36
C LEU A 7 2.80 -5.57 12.19
N SER A 8 2.89 -4.85 11.07
CA SER A 8 2.02 -5.02 9.91
C SER A 8 1.84 -6.45 9.41
N ALA A 9 2.70 -7.41 9.76
CA ALA A 9 2.42 -8.82 9.50
C ALA A 9 1.03 -9.23 9.98
N ASP A 10 0.65 -8.84 11.20
CA ASP A 10 -0.67 -9.16 11.73
C ASP A 10 -1.75 -8.44 10.91
N ASP A 11 -1.48 -7.18 10.59
CA ASP A 11 -2.44 -6.29 9.96
C ASP A 11 -2.70 -6.77 8.52
N ILE A 12 -1.65 -7.18 7.79
CA ILE A 12 -1.81 -7.77 6.49
C ILE A 12 -2.59 -9.08 6.57
N ALA A 13 -2.34 -9.91 7.60
CA ALA A 13 -3.15 -11.12 7.80
C ALA A 13 -4.63 -10.75 7.90
N ALA A 14 -4.97 -9.71 8.67
CA ALA A 14 -6.33 -9.17 8.67
C ALA A 14 -6.77 -8.78 7.27
N ALA A 15 -6.02 -7.89 6.60
CA ALA A 15 -6.34 -7.37 5.28
C ALA A 15 -6.69 -8.50 4.31
N LEU A 16 -5.83 -9.53 4.31
CA LEU A 16 -5.93 -10.69 3.46
C LEU A 16 -7.32 -11.30 3.58
N GLN A 17 -7.87 -11.39 4.80
CA GLN A 17 -9.16 -12.03 5.02
C GLN A 17 -10.30 -11.03 4.82
N GLU A 18 -10.20 -9.86 5.48
CA GLU A 18 -11.15 -8.77 5.40
C GLU A 18 -11.51 -8.48 3.94
N CYS A 19 -10.50 -8.34 3.08
CA CYS A 19 -10.67 -8.10 1.66
C CYS A 19 -10.21 -9.34 0.93
N ARG A 20 -10.76 -10.53 1.22
CA ARG A 20 -10.36 -11.74 0.51
C ARG A 20 -11.03 -11.77 -0.85
N ASP A 21 -12.37 -11.65 -0.82
CA ASP A 21 -13.21 -11.68 -1.99
C ASP A 21 -12.74 -10.68 -3.05
N PRO A 22 -12.79 -11.05 -4.34
CA PRO A 22 -12.29 -10.22 -5.43
C PRO A 22 -13.00 -8.87 -5.43
N ASP A 23 -12.30 -7.84 -5.93
CA ASP A 23 -12.73 -6.46 -6.06
C ASP A 23 -12.87 -5.70 -4.71
N THR A 24 -13.06 -6.39 -3.58
CA THR A 24 -13.52 -5.84 -2.31
C THR A 24 -12.45 -5.01 -1.57
N PHE A 25 -11.47 -4.44 -2.27
CA PHE A 25 -10.25 -3.96 -1.64
C PHE A 25 -10.24 -2.42 -1.57
N GLU A 26 -10.94 -1.87 -0.58
CA GLU A 26 -11.08 -0.43 -0.41
C GLU A 26 -9.75 0.18 0.04
N PRO A 27 -9.42 1.41 -0.40
CA PRO A 27 -8.19 2.06 -0.02
C PRO A 27 -8.18 2.39 1.47
N GLN A 28 -9.07 3.28 1.92
CA GLN A 28 -9.14 3.75 3.30
C GLN A 28 -9.23 2.56 4.26
N LYS A 29 -10.05 1.58 3.91
CA LYS A 29 -10.15 0.35 4.67
C LYS A 29 -8.79 -0.33 4.75
N PHE A 30 -8.20 -0.70 3.60
CA PHE A 30 -6.93 -1.42 3.60
C PHE A 30 -5.89 -0.66 4.41
N PHE A 31 -5.76 0.63 4.14
CA PHE A 31 -4.92 1.59 4.85
C PHE A 31 -4.98 1.39 6.36
N GLN A 32 -6.18 1.43 6.95
CA GLN A 32 -6.32 1.26 8.39
C GLN A 32 -5.97 -0.19 8.75
N THR A 33 -6.58 -1.14 8.05
CA THR A 33 -6.52 -2.55 8.36
C THR A 33 -5.11 -3.11 8.22
N SER A 34 -4.23 -2.43 7.46
CA SER A 34 -2.82 -2.79 7.27
C SER A 34 -1.92 -2.15 8.33
N GLY A 35 -2.48 -1.23 9.14
CA GLY A 35 -1.79 -0.66 10.28
C GLY A 35 -0.88 0.48 9.86
N LEU A 36 -0.94 0.88 8.60
CA LEU A 36 -0.15 1.97 8.08
C LEU A 36 -0.61 3.30 8.72
N SER A 37 -1.89 3.41 9.09
CA SER A 37 -2.38 4.47 9.97
C SER A 37 -1.66 4.48 11.32
N LYS A 38 -1.37 3.29 11.83
CA LYS A 38 -0.94 3.04 13.19
C LYS A 38 0.56 3.27 13.29
N MET A 39 1.26 3.08 12.16
CA MET A 39 2.70 3.20 12.07
C MET A 39 3.25 4.54 12.59
N SER A 40 2.91 5.65 11.91
CA SER A 40 3.45 7.01 12.02
C SER A 40 4.09 7.39 10.69
N ALA A 41 4.04 8.67 10.32
CA ALA A 41 4.78 9.22 9.19
C ALA A 41 6.20 8.68 9.13
N ASN A 42 6.84 8.51 10.29
CA ASN A 42 8.21 8.02 10.39
C ASN A 42 8.30 6.65 9.74
N GLN A 43 7.59 5.68 10.32
CA GLN A 43 7.58 4.31 9.84
C GLN A 43 7.06 4.24 8.41
N VAL A 44 6.03 5.02 8.07
CA VAL A 44 5.47 5.02 6.74
C VAL A 44 6.52 5.50 5.73
N LYS A 45 7.28 6.55 6.06
CA LYS A 45 8.38 7.01 5.24
C LYS A 45 9.42 5.88 5.08
N ASP A 46 9.71 5.15 6.15
CA ASP A 46 10.60 4.00 6.07
C ASP A 46 10.05 2.96 5.10
N VAL A 47 8.85 2.43 5.33
CA VAL A 47 8.29 1.39 4.46
C VAL A 47 8.24 1.86 3.00
N PHE A 48 7.87 3.12 2.77
CA PHE A 48 7.91 3.75 1.45
C PHE A 48 9.22 3.45 0.72
N ARG A 49 10.38 3.55 1.40
CA ARG A 49 11.66 3.23 0.76
C ARG A 49 11.68 1.80 0.23
N PHE A 50 11.08 0.87 0.99
CA PHE A 50 10.99 -0.53 0.60
C PHE A 50 9.97 -0.69 -0.55
N ILE A 51 8.91 0.12 -0.54
CA ILE A 51 7.89 0.11 -1.59
C ILE A 51 8.50 0.57 -2.92
N ASP A 52 9.12 1.75 -2.94
CA ASP A 52 9.72 2.32 -4.15
C ASP A 52 11.03 1.59 -4.43
N ASN A 53 10.92 0.31 -4.80
CA ASN A 53 12.02 -0.64 -4.98
C ASN A 53 13.11 -0.08 -5.88
N ASP A 54 12.67 0.60 -6.94
CA ASP A 54 13.50 1.26 -7.95
C ASP A 54 14.05 2.61 -7.46
N GLN A 55 13.39 3.22 -6.46
CA GLN A 55 13.72 4.51 -5.90
C GLN A 55 13.61 5.68 -6.90
N SER A 56 12.71 5.59 -7.88
CA SER A 56 12.36 6.75 -8.71
C SER A 56 11.80 7.89 -7.86
N GLY A 57 11.04 7.54 -6.81
CA GLY A 57 10.23 8.49 -6.08
C GLY A 57 8.83 8.65 -6.69
N TYR A 58 8.56 7.98 -7.83
CA TYR A 58 7.23 7.84 -8.39
C TYR A 58 6.79 6.39 -8.24
N LEU A 59 5.50 6.24 -7.92
CA LEU A 59 4.78 5.00 -7.78
C LEU A 59 3.67 5.00 -8.83
N ASP A 60 4.09 4.73 -10.06
CA ASP A 60 3.26 4.48 -11.22
C ASP A 60 2.46 3.17 -11.06
N GLU A 61 1.35 3.05 -11.79
CA GLU A 61 0.45 1.91 -11.69
C GLU A 61 1.18 0.56 -11.84
N GLU A 62 2.09 0.43 -12.81
CA GLU A 62 2.86 -0.79 -12.97
C GLU A 62 3.69 -1.11 -11.71
N GLU A 63 4.24 -0.10 -11.02
CA GLU A 63 4.88 -0.35 -9.73
C GLU A 63 3.84 -0.79 -8.71
N LEU A 64 2.66 -0.15 -8.68
CA LEU A 64 1.58 -0.63 -7.80
C LEU A 64 1.23 -2.08 -8.10
N LYS A 65 1.37 -2.52 -9.35
CA LYS A 65 1.15 -3.91 -9.75
C LYS A 65 2.27 -4.85 -9.30
N PHE A 66 3.30 -4.33 -8.61
CA PHE A 66 4.31 -5.14 -7.92
C PHE A 66 4.82 -4.32 -6.72
N PHE A 67 3.94 -4.14 -5.75
CA PHE A 67 4.08 -3.39 -4.51
C PHE A 67 3.96 -4.36 -3.33
N LEU A 68 2.80 -5.01 -3.19
CA LEU A 68 2.52 -5.93 -2.11
C LEU A 68 3.41 -7.18 -2.18
N GLN A 69 3.99 -7.51 -3.35
CA GLN A 69 4.88 -8.67 -3.45
C GLN A 69 6.14 -8.49 -2.56
N LYS A 70 6.39 -7.29 -2.02
CA LYS A 70 7.36 -7.15 -0.93
C LYS A 70 6.86 -7.85 0.33
N PHE A 71 5.60 -7.61 0.70
CA PHE A 71 5.05 -8.01 1.98
C PHE A 71 4.81 -9.51 2.02
N GLU A 72 4.27 -10.06 0.93
CA GLU A 72 3.91 -11.47 0.80
C GLU A 72 4.22 -11.93 -0.62
N SER A 73 3.92 -13.19 -0.95
CA SER A 73 4.21 -13.75 -2.27
C SER A 73 2.93 -14.16 -3.01
N GLY A 74 1.79 -13.57 -2.66
CA GLY A 74 0.52 -13.95 -3.29
C GLY A 74 -0.57 -12.95 -2.93
N ALA A 75 -0.25 -11.65 -3.01
CA ALA A 75 -1.20 -10.60 -2.70
C ALA A 75 -2.21 -10.41 -3.83
N ARG A 76 -2.70 -9.18 -3.97
CA ARG A 76 -3.75 -8.84 -4.92
C ARG A 76 -3.28 -7.87 -6.00
N GLU A 77 -2.05 -7.34 -5.91
CA GLU A 77 -1.56 -6.33 -6.85
C GLU A 77 -1.77 -6.71 -8.31
N LEU A 78 -1.68 -8.01 -8.59
CA LEU A 78 -2.05 -8.62 -9.84
C LEU A 78 -3.33 -7.99 -10.42
N THR A 79 -4.41 -7.93 -9.63
CA THR A 79 -5.68 -7.43 -10.10
C THR A 79 -5.66 -5.91 -10.15
N GLU A 80 -5.89 -5.40 -11.34
CA GLU A 80 -5.81 -3.99 -11.61
C GLU A 80 -6.93 -3.23 -10.89
N SER A 81 -8.12 -3.81 -10.72
CA SER A 81 -9.22 -3.14 -10.01
C SER A 81 -8.79 -2.75 -8.59
N GLU A 82 -8.41 -3.74 -7.78
CA GLU A 82 -7.93 -3.52 -6.43
C GLU A 82 -6.74 -2.56 -6.40
N THR A 83 -5.76 -2.75 -7.31
CA THR A 83 -4.63 -1.83 -7.39
C THR A 83 -5.16 -0.41 -7.60
N LYS A 84 -6.07 -0.25 -8.55
CA LYS A 84 -6.59 1.04 -8.95
C LYS A 84 -7.42 1.65 -7.83
N SER A 85 -8.11 0.83 -7.03
CA SER A 85 -8.80 1.26 -5.82
C SER A 85 -7.80 1.91 -4.86
N LEU A 86 -6.62 1.29 -4.66
CA LEU A 86 -5.56 1.92 -3.89
C LEU A 86 -5.10 3.22 -4.57
N MET A 87 -4.70 3.11 -5.83
CA MET A 87 -4.27 4.24 -6.64
C MET A 87 -5.23 5.42 -6.49
N ALA A 88 -6.53 5.16 -6.56
CA ALA A 88 -7.60 6.13 -6.57
C ALA A 88 -7.53 7.08 -5.37
N ALA A 89 -7.31 6.55 -4.16
CA ALA A 89 -7.21 7.38 -2.97
C ALA A 89 -5.79 7.92 -2.80
N ALA A 90 -4.80 7.07 -3.03
CA ALA A 90 -3.39 7.43 -2.88
C ALA A 90 -3.03 8.61 -3.77
N ASP A 91 -3.52 8.61 -5.01
CA ASP A 91 -3.28 9.68 -5.94
C ASP A 91 -4.12 10.89 -5.55
N ASN A 92 -3.62 11.74 -4.65
CA ASN A 92 -4.39 12.89 -4.16
C ASN A 92 -4.28 14.05 -5.17
N ASP A 93 -4.33 13.75 -6.47
CA ASP A 93 -4.20 14.71 -7.55
C ASP A 93 -5.38 14.54 -8.51
N GLY A 94 -5.51 13.32 -9.05
CA GLY A 94 -6.29 13.03 -10.23
C GLY A 94 -5.37 12.90 -11.45
N ASP A 95 -4.25 12.19 -11.29
CA ASP A 95 -3.30 11.88 -12.37
C ASP A 95 -3.04 10.37 -12.41
N GLY A 96 -2.67 9.78 -11.28
CA GLY A 96 -2.49 8.34 -11.12
C GLY A 96 -1.09 8.02 -10.60
N LYS A 97 -0.07 8.77 -11.03
CA LYS A 97 1.27 8.60 -10.51
C LYS A 97 1.29 9.10 -9.07
N ILE A 98 1.56 8.19 -8.14
CA ILE A 98 1.74 8.54 -6.73
C ILE A 98 3.23 8.84 -6.54
N GLY A 99 3.57 9.45 -5.40
CA GLY A 99 4.93 9.67 -4.96
C GLY A 99 4.94 9.52 -3.44
N ALA A 100 6.12 9.66 -2.84
CA ALA A 100 6.29 9.47 -1.41
C ALA A 100 5.32 10.36 -0.66
N GLU A 101 5.25 11.63 -1.08
CA GLU A 101 4.43 12.63 -0.45
C GLU A 101 2.97 12.19 -0.46
N GLU A 102 2.36 12.03 -1.65
CA GLU A 102 1.02 11.52 -1.79
C GLU A 102 0.77 10.26 -0.94
N PHE A 103 1.69 9.29 -0.99
CA PHE A 103 1.52 8.03 -0.27
C PHE A 103 1.43 8.30 1.24
N GLN A 104 2.42 9.01 1.76
CA GLN A 104 2.51 9.39 3.16
C GLN A 104 1.34 10.29 3.56
N GLU A 105 0.82 11.14 2.66
CA GLU A 105 -0.34 11.96 2.93
C GLU A 105 -1.55 11.07 3.15
N MET A 106 -1.85 10.18 2.20
CA MET A 106 -2.99 9.30 2.31
C MET A 106 -2.86 8.52 3.63
N VAL A 107 -1.70 7.90 3.82
CA VAL A 107 -1.46 7.03 4.95
C VAL A 107 -1.37 7.80 6.28
N HIS A 108 -0.85 9.02 6.31
CA HIS A 108 -0.71 9.75 7.57
C HIS A 108 -1.99 10.53 7.90
N SER A 109 -3.07 10.31 7.13
CA SER A 109 -4.34 10.96 7.36
C SER A 109 -5.12 10.28 8.50
CA CA B . -0.38 12.01 -8.16
CA CA C . 9.37 3.96 -8.11
N MET A 1 15.40 -7.61 6.84
CA MET A 1 14.06 -7.59 7.44
C MET A 1 13.10 -6.90 6.48
N SER A 2 11.82 -6.87 6.83
CA SER A 2 10.75 -6.22 6.09
C SER A 2 9.75 -5.75 7.13
N ILE A 3 8.73 -5.00 6.71
CA ILE A 3 7.64 -4.50 7.55
C ILE A 3 7.00 -5.60 8.42
N THR A 4 7.05 -6.84 7.94
CA THR A 4 6.70 -8.04 8.66
C THR A 4 7.28 -7.99 10.08
N ASP A 5 8.58 -7.70 10.20
CA ASP A 5 9.32 -7.75 11.45
C ASP A 5 9.18 -6.43 12.21
N VAL A 6 7.94 -5.93 12.30
CA VAL A 6 7.61 -4.71 13.03
C VAL A 6 6.26 -4.90 13.74
N LEU A 7 5.24 -5.18 12.94
CA LEU A 7 3.85 -5.28 13.37
C LEU A 7 3.05 -5.82 12.19
N SER A 8 3.22 -5.15 11.04
CA SER A 8 2.40 -5.26 9.86
C SER A 8 2.11 -6.68 9.38
N ALA A 9 2.90 -7.69 9.75
CA ALA A 9 2.56 -9.08 9.46
C ALA A 9 1.13 -9.41 9.90
N ASP A 10 0.78 -9.05 11.14
CA ASP A 10 -0.53 -9.34 11.69
C ASP A 10 -1.60 -8.58 10.92
N ASP A 11 -1.30 -7.31 10.64
CA ASP A 11 -2.20 -6.39 9.97
C ASP A 11 -2.51 -6.92 8.58
N ILE A 12 -1.47 -7.26 7.81
CA ILE A 12 -1.65 -7.80 6.47
C ILE A 12 -2.37 -9.14 6.51
N ALA A 13 -2.07 -10.01 7.48
CA ALA A 13 -2.81 -11.24 7.66
C ALA A 13 -4.31 -10.98 7.80
N ALA A 14 -4.70 -9.98 8.60
CA ALA A 14 -6.09 -9.55 8.68
C ALA A 14 -6.59 -9.03 7.33
N ALA A 15 -5.90 -8.02 6.78
CA ALA A 15 -6.24 -7.34 5.54
C ALA A 15 -6.54 -8.34 4.42
N LEU A 16 -5.64 -9.31 4.29
CA LEU A 16 -5.71 -10.41 3.35
C LEU A 16 -7.06 -11.10 3.41
N GLN A 17 -7.57 -11.30 4.63
CA GLN A 17 -8.74 -12.09 4.90
C GLN A 17 -9.99 -11.21 4.75
N GLU A 18 -9.96 -9.99 5.32
CA GLU A 18 -11.10 -9.09 5.27
C GLU A 18 -11.41 -8.71 3.82
N CYS A 19 -10.37 -8.41 3.03
CA CYS A 19 -10.48 -8.10 1.62
C CYS A 19 -9.95 -9.32 0.86
N ARG A 20 -10.65 -10.47 0.91
CA ARG A 20 -10.22 -11.68 0.18
C ARG A 20 -11.04 -11.93 -1.09
N ASP A 21 -12.04 -11.10 -1.38
CA ASP A 21 -12.98 -11.29 -2.47
C ASP A 21 -12.65 -10.37 -3.64
N PRO A 22 -13.03 -10.70 -4.89
CA PRO A 22 -12.70 -9.90 -6.06
C PRO A 22 -13.38 -8.54 -6.01
N ASP A 23 -12.57 -7.50 -6.15
CA ASP A 23 -12.94 -6.09 -6.23
C ASP A 23 -13.60 -5.63 -4.93
N THR A 24 -12.91 -5.88 -3.80
CA THR A 24 -13.38 -5.51 -2.45
C THR A 24 -12.45 -4.53 -1.74
N PHE A 25 -11.20 -4.41 -2.20
CA PHE A 25 -10.17 -3.60 -1.57
C PHE A 25 -10.61 -2.14 -1.54
N GLU A 26 -11.00 -1.64 -0.35
CA GLU A 26 -11.13 -0.20 -0.14
C GLU A 26 -9.77 0.37 0.28
N PRO A 27 -9.42 1.58 -0.17
CA PRO A 27 -8.15 2.20 0.15
C PRO A 27 -8.07 2.51 1.65
N GLN A 28 -8.89 3.45 2.13
CA GLN A 28 -8.87 3.88 3.53
C GLN A 28 -9.04 2.68 4.47
N LYS A 29 -9.96 1.78 4.11
CA LYS A 29 -10.14 0.52 4.81
C LYS A 29 -8.79 -0.20 4.93
N PHE A 30 -8.25 -0.70 3.81
CA PHE A 30 -7.05 -1.51 3.79
C PHE A 30 -5.89 -0.78 4.47
N PHE A 31 -5.81 0.52 4.28
CA PHE A 31 -4.84 1.42 4.88
C PHE A 31 -4.86 1.29 6.40
N GLN A 32 -6.01 1.57 7.03
CA GLN A 32 -6.10 1.47 8.48
C GLN A 32 -5.80 0.03 8.89
N THR A 33 -6.38 -0.91 8.16
CA THR A 33 -6.29 -2.30 8.46
C THR A 33 -4.88 -2.85 8.35
N SER A 34 -4.08 -2.27 7.45
CA SER A 34 -2.68 -2.60 7.28
C SER A 34 -1.87 -1.97 8.44
N GLY A 35 -2.54 -1.27 9.35
CA GLY A 35 -1.89 -0.66 10.51
C GLY A 35 -1.10 0.58 10.12
N LEU A 36 -1.20 1.00 8.85
CA LEU A 36 -0.35 2.04 8.32
C LEU A 36 -0.72 3.40 8.91
N SER A 37 -1.97 3.57 9.36
CA SER A 37 -2.41 4.74 10.11
C SER A 37 -1.71 4.81 11.47
N LYS A 38 -1.33 3.65 12.01
CA LYS A 38 -0.68 3.55 13.30
C LYS A 38 0.81 3.73 13.11
N MET A 39 1.36 3.26 11.98
CA MET A 39 2.76 3.57 11.70
C MET A 39 2.99 5.09 11.65
N SER A 40 4.03 5.58 12.34
CA SER A 40 4.36 7.00 12.34
C SER A 40 4.93 7.39 10.97
N ALA A 41 4.88 8.69 10.64
CA ALA A 41 5.43 9.25 9.40
C ALA A 41 6.82 8.71 9.05
N ASN A 42 7.64 8.48 10.08
CA ASN A 42 8.96 7.87 9.96
C ASN A 42 8.82 6.51 9.28
N GLN A 43 8.08 5.61 9.94
CA GLN A 43 7.86 4.26 9.46
C GLN A 43 7.18 4.31 8.10
N VAL A 44 6.14 5.14 7.92
CA VAL A 44 5.41 5.19 6.67
C VAL A 44 6.36 5.53 5.51
N LYS A 45 7.22 6.52 5.72
CA LYS A 45 8.16 6.90 4.69
C LYS A 45 9.28 5.86 4.53
N ASP A 46 9.65 5.14 5.59
CA ASP A 46 10.55 4.01 5.46
C ASP A 46 9.91 2.91 4.59
N VAL A 47 8.74 2.40 4.99
CA VAL A 47 8.05 1.35 4.25
C VAL A 47 7.88 1.76 2.78
N PHE A 48 7.47 3.00 2.52
CA PHE A 48 7.45 3.56 1.16
C PHE A 48 8.72 3.19 0.38
N ARG A 49 9.91 3.42 0.95
CA ARG A 49 11.17 3.10 0.30
C ARG A 49 11.33 1.58 0.12
N PHE A 50 10.81 0.80 1.07
CA PHE A 50 10.82 -0.66 0.96
C PHE A 50 10.00 -1.09 -0.26
N ILE A 51 8.86 -0.43 -0.49
CA ILE A 51 7.92 -0.82 -1.54
C ILE A 51 8.29 -0.27 -2.93
N ASP A 52 8.62 1.02 -3.07
CA ASP A 52 9.17 1.55 -4.33
C ASP A 52 10.60 1.03 -4.43
N ASN A 53 10.75 -0.27 -4.68
CA ASN A 53 12.00 -1.03 -4.69
C ASN A 53 13.01 -0.44 -5.69
N ASP A 54 12.49 0.04 -6.81
CA ASP A 54 13.19 0.83 -7.82
C ASP A 54 13.77 2.12 -7.24
N GLN A 55 13.18 2.65 -6.17
CA GLN A 55 13.50 3.94 -5.57
C GLN A 55 13.53 5.03 -6.64
N SER A 56 12.39 5.15 -7.31
CA SER A 56 12.11 6.22 -8.26
C SER A 56 11.69 7.48 -7.51
N GLY A 57 10.84 7.31 -6.48
CA GLY A 57 10.19 8.42 -5.81
C GLY A 57 8.66 8.35 -5.97
N TYR A 58 8.17 7.73 -7.05
CA TYR A 58 6.75 7.62 -7.35
C TYR A 58 6.33 6.16 -7.40
N LEU A 59 5.16 5.84 -6.85
CA LEU A 59 4.53 4.55 -7.04
C LEU A 59 3.74 4.63 -8.34
N ASP A 60 4.48 4.57 -9.45
CA ASP A 60 3.95 4.46 -10.80
C ASP A 60 3.01 3.23 -10.89
N GLU A 61 2.06 3.24 -11.84
CA GLU A 61 1.08 2.15 -12.01
C GLU A 61 1.73 0.76 -11.90
N GLU A 62 2.76 0.50 -12.69
CA GLU A 62 3.50 -0.75 -12.64
C GLU A 62 4.08 -1.07 -11.26
N GLU A 63 4.53 -0.10 -10.47
CA GLU A 63 4.97 -0.43 -9.11
C GLU A 63 3.78 -0.92 -8.30
N LEU A 64 2.61 -0.31 -8.51
CA LEU A 64 1.37 -0.82 -7.95
C LEU A 64 0.88 -2.09 -8.66
N LYS A 65 1.72 -2.76 -9.47
CA LYS A 65 1.49 -4.14 -9.88
C LYS A 65 2.30 -5.08 -8.99
N PHE A 66 3.06 -4.55 -8.01
CA PHE A 66 3.88 -5.33 -7.11
C PHE A 66 4.01 -4.67 -5.73
N PHE A 67 2.99 -3.95 -5.25
CA PHE A 67 3.03 -3.26 -3.95
C PHE A 67 3.12 -4.32 -2.82
N LEU A 68 2.05 -5.06 -2.53
CA LEU A 68 2.04 -6.11 -1.53
C LEU A 68 2.95 -7.30 -1.88
N GLN A 69 3.36 -7.44 -3.14
CA GLN A 69 4.29 -8.50 -3.53
C GLN A 69 5.60 -8.42 -2.73
N LYS A 70 6.06 -7.21 -2.36
CA LYS A 70 7.23 -7.07 -1.51
C LYS A 70 6.89 -7.21 -0.02
N PHE A 71 5.61 -7.16 0.36
CA PHE A 71 5.22 -7.47 1.73
C PHE A 71 5.28 -8.98 1.92
N GLU A 72 4.54 -9.72 1.08
CA GLU A 72 4.31 -11.14 1.23
C GLU A 72 4.88 -11.92 0.05
N SER A 73 4.35 -11.68 -1.16
CA SER A 73 4.56 -12.40 -2.40
C SER A 73 3.32 -13.27 -2.65
N GLY A 74 2.64 -12.99 -3.76
CA GLY A 74 1.40 -13.65 -4.15
C GLY A 74 0.17 -12.92 -3.61
N ALA A 75 0.31 -11.61 -3.35
CA ALA A 75 -0.79 -10.76 -2.90
C ALA A 75 -1.56 -10.19 -4.09
N ARG A 76 -2.67 -9.51 -3.80
CA ARG A 76 -3.72 -9.09 -4.73
C ARG A 76 -3.25 -8.26 -5.94
N GLU A 77 -2.03 -7.74 -5.91
CA GLU A 77 -1.46 -6.81 -6.88
C GLU A 77 -1.86 -7.08 -8.33
N LEU A 78 -1.87 -8.36 -8.70
CA LEU A 78 -2.27 -8.82 -10.02
C LEU A 78 -3.62 -8.21 -10.46
N THR A 79 -4.62 -8.11 -9.57
CA THR A 79 -5.89 -7.51 -9.91
C THR A 79 -5.76 -6.01 -10.09
N GLU A 80 -5.88 -5.58 -11.33
CA GLU A 80 -5.76 -4.19 -11.72
C GLU A 80 -6.81 -3.35 -11.00
N SER A 81 -8.06 -3.83 -10.90
CA SER A 81 -9.13 -3.15 -10.19
C SER A 81 -8.73 -2.79 -8.75
N GLU A 82 -8.30 -3.78 -7.97
CA GLU A 82 -8.02 -3.61 -6.55
C GLU A 82 -6.81 -2.68 -6.39
N THR A 83 -5.80 -2.88 -7.24
CA THR A 83 -4.65 -1.98 -7.34
C THR A 83 -5.15 -0.57 -7.57
N LYS A 84 -6.02 -0.40 -8.56
CA LYS A 84 -6.43 0.90 -9.02
C LYS A 84 -7.39 1.54 -8.02
N SER A 85 -8.08 0.74 -7.18
CA SER A 85 -8.81 1.22 -6.02
C SER A 85 -7.83 1.86 -5.01
N LEU A 86 -6.68 1.21 -4.76
CA LEU A 86 -5.61 1.84 -3.98
C LEU A 86 -5.18 3.12 -4.70
N MET A 87 -4.67 2.99 -5.94
CA MET A 87 -4.17 4.13 -6.71
C MET A 87 -5.14 5.32 -6.68
N ALA A 88 -6.42 5.06 -6.97
CA ALA A 88 -7.47 6.04 -7.14
C ALA A 88 -7.57 7.00 -5.95
N ALA A 89 -7.42 6.48 -4.73
CA ALA A 89 -7.46 7.30 -3.52
C ALA A 89 -6.09 7.81 -3.13
N ALA A 90 -5.05 6.98 -3.33
CA ALA A 90 -3.68 7.37 -3.04
C ALA A 90 -3.29 8.61 -3.83
N ASP A 91 -3.64 8.63 -5.11
CA ASP A 91 -3.42 9.80 -5.93
C ASP A 91 -4.32 10.92 -5.42
N ASN A 92 -3.73 12.05 -5.01
CA ASN A 92 -4.49 13.21 -4.57
C ASN A 92 -4.52 14.32 -5.63
N ASP A 93 -4.06 14.06 -6.87
CA ASP A 93 -4.17 15.00 -7.98
C ASP A 93 -5.42 14.72 -8.80
N GLY A 94 -5.59 13.48 -9.23
CA GLY A 94 -6.40 13.12 -10.40
C GLY A 94 -5.47 12.98 -11.60
N ASP A 95 -4.37 12.23 -11.43
CA ASP A 95 -3.42 11.86 -12.47
C ASP A 95 -3.19 10.36 -12.45
N GLY A 96 -2.63 9.82 -11.37
CA GLY A 96 -2.33 8.42 -11.17
C GLY A 96 -0.98 8.28 -10.48
N LYS A 97 0.05 8.96 -10.99
CA LYS A 97 1.35 9.01 -10.36
C LYS A 97 1.20 9.44 -8.89
N ILE A 98 1.77 8.68 -7.96
CA ILE A 98 1.67 8.86 -6.52
C ILE A 98 3.06 9.11 -5.98
N GLY A 99 3.35 10.34 -5.58
CA GLY A 99 4.60 10.64 -4.89
C GLY A 99 4.65 9.97 -3.52
N ALA A 100 5.85 9.87 -2.93
CA ALA A 100 6.01 9.50 -1.53
C ALA A 100 5.14 10.38 -0.65
N GLU A 101 5.07 11.66 -1.03
CA GLU A 101 4.27 12.66 -0.35
C GLU A 101 2.79 12.25 -0.36
N GLU A 102 2.23 12.00 -1.55
CA GLU A 102 0.87 11.51 -1.71
C GLU A 102 0.64 10.25 -0.86
N PHE A 103 1.58 9.30 -0.92
CA PHE A 103 1.51 8.08 -0.12
C PHE A 103 1.39 8.41 1.37
N GLN A 104 2.36 9.14 1.94
CA GLN A 104 2.31 9.55 3.34
C GLN A 104 1.01 10.32 3.63
N GLU A 105 0.54 11.14 2.69
CA GLU A 105 -0.70 11.89 2.84
C GLU A 105 -1.86 10.93 3.11
N MET A 106 -2.15 10.01 2.18
CA MET A 106 -3.23 9.06 2.43
C MET A 106 -2.95 8.29 3.72
N VAL A 107 -1.70 7.85 3.90
CA VAL A 107 -1.33 7.02 5.04
C VAL A 107 -1.38 7.79 6.37
N HIS A 108 -1.41 9.12 6.34
CA HIS A 108 -1.54 9.90 7.56
C HIS A 108 -2.99 9.87 8.08
N SER A 109 -3.95 9.61 7.18
CA SER A 109 -5.38 9.85 7.39
C SER A 109 -5.95 9.16 8.64
CA CA B . -0.83 12.24 -7.99
CA CA C . 8.40 3.62 -8.96
N MET A 1 16.11 -6.49 8.44
CA MET A 1 14.66 -6.65 8.71
C MET A 1 13.92 -6.34 7.42
N SER A 2 12.60 -6.51 7.45
CA SER A 2 11.67 -5.91 6.53
C SER A 2 10.39 -5.73 7.33
N ILE A 3 9.34 -5.19 6.71
CA ILE A 3 8.09 -4.83 7.35
C ILE A 3 7.48 -6.02 8.11
N THR A 4 7.74 -7.23 7.60
CA THR A 4 7.36 -8.48 8.20
C THR A 4 7.85 -8.55 9.66
N ASP A 5 9.09 -8.12 9.89
CA ASP A 5 9.81 -8.22 11.15
C ASP A 5 9.73 -6.89 11.89
N VAL A 6 8.52 -6.30 11.89
CA VAL A 6 8.21 -5.05 12.59
C VAL A 6 6.85 -5.21 13.27
N LEU A 7 5.83 -5.47 12.47
CA LEU A 7 4.44 -5.61 12.91
C LEU A 7 3.63 -6.13 11.73
N SER A 8 3.84 -5.51 10.57
CA SER A 8 3.00 -5.66 9.39
C SER A 8 2.66 -7.09 8.97
N ALA A 9 3.46 -8.10 9.34
CA ALA A 9 3.06 -9.49 9.16
C ALA A 9 1.63 -9.77 9.70
N ASP A 10 1.30 -9.21 10.87
CA ASP A 10 -0.03 -9.33 11.44
C ASP A 10 -1.05 -8.55 10.59
N ASP A 11 -0.64 -7.37 10.13
CA ASP A 11 -1.49 -6.49 9.36
C ASP A 11 -1.92 -7.18 8.06
N ILE A 12 -0.96 -7.78 7.36
CA ILE A 12 -1.24 -8.42 6.11
C ILE A 12 -2.16 -9.61 6.33
N ALA A 13 -1.98 -10.36 7.42
CA ALA A 13 -2.89 -11.43 7.79
C ALA A 13 -4.33 -10.91 7.94
N ALA A 14 -4.52 -9.78 8.63
CA ALA A 14 -5.83 -9.14 8.72
C ALA A 14 -6.36 -8.78 7.33
N ALA A 15 -5.64 -7.92 6.60
CA ALA A 15 -6.04 -7.43 5.29
C ALA A 15 -6.41 -8.58 4.36
N LEU A 16 -5.57 -9.61 4.36
CA LEU A 16 -5.74 -10.84 3.59
C LEU A 16 -7.15 -11.43 3.74
N GLN A 17 -7.71 -11.48 4.96
CA GLN A 17 -9.07 -11.99 5.16
C GLN A 17 -10.10 -10.89 4.97
N GLU A 18 -9.91 -9.74 5.62
CA GLU A 18 -10.83 -8.62 5.59
C GLU A 18 -11.19 -8.25 4.14
N CYS A 19 -10.18 -8.14 3.28
CA CYS A 19 -10.32 -7.87 1.85
C CYS A 19 -9.90 -9.11 1.08
N ARG A 20 -10.55 -10.24 1.32
CA ARG A 20 -10.26 -11.49 0.61
C ARG A 20 -10.98 -11.51 -0.72
N ASP A 21 -12.30 -11.30 -0.66
CA ASP A 21 -13.19 -11.41 -1.79
C ASP A 21 -12.76 -10.44 -2.90
N PRO A 22 -12.89 -10.83 -4.17
CA PRO A 22 -12.40 -10.03 -5.28
C PRO A 22 -13.15 -8.71 -5.37
N ASP A 23 -12.38 -7.63 -5.57
CA ASP A 23 -12.81 -6.26 -5.72
C ASP A 23 -13.51 -5.74 -4.45
N THR A 24 -13.02 -6.15 -3.27
CA THR A 24 -13.48 -5.65 -1.97
C THR A 24 -12.47 -4.65 -1.40
N PHE A 25 -11.39 -4.38 -2.11
CA PHE A 25 -10.32 -3.54 -1.59
C PHE A 25 -10.77 -2.09 -1.51
N GLU A 26 -10.43 -1.41 -0.43
CA GLU A 26 -10.61 0.02 -0.27
C GLU A 26 -9.31 0.63 0.26
N PRO A 27 -9.01 1.89 -0.10
CA PRO A 27 -7.80 2.59 0.30
C PRO A 27 -7.79 2.83 1.81
N GLN A 28 -8.63 3.74 2.30
CA GLN A 28 -8.70 4.10 3.72
C GLN A 28 -8.88 2.86 4.59
N LYS A 29 -9.79 1.98 4.16
CA LYS A 29 -9.97 0.66 4.76
C LYS A 29 -8.60 -0.03 4.91
N PHE A 30 -7.90 -0.25 3.79
CA PHE A 30 -6.61 -0.91 3.81
C PHE A 30 -5.63 -0.18 4.72
N PHE A 31 -5.53 1.14 4.63
CA PHE A 31 -4.60 1.92 5.46
C PHE A 31 -4.81 1.64 6.95
N GLN A 32 -6.07 1.51 7.38
CA GLN A 32 -6.37 1.16 8.76
C GLN A 32 -6.07 -0.31 9.01
N THR A 33 -6.63 -1.21 8.21
CA THR A 33 -6.56 -2.64 8.44
C THR A 33 -5.10 -3.09 8.48
N SER A 34 -4.29 -2.51 7.62
CA SER A 34 -2.88 -2.82 7.46
C SER A 34 -2.02 -2.02 8.43
N GLY A 35 -2.59 -1.27 9.37
CA GLY A 35 -1.83 -0.66 10.47
C GLY A 35 -0.99 0.54 10.03
N LEU A 36 -0.78 0.70 8.73
CA LEU A 36 -0.04 1.77 8.10
C LEU A 36 -0.60 3.16 8.46
N SER A 37 -1.90 3.28 8.73
CA SER A 37 -2.50 4.49 9.29
C SER A 37 -2.08 4.72 10.73
N LYS A 38 -1.87 3.64 11.49
CA LYS A 38 -1.45 3.71 12.87
C LYS A 38 0.04 4.08 12.90
N MET A 39 0.80 3.57 11.94
CA MET A 39 2.19 3.96 11.77
C MET A 39 2.25 5.42 11.35
N SER A 40 2.91 6.26 12.15
CA SER A 40 3.12 7.65 11.76
C SER A 40 4.00 7.70 10.51
N ALA A 41 3.97 8.85 9.83
CA ALA A 41 4.74 9.16 8.63
C ALA A 41 6.15 8.56 8.68
N ASN A 42 6.81 8.71 9.84
CA ASN A 42 8.11 8.12 10.16
C ASN A 42 8.24 6.70 9.61
N GLN A 43 7.32 5.82 10.01
CA GLN A 43 7.35 4.42 9.63
C GLN A 43 6.90 4.25 8.19
N VAL A 44 5.92 5.04 7.73
CA VAL A 44 5.47 4.92 6.35
C VAL A 44 6.66 5.24 5.43
N LYS A 45 7.54 6.18 5.81
CA LYS A 45 8.77 6.46 5.09
C LYS A 45 9.65 5.21 4.96
N ASP A 46 9.88 4.50 6.07
CA ASP A 46 10.65 3.26 6.03
C ASP A 46 10.02 2.28 5.04
N VAL A 47 8.72 2.02 5.16
CA VAL A 47 8.10 1.09 4.21
C VAL A 47 8.24 1.60 2.78
N PHE A 48 7.99 2.89 2.53
CA PHE A 48 8.09 3.50 1.20
C PHE A 48 9.40 3.14 0.50
N ARG A 49 10.53 3.27 1.19
CA ARG A 49 11.80 2.92 0.58
C ARG A 49 11.86 1.45 0.17
N PHE A 50 11.13 0.58 0.87
CA PHE A 50 10.95 -0.80 0.45
C PHE A 50 10.04 -0.86 -0.78
N ILE A 51 8.96 -0.07 -0.80
CA ILE A 51 7.96 -0.10 -1.87
C ILE A 51 8.56 0.39 -3.20
N ASP A 52 9.20 1.56 -3.23
CA ASP A 52 9.96 2.04 -4.39
C ASP A 52 11.16 1.12 -4.58
N ASN A 53 10.91 -0.07 -5.11
CA ASN A 53 11.92 -1.08 -5.37
C ASN A 53 12.86 -0.57 -6.47
N ASP A 54 12.34 0.25 -7.39
CA ASP A 54 13.14 0.97 -8.37
C ASP A 54 14.03 2.00 -7.67
N GLN A 55 13.46 2.74 -6.70
CA GLN A 55 14.06 3.70 -5.78
C GLN A 55 13.81 5.15 -6.20
N SER A 56 12.94 5.40 -7.17
CA SER A 56 12.80 6.73 -7.75
C SER A 56 12.13 7.71 -6.80
N GLY A 57 11.10 7.28 -6.06
CA GLY A 57 10.37 8.14 -5.12
C GLY A 57 8.93 8.37 -5.58
N TYR A 58 8.69 8.28 -6.88
CA TYR A 58 7.34 8.21 -7.41
C TYR A 58 6.86 6.77 -7.26
N LEU A 59 5.63 6.58 -6.78
CA LEU A 59 4.98 5.29 -6.73
C LEU A 59 4.20 5.16 -8.03
N ASP A 60 4.97 4.98 -9.11
CA ASP A 60 4.47 4.83 -10.46
C ASP A 60 3.53 3.61 -10.52
N GLU A 61 2.62 3.54 -11.50
CA GLU A 61 1.59 2.50 -11.57
C GLU A 61 2.17 1.10 -11.28
N GLU A 62 3.24 0.75 -11.97
CA GLU A 62 3.93 -0.52 -11.80
C GLU A 62 4.45 -0.77 -10.39
N GLU A 63 4.85 0.24 -9.60
CA GLU A 63 5.13 -0.01 -8.18
C GLU A 63 3.86 -0.58 -7.53
N LEU A 64 2.71 0.01 -7.86
CA LEU A 64 1.41 -0.47 -7.41
C LEU A 64 0.97 -1.76 -8.14
N LYS A 65 1.88 -2.41 -8.87
CA LYS A 65 1.73 -3.77 -9.38
C LYS A 65 2.56 -4.74 -8.53
N PHE A 66 3.24 -4.26 -7.47
CA PHE A 66 3.92 -5.15 -6.53
C PHE A 66 4.01 -4.56 -5.10
N PHE A 67 3.08 -3.70 -4.70
CA PHE A 67 3.07 -3.07 -3.38
C PHE A 67 3.08 -4.16 -2.29
N LEU A 68 2.02 -4.97 -2.21
CA LEU A 68 1.91 -6.02 -1.21
C LEU A 68 2.68 -7.29 -1.60
N GLN A 69 3.06 -7.47 -2.88
CA GLN A 69 3.88 -8.61 -3.30
C GLN A 69 5.17 -8.66 -2.48
N LYS A 70 5.70 -7.50 -2.10
CA LYS A 70 6.88 -7.43 -1.24
C LYS A 70 6.64 -8.06 0.13
N PHE A 71 5.39 -8.14 0.56
CA PHE A 71 4.98 -8.62 1.88
C PHE A 71 4.54 -10.08 1.80
N GLU A 72 3.67 -10.39 0.84
CA GLU A 72 2.97 -11.67 0.72
C GLU A 72 2.98 -12.11 -0.75
N SER A 73 3.27 -13.38 -1.00
CA SER A 73 3.60 -13.91 -2.31
C SER A 73 2.50 -13.76 -3.34
N GLY A 74 1.24 -13.84 -2.91
CA GLY A 74 0.06 -13.86 -3.76
C GLY A 74 -0.85 -12.67 -3.45
N ALA A 75 -0.27 -11.57 -2.95
CA ALA A 75 -1.06 -10.40 -2.64
C ALA A 75 -1.68 -9.81 -3.91
N ARG A 76 -2.80 -9.11 -3.76
CA ARG A 76 -3.73 -8.81 -4.84
C ARG A 76 -3.23 -7.79 -5.88
N GLU A 77 -1.92 -7.52 -5.96
CA GLU A 77 -1.36 -6.53 -6.85
C GLU A 77 -1.74 -6.81 -8.30
N LEU A 78 -1.84 -8.08 -8.64
CA LEU A 78 -2.24 -8.55 -9.96
C LEU A 78 -3.63 -7.99 -10.33
N THR A 79 -4.57 -7.88 -9.38
CA THR A 79 -5.90 -7.39 -9.71
C THR A 79 -5.83 -5.89 -9.92
N GLU A 80 -5.95 -5.50 -11.20
CA GLU A 80 -5.88 -4.12 -11.61
C GLU A 80 -6.92 -3.28 -10.88
N SER A 81 -8.15 -3.78 -10.71
CA SER A 81 -9.20 -3.09 -9.99
C SER A 81 -8.80 -2.80 -8.53
N GLU A 82 -8.39 -3.80 -7.76
CA GLU A 82 -7.97 -3.60 -6.38
C GLU A 82 -6.79 -2.64 -6.32
N THR A 83 -5.80 -2.84 -7.20
CA THR A 83 -4.69 -1.91 -7.30
C THR A 83 -5.23 -0.49 -7.53
N LYS A 84 -6.17 -0.35 -8.48
CA LYS A 84 -6.73 0.92 -8.86
C LYS A 84 -7.55 1.54 -7.73
N SER A 85 -8.14 0.75 -6.85
CA SER A 85 -8.77 1.24 -5.63
C SER A 85 -7.75 2.02 -4.78
N LEU A 86 -6.54 1.48 -4.60
CA LEU A 86 -5.47 2.20 -3.92
C LEU A 86 -5.08 3.44 -4.73
N MET A 87 -4.68 3.23 -5.99
CA MET A 87 -4.34 4.30 -6.93
C MET A 87 -5.31 5.49 -6.80
N ALA A 88 -6.61 5.19 -6.90
CA ALA A 88 -7.71 6.12 -7.01
C ALA A 88 -7.70 7.15 -5.88
N ALA A 89 -7.54 6.70 -4.64
CA ALA A 89 -7.48 7.62 -3.50
C ALA A 89 -6.09 8.21 -3.37
N ALA A 90 -5.05 7.38 -3.44
CA ALA A 90 -3.67 7.83 -3.25
C ALA A 90 -3.34 8.98 -4.20
N ASP A 91 -3.84 8.90 -5.44
CA ASP A 91 -3.63 9.93 -6.43
C ASP A 91 -4.57 11.11 -6.16
N ASN A 92 -4.04 12.20 -5.60
CA ASN A 92 -4.81 13.38 -5.24
C ASN A 92 -4.74 14.42 -6.36
N ASP A 93 -4.54 13.97 -7.60
CA ASP A 93 -4.48 14.82 -8.79
C ASP A 93 -5.59 14.42 -9.75
N GLY A 94 -5.66 13.11 -10.05
CA GLY A 94 -6.30 12.59 -11.23
C GLY A 94 -5.26 12.47 -12.35
N ASP A 95 -4.06 11.98 -12.01
CA ASP A 95 -3.01 11.66 -12.97
C ASP A 95 -2.62 10.19 -12.86
N GLY A 96 -2.08 9.78 -11.72
CA GLY A 96 -1.69 8.39 -11.47
C GLY A 96 -0.25 8.30 -11.01
N LYS A 97 0.62 9.20 -11.48
CA LYS A 97 1.90 9.43 -10.86
C LYS A 97 1.65 9.84 -9.40
N ILE A 98 1.83 8.89 -8.49
CA ILE A 98 1.71 9.10 -7.06
C ILE A 98 3.12 9.36 -6.54
N GLY A 99 3.23 10.18 -5.49
CA GLY A 99 4.46 10.50 -4.80
C GLY A 99 4.38 10.01 -3.36
N ALA A 100 5.51 10.05 -2.65
CA ALA A 100 5.56 9.63 -1.26
C ALA A 100 4.60 10.50 -0.46
N GLU A 101 4.68 11.82 -0.63
CA GLU A 101 3.79 12.75 0.03
C GLU A 101 2.32 12.40 -0.23
N GLU A 102 1.93 12.30 -1.51
CA GLU A 102 0.60 11.88 -1.95
C GLU A 102 0.14 10.63 -1.19
N PHE A 103 0.95 9.55 -1.21
CA PHE A 103 0.52 8.32 -0.54
C PHE A 103 0.52 8.48 0.98
N GLN A 104 1.51 9.18 1.57
CA GLN A 104 1.63 9.38 3.01
C GLN A 104 0.37 10.06 3.51
N GLU A 105 -0.07 11.15 2.88
CA GLU A 105 -1.31 11.81 3.27
C GLU A 105 -2.45 10.79 3.37
N MET A 106 -2.67 10.04 2.28
CA MET A 106 -3.74 9.06 2.24
C MET A 106 -3.58 8.02 3.34
N VAL A 107 -2.43 7.33 3.36
CA VAL A 107 -2.10 6.32 4.35
C VAL A 107 -2.30 6.85 5.77
N HIS A 108 -1.84 8.07 6.03
CA HIS A 108 -1.80 8.68 7.35
C HIS A 108 -3.20 9.09 7.81
N SER A 109 -4.19 9.03 6.92
CA SER A 109 -5.57 9.35 7.23
C SER A 109 -6.22 8.28 8.11
CA CA B . -0.67 12.20 -8.45
CA CA C . 9.15 4.34 -8.46
N MET A 1 14.47 -7.75 12.87
CA MET A 1 13.19 -7.82 12.16
C MET A 1 13.21 -6.80 11.04
N SER A 2 12.26 -6.92 10.11
CA SER A 2 12.00 -5.97 9.04
C SER A 2 10.49 -5.74 9.03
N ILE A 3 9.99 -4.94 8.09
CA ILE A 3 8.57 -4.61 7.95
C ILE A 3 7.69 -5.85 8.05
N THR A 4 8.11 -6.94 7.40
CA THR A 4 7.47 -8.23 7.38
C THR A 4 7.87 -8.95 8.68
N ASP A 5 7.57 -8.33 9.83
CA ASP A 5 7.78 -8.85 11.17
C ASP A 5 7.42 -7.76 12.19
N VAL A 6 7.96 -6.56 11.97
CA VAL A 6 7.92 -5.43 12.90
C VAL A 6 6.53 -5.21 13.50
N LEU A 7 5.53 -5.33 12.62
CA LEU A 7 4.15 -5.01 12.88
C LEU A 7 3.38 -5.42 11.62
N SER A 8 3.77 -4.80 10.51
CA SER A 8 3.07 -4.87 9.25
C SER A 8 2.76 -6.30 8.80
N ALA A 9 3.56 -7.30 9.17
CA ALA A 9 3.24 -8.71 8.94
C ALA A 9 1.83 -9.10 9.41
N ASP A 10 1.45 -8.67 10.62
CA ASP A 10 0.14 -8.98 11.16
C ASP A 10 -0.93 -8.26 10.33
N ASP A 11 -0.65 -7.00 10.00
CA ASP A 11 -1.58 -6.15 9.30
C ASP A 11 -1.84 -6.72 7.90
N ILE A 12 -0.78 -7.04 7.15
CA ILE A 12 -0.91 -7.64 5.85
C ILE A 12 -1.63 -8.99 5.93
N ALA A 13 -1.34 -9.81 6.94
CA ALA A 13 -2.07 -11.06 7.16
C ALA A 13 -3.58 -10.79 7.26
N ALA A 14 -3.98 -9.73 7.98
CA ALA A 14 -5.38 -9.31 7.97
C ALA A 14 -5.82 -8.87 6.57
N ALA A 15 -5.07 -7.94 5.96
CA ALA A 15 -5.41 -7.32 4.68
C ALA A 15 -5.67 -8.38 3.61
N LEU A 16 -4.81 -9.39 3.58
CA LEU A 16 -4.92 -10.57 2.73
C LEU A 16 -6.33 -11.15 2.82
N GLN A 17 -6.84 -11.32 4.05
CA GLN A 17 -8.17 -11.89 4.28
C GLN A 17 -9.30 -10.86 4.14
N GLU A 18 -9.06 -9.58 4.39
CA GLU A 18 -10.13 -8.61 4.19
C GLU A 18 -10.37 -8.42 2.68
N CYS A 19 -9.29 -8.43 1.89
CA CYS A 19 -9.33 -8.39 0.41
C CYS A 19 -9.33 -9.79 -0.21
N ARG A 20 -10.03 -10.78 0.37
CA ARG A 20 -10.19 -12.07 -0.29
C ARG A 20 -11.14 -11.94 -1.46
N ASP A 21 -12.19 -11.12 -1.27
CA ASP A 21 -13.25 -10.93 -2.22
C ASP A 21 -12.81 -9.87 -3.25
N PRO A 22 -13.15 -10.02 -4.55
CA PRO A 22 -12.73 -9.12 -5.61
C PRO A 22 -13.39 -7.74 -5.48
N ASP A 23 -12.68 -6.71 -5.96
CA ASP A 23 -13.11 -5.32 -5.97
C ASP A 23 -13.52 -4.79 -4.58
N THR A 24 -13.09 -5.44 -3.50
CA THR A 24 -13.49 -5.15 -2.13
C THR A 24 -12.53 -4.16 -1.48
N PHE A 25 -11.29 -4.12 -1.96
CA PHE A 25 -10.26 -3.21 -1.49
C PHE A 25 -10.81 -1.79 -1.45
N GLU A 26 -10.77 -1.15 -0.29
CA GLU A 26 -11.03 0.29 -0.13
C GLU A 26 -9.74 0.97 0.34
N PRO A 27 -9.54 2.27 0.04
CA PRO A 27 -8.32 2.99 0.36
C PRO A 27 -8.15 3.15 1.87
N GLN A 28 -8.97 3.97 2.53
CA GLN A 28 -8.90 4.23 3.96
C GLN A 28 -8.94 2.91 4.74
N LYS A 29 -9.89 2.04 4.35
CA LYS A 29 -9.99 0.68 4.85
C LYS A 29 -8.61 0.04 4.86
N PHE A 30 -8.02 -0.14 3.68
CA PHE A 30 -6.75 -0.81 3.53
C PHE A 30 -5.64 -0.10 4.31
N PHE A 31 -5.57 1.24 4.24
CA PHE A 31 -4.54 1.99 4.93
C PHE A 31 -4.57 1.71 6.44
N GLN A 32 -5.74 1.56 7.04
CA GLN A 32 -5.82 1.10 8.42
C GLN A 32 -5.46 -0.39 8.50
N THR A 33 -6.10 -1.24 7.70
CA THR A 33 -5.98 -2.68 7.78
C THR A 33 -4.53 -3.14 7.60
N SER A 34 -3.77 -2.39 6.82
CA SER A 34 -2.39 -2.66 6.45
C SER A 34 -1.43 -1.99 7.44
N GLY A 35 -1.95 -1.31 8.46
CA GLY A 35 -1.15 -0.82 9.57
C GLY A 35 -0.68 0.60 9.28
N LEU A 36 -0.35 0.86 8.02
CA LEU A 36 0.12 2.14 7.49
C LEU A 36 -0.49 3.38 8.17
N SER A 37 -1.82 3.49 8.28
CA SER A 37 -2.44 4.68 8.85
C SER A 37 -2.17 4.79 10.35
N LYS A 38 -1.97 3.65 11.01
CA LYS A 38 -1.64 3.60 12.42
C LYS A 38 -0.15 3.90 12.60
N MET A 39 0.67 3.38 11.68
CA MET A 39 2.10 3.62 11.65
C MET A 39 2.39 5.12 11.55
N SER A 40 3.45 5.57 12.24
CA SER A 40 3.92 6.93 12.10
C SER A 40 4.36 7.20 10.66
N ALA A 41 4.21 8.45 10.23
CA ALA A 41 4.73 8.96 8.96
C ALA A 41 6.11 8.38 8.64
N ASN A 42 6.98 8.32 9.64
CA ASN A 42 8.32 7.75 9.52
C ASN A 42 8.26 6.34 8.96
N GLN A 43 7.57 5.45 9.67
CA GLN A 43 7.44 4.06 9.28
C GLN A 43 6.75 3.96 7.92
N VAL A 44 5.73 4.80 7.64
CA VAL A 44 5.06 4.79 6.35
C VAL A 44 6.06 5.13 5.25
N LYS A 45 6.90 6.14 5.46
CA LYS A 45 7.87 6.59 4.47
C LYS A 45 8.96 5.53 4.28
N ASP A 46 9.41 4.89 5.36
CA ASP A 46 10.34 3.78 5.29
C ASP A 46 9.73 2.64 4.48
N VAL A 47 8.57 2.11 4.89
CA VAL A 47 7.93 1.01 4.18
C VAL A 47 7.73 1.40 2.70
N PHE A 48 7.25 2.61 2.44
CA PHE A 48 7.18 3.17 1.10
C PHE A 48 8.51 2.94 0.39
N ARG A 49 9.60 3.53 0.87
CA ARG A 49 10.92 3.41 0.26
C ARG A 49 11.39 1.96 0.07
N PHE A 50 11.09 1.06 1.00
CA PHE A 50 11.44 -0.35 0.80
C PHE A 50 10.68 -0.91 -0.41
N ILE A 51 9.35 -0.76 -0.40
CA ILE A 51 8.50 -1.41 -1.38
C ILE A 51 8.57 -0.70 -2.76
N ASP A 52 8.99 0.56 -2.74
CA ASP A 52 9.27 1.44 -3.88
C ASP A 52 10.15 0.78 -4.95
N ASN A 53 10.99 -0.16 -4.52
CA ASN A 53 11.66 -1.16 -5.36
C ASN A 53 12.86 -0.59 -6.10
N ASP A 54 12.64 0.46 -6.88
CA ASP A 54 13.70 1.27 -7.46
C ASP A 54 14.43 2.07 -6.37
N GLN A 55 13.65 2.57 -5.40
CA GLN A 55 13.99 3.50 -4.32
C GLN A 55 13.92 4.96 -4.81
N SER A 56 13.15 5.23 -5.87
CA SER A 56 13.10 6.54 -6.51
C SER A 56 12.27 7.58 -5.73
N GLY A 57 11.28 7.12 -4.95
CA GLY A 57 10.31 7.95 -4.25
C GLY A 57 8.98 8.04 -5.00
N TYR A 58 8.65 7.06 -5.85
CA TYR A 58 7.44 7.05 -6.66
C TYR A 58 6.86 5.65 -6.79
N LEU A 59 5.57 5.52 -6.47
CA LEU A 59 4.77 4.30 -6.49
C LEU A 59 3.79 4.39 -7.66
N ASP A 60 4.33 4.29 -8.86
CA ASP A 60 3.61 4.20 -10.11
C ASP A 60 2.60 3.04 -10.09
N GLU A 61 1.58 3.09 -10.96
CA GLU A 61 0.57 2.07 -11.16
C GLU A 61 1.14 0.66 -11.01
N GLU A 62 2.19 0.38 -11.79
CA GLU A 62 2.76 -0.95 -11.87
C GLU A 62 3.34 -1.37 -10.52
N GLU A 63 4.07 -0.48 -9.87
CA GLU A 63 4.64 -0.77 -8.57
C GLU A 63 3.54 -1.01 -7.55
N LEU A 64 2.46 -0.23 -7.61
CA LEU A 64 1.28 -0.50 -6.81
C LEU A 64 0.74 -1.91 -7.11
N LYS A 65 0.56 -2.21 -8.40
CA LYS A 65 0.09 -3.48 -8.92
C LYS A 65 1.03 -4.64 -8.56
N PHE A 66 2.25 -4.35 -8.12
CA PHE A 66 3.17 -5.31 -7.55
C PHE A 66 3.76 -4.78 -6.25
N PHE A 67 2.92 -4.28 -5.33
CA PHE A 67 3.34 -3.71 -4.04
C PHE A 67 3.49 -4.79 -2.98
N LEU A 68 2.37 -5.29 -2.44
CA LEU A 68 2.40 -6.28 -1.36
C LEU A 68 3.07 -7.60 -1.77
N GLN A 69 3.40 -7.78 -3.05
CA GLN A 69 4.25 -8.87 -3.51
C GLN A 69 5.51 -8.95 -2.63
N LYS A 70 6.34 -7.91 -2.61
CA LYS A 70 7.59 -7.96 -1.85
C LYS A 70 7.34 -7.59 -0.38
N PHE A 71 6.31 -8.21 0.22
CA PHE A 71 5.76 -7.81 1.50
C PHE A 71 5.14 -9.06 2.17
N GLU A 72 4.17 -9.67 1.48
CA GLU A 72 3.51 -10.92 1.85
C GLU A 72 3.96 -12.06 0.92
N SER A 73 4.16 -11.76 -0.37
CA SER A 73 4.44 -12.72 -1.42
C SER A 73 3.14 -13.40 -1.83
N GLY A 74 2.65 -13.05 -3.03
CA GLY A 74 1.38 -13.55 -3.52
C GLY A 74 0.22 -12.89 -2.77
N ALA A 75 0.28 -11.56 -2.67
CA ALA A 75 -0.78 -10.75 -2.11
C ALA A 75 -1.90 -10.57 -3.15
N ARG A 76 -2.59 -9.41 -3.17
CA ARG A 76 -3.78 -9.23 -3.99
C ARG A 76 -3.52 -8.41 -5.26
N GLU A 77 -2.56 -7.48 -5.18
CA GLU A 77 -2.15 -6.49 -6.17
C GLU A 77 -2.31 -6.90 -7.65
N LEU A 78 -2.13 -8.19 -7.93
CA LEU A 78 -2.41 -8.79 -9.22
C LEU A 78 -3.69 -8.22 -9.83
N THR A 79 -4.78 -8.11 -9.05
CA THR A 79 -5.99 -7.49 -9.58
C THR A 79 -5.80 -5.97 -9.73
N GLU A 80 -6.05 -5.50 -10.94
CA GLU A 80 -5.98 -4.09 -11.24
C GLU A 80 -7.09 -3.30 -10.56
N SER A 81 -8.33 -3.82 -10.47
CA SER A 81 -9.37 -3.25 -9.63
C SER A 81 -8.86 -2.97 -8.22
N GLU A 82 -8.59 -4.01 -7.42
CA GLU A 82 -8.16 -3.87 -6.04
C GLU A 82 -7.03 -2.86 -5.92
N THR A 83 -6.02 -2.94 -6.81
CA THR A 83 -4.94 -1.97 -6.79
C THR A 83 -5.49 -0.56 -7.02
N LYS A 84 -6.30 -0.41 -8.05
CA LYS A 84 -6.79 0.87 -8.48
C LYS A 84 -7.68 1.49 -7.42
N SER A 85 -8.37 0.70 -6.61
CA SER A 85 -9.07 1.20 -5.43
C SER A 85 -8.12 1.93 -4.46
N LEU A 86 -6.85 1.50 -4.36
CA LEU A 86 -5.83 2.25 -3.64
C LEU A 86 -5.48 3.50 -4.48
N MET A 87 -4.97 3.25 -5.69
CA MET A 87 -4.46 4.31 -6.57
C MET A 87 -5.43 5.49 -6.63
N ALA A 88 -6.69 5.21 -6.96
CA ALA A 88 -7.80 6.12 -7.09
C ALA A 88 -7.87 7.17 -5.97
N ALA A 89 -7.54 6.77 -4.73
CA ALA A 89 -7.66 7.65 -3.58
C ALA A 89 -6.30 8.27 -3.24
N ALA A 90 -5.26 7.44 -3.26
CA ALA A 90 -3.88 7.86 -3.04
C ALA A 90 -3.50 9.00 -3.98
N ASP A 91 -3.89 8.87 -5.24
CA ASP A 91 -3.62 9.81 -6.30
C ASP A 91 -4.49 11.06 -6.12
N ASN A 92 -4.16 11.88 -5.12
CA ASN A 92 -4.96 13.03 -4.69
C ASN A 92 -4.80 14.23 -5.63
N ASP A 93 -5.00 14.00 -6.92
CA ASP A 93 -4.80 14.95 -8.01
C ASP A 93 -5.52 14.45 -9.27
N GLY A 94 -5.35 13.18 -9.62
CA GLY A 94 -6.08 12.54 -10.72
C GLY A 94 -5.19 12.49 -11.96
N ASP A 95 -4.02 11.88 -11.80
CA ASP A 95 -3.04 11.61 -12.85
C ASP A 95 -2.72 10.10 -12.87
N GLY A 96 -2.46 9.50 -11.71
CA GLY A 96 -2.18 8.09 -11.54
C GLY A 96 -0.83 7.87 -10.84
N LYS A 97 0.17 8.71 -11.13
CA LYS A 97 1.48 8.65 -10.51
C LYS A 97 1.36 9.13 -9.07
N ILE A 98 1.86 8.34 -8.12
CA ILE A 98 1.73 8.57 -6.70
C ILE A 98 3.12 8.74 -6.09
N GLY A 99 3.40 9.93 -5.56
CA GLY A 99 4.62 10.20 -4.84
C GLY A 99 4.53 9.71 -3.40
N ALA A 100 5.68 9.67 -2.71
CA ALA A 100 5.71 9.37 -1.28
C ALA A 100 4.85 10.38 -0.53
N GLU A 101 4.90 11.64 -0.97
CA GLU A 101 4.07 12.70 -0.45
C GLU A 101 2.58 12.31 -0.57
N GLU A 102 2.07 12.21 -1.80
CA GLU A 102 0.70 11.76 -2.08
C GLU A 102 0.29 10.59 -1.16
N PHE A 103 1.16 9.56 -1.09
CA PHE A 103 0.85 8.37 -0.31
C PHE A 103 0.79 8.66 1.19
N GLN A 104 1.86 9.23 1.75
CA GLN A 104 1.95 9.58 3.17
C GLN A 104 0.75 10.46 3.54
N GLU A 105 0.39 11.45 2.73
CA GLU A 105 -0.81 12.25 2.93
C GLU A 105 -2.03 11.33 3.14
N MET A 106 -2.37 10.54 2.13
CA MET A 106 -3.58 9.74 2.19
C MET A 106 -3.55 8.78 3.39
N VAL A 107 -2.40 8.14 3.62
CA VAL A 107 -2.17 7.25 4.75
C VAL A 107 -2.36 7.98 6.08
N HIS A 108 -1.75 9.16 6.21
CA HIS A 108 -1.65 9.93 7.43
C HIS A 108 -3.00 10.57 7.79
N SER A 109 -3.90 10.65 6.81
CA SER A 109 -5.23 11.21 6.96
C SER A 109 -6.10 10.48 7.99
CA CA B . -0.77 11.91 -8.46
CA CA C . 9.40 3.22 -7.40
N MET A 1 12.25 -8.60 4.46
CA MET A 1 13.02 -8.19 5.65
C MET A 1 12.87 -6.67 5.79
N SER A 2 12.08 -6.23 6.77
CA SER A 2 11.66 -4.87 7.10
C SER A 2 10.27 -5.01 7.72
N ILE A 3 9.23 -5.03 6.89
CA ILE A 3 7.85 -4.96 7.37
C ILE A 3 7.39 -6.29 7.98
N THR A 4 7.90 -7.39 7.43
CA THR A 4 7.55 -8.74 7.78
C THR A 4 8.04 -9.11 9.18
N ASP A 5 8.83 -8.24 9.84
CA ASP A 5 9.36 -8.48 11.16
C ASP A 5 9.47 -7.14 11.88
N VAL A 6 8.32 -6.48 12.05
CA VAL A 6 8.21 -5.21 12.79
C VAL A 6 6.86 -5.15 13.51
N LEU A 7 5.78 -5.45 12.78
CA LEU A 7 4.40 -5.35 13.21
C LEU A 7 3.54 -5.82 12.02
N SER A 8 3.83 -5.26 10.84
CA SER A 8 3.04 -5.40 9.65
C SER A 8 2.68 -6.84 9.25
N ALA A 9 3.44 -7.85 9.67
CA ALA A 9 3.06 -9.24 9.47
C ALA A 9 1.66 -9.54 10.02
N ASP A 10 1.32 -9.00 11.20
CA ASP A 10 0.01 -9.20 11.78
C ASP A 10 -1.03 -8.35 11.04
N ASP A 11 -0.62 -7.14 10.63
CA ASP A 11 -1.46 -6.19 9.90
C ASP A 11 -1.96 -6.89 8.64
N ILE A 12 -1.02 -7.44 7.88
CA ILE A 12 -1.35 -8.08 6.64
C ILE A 12 -2.25 -9.28 6.89
N ALA A 13 -2.01 -10.07 7.94
CA ALA A 13 -2.89 -11.18 8.30
C ALA A 13 -4.35 -10.72 8.41
N ALA A 14 -4.59 -9.59 9.09
CA ALA A 14 -5.92 -9.01 9.14
C ALA A 14 -6.43 -8.66 7.73
N ALA A 15 -5.71 -7.79 7.01
CA ALA A 15 -6.05 -7.36 5.66
C ALA A 15 -6.40 -8.54 4.76
N LEU A 16 -5.60 -9.59 4.83
CA LEU A 16 -5.74 -10.81 4.05
C LEU A 16 -7.13 -11.41 4.22
N GLN A 17 -7.68 -11.33 5.44
CA GLN A 17 -8.99 -11.89 5.75
C GLN A 17 -10.08 -10.86 5.44
N GLU A 18 -9.88 -9.60 5.80
CA GLU A 18 -10.92 -8.60 5.65
C GLU A 18 -11.20 -8.30 4.17
N CYS A 19 -10.15 -8.30 3.34
CA CYS A 19 -10.25 -8.20 1.90
C CYS A 19 -9.70 -9.47 1.28
N ARG A 20 -10.42 -10.59 1.46
CA ARG A 20 -10.00 -11.89 0.94
C ARG A 20 -10.55 -12.06 -0.47
N ASP A 21 -11.85 -11.92 -0.65
CA ASP A 21 -12.52 -11.97 -1.95
C ASP A 21 -11.99 -10.86 -2.86
N PRO A 22 -11.74 -11.11 -4.15
CA PRO A 22 -11.16 -10.14 -5.07
C PRO A 22 -12.18 -9.04 -5.42
N ASP A 23 -11.66 -7.83 -5.66
CA ASP A 23 -12.40 -6.62 -6.03
C ASP A 23 -12.97 -5.91 -4.79
N THR A 24 -12.66 -6.42 -3.59
CA THR A 24 -13.15 -5.92 -2.32
C THR A 24 -12.26 -4.80 -1.74
N PHE A 25 -11.09 -4.49 -2.33
CA PHE A 25 -10.02 -3.84 -1.57
C PHE A 25 -10.14 -2.31 -1.51
N GLU A 26 -10.96 -1.81 -0.59
CA GLU A 26 -11.08 -0.38 -0.37
C GLU A 26 -9.77 0.20 0.17
N PRO A 27 -9.36 1.39 -0.30
CA PRO A 27 -8.10 1.99 0.07
C PRO A 27 -8.08 2.39 1.55
N GLN A 28 -8.95 3.33 1.96
CA GLN A 28 -9.04 3.81 3.32
C GLN A 28 -9.25 2.63 4.30
N LYS A 29 -10.12 1.69 3.90
CA LYS A 29 -10.34 0.46 4.65
C LYS A 29 -9.01 -0.25 4.89
N PHE A 30 -8.33 -0.65 3.80
CA PHE A 30 -7.08 -1.40 3.87
C PHE A 30 -6.06 -0.66 4.75
N PHE A 31 -5.83 0.60 4.40
CA PHE A 31 -5.00 1.53 5.14
C PHE A 31 -5.16 1.39 6.66
N GLN A 32 -6.40 1.52 7.13
CA GLN A 32 -6.73 1.42 8.54
C GLN A 32 -6.60 -0.03 9.02
N THR A 33 -7.05 -1.00 8.21
CA THR A 33 -7.14 -2.37 8.65
C THR A 33 -5.78 -2.94 8.98
N SER A 34 -4.77 -2.59 8.19
CA SER A 34 -3.41 -2.91 8.55
C SER A 34 -3.11 -2.25 9.90
N GLY A 35 -3.27 -0.93 9.94
CA GLY A 35 -2.91 -0.08 11.07
C GLY A 35 -1.81 0.90 10.65
N LEU A 36 -1.66 1.18 9.36
CA LEU A 36 -0.69 2.16 8.90
C LEU A 36 -1.12 3.56 9.39
N SER A 37 -2.41 3.77 9.67
CA SER A 37 -2.91 5.01 10.29
C SER A 37 -2.33 5.17 11.70
N LYS A 38 -1.83 4.08 12.30
CA LYS A 38 -1.20 4.11 13.59
C LYS A 38 0.32 4.25 13.42
N MET A 39 0.88 3.79 12.30
CA MET A 39 2.29 3.97 12.05
C MET A 39 2.62 5.45 11.80
N SER A 40 3.70 5.94 12.44
CA SER A 40 4.17 7.30 12.22
C SER A 40 4.69 7.46 10.79
N ALA A 41 4.60 8.70 10.29
CA ALA A 41 5.16 9.15 9.01
C ALA A 41 6.53 8.54 8.76
N ASN A 42 7.37 8.48 9.79
CA ASN A 42 8.69 7.85 9.75
C ASN A 42 8.61 6.45 9.14
N GLN A 43 7.83 5.58 9.78
CA GLN A 43 7.74 4.17 9.42
C GLN A 43 6.97 4.03 8.10
N VAL A 44 5.97 4.88 7.88
CA VAL A 44 5.26 4.92 6.61
C VAL A 44 6.24 5.25 5.47
N LYS A 45 7.15 6.21 5.67
CA LYS A 45 8.13 6.57 4.66
C LYS A 45 9.15 5.44 4.47
N ASP A 46 9.60 4.84 5.57
CA ASP A 46 10.44 3.63 5.54
C ASP A 46 9.80 2.56 4.66
N VAL A 47 8.59 2.10 5.01
CA VAL A 47 7.89 1.11 4.21
C VAL A 47 7.75 1.58 2.76
N PHE A 48 7.33 2.83 2.52
CA PHE A 48 7.27 3.41 1.17
C PHE A 48 8.54 3.09 0.38
N ARG A 49 9.72 3.39 0.93
CA ARG A 49 10.96 3.10 0.22
C ARG A 49 11.11 1.61 -0.07
N PHE A 50 10.67 0.75 0.86
CA PHE A 50 10.68 -0.69 0.64
C PHE A 50 9.72 -1.08 -0.48
N ILE A 51 8.60 -0.35 -0.61
CA ILE A 51 7.66 -0.56 -1.71
C ILE A 51 8.30 -0.12 -3.03
N ASP A 52 8.82 1.12 -3.11
CA ASP A 52 9.30 1.73 -4.35
C ASP A 52 10.69 1.20 -4.72
N ASN A 53 10.77 -0.12 -4.94
CA ASN A 53 11.98 -0.89 -5.15
C ASN A 53 12.87 -0.33 -6.27
N ASP A 54 12.26 0.27 -7.28
CA ASP A 54 12.96 0.90 -8.41
C ASP A 54 13.65 2.21 -7.99
N GLN A 55 13.06 2.94 -7.04
CA GLN A 55 13.51 4.20 -6.49
C GLN A 55 13.29 5.42 -7.41
N SER A 56 12.36 5.38 -8.39
CA SER A 56 12.02 6.54 -9.21
C SER A 56 11.73 7.79 -8.36
N GLY A 57 11.24 7.60 -7.14
CA GLY A 57 10.77 8.66 -6.27
C GLY A 57 9.25 8.62 -6.19
N TYR A 58 8.62 8.06 -7.23
CA TYR A 58 7.18 7.93 -7.33
C TYR A 58 6.80 6.45 -7.31
N LEU A 59 5.79 6.09 -6.54
CA LEU A 59 5.08 4.84 -6.73
C LEU A 59 4.25 5.00 -8.02
N ASP A 60 4.94 4.93 -9.15
CA ASP A 60 4.29 4.90 -10.45
C ASP A 60 3.48 3.58 -10.56
N GLU A 61 2.52 3.55 -11.49
CA GLU A 61 1.52 2.48 -11.60
C GLU A 61 2.15 1.09 -11.67
N GLU A 62 3.28 0.93 -12.36
CA GLU A 62 3.87 -0.37 -12.55
C GLU A 62 4.37 -0.92 -11.21
N GLU A 63 5.14 -0.15 -10.46
CA GLU A 63 5.55 -0.55 -9.12
C GLU A 63 4.33 -0.77 -8.22
N LEU A 64 3.26 -0.01 -8.44
CA LEU A 64 1.98 -0.27 -7.80
C LEU A 64 1.52 -1.73 -8.05
N LYS A 65 1.77 -2.29 -9.24
CA LYS A 65 1.52 -3.70 -9.55
C LYS A 65 2.33 -4.65 -8.66
N PHE A 66 3.27 -4.15 -7.86
CA PHE A 66 3.99 -4.90 -6.84
C PHE A 66 3.95 -4.20 -5.49
N PHE A 67 2.91 -3.40 -5.21
CA PHE A 67 2.84 -2.63 -3.96
C PHE A 67 2.89 -3.59 -2.76
N LEU A 68 1.90 -4.46 -2.64
CA LEU A 68 1.78 -5.40 -1.54
C LEU A 68 2.43 -6.76 -1.87
N GLN A 69 2.82 -6.98 -3.13
CA GLN A 69 3.61 -8.16 -3.50
C GLN A 69 4.88 -8.27 -2.65
N LYS A 70 5.46 -7.13 -2.25
CA LYS A 70 6.62 -7.14 -1.37
C LYS A 70 6.31 -7.88 -0.06
N PHE A 71 5.05 -7.87 0.37
CA PHE A 71 4.60 -8.51 1.59
C PHE A 71 4.29 -9.98 1.27
N GLU A 72 3.35 -10.20 0.33
CA GLU A 72 2.82 -11.52 0.06
C GLU A 72 2.64 -11.68 -1.46
N SER A 73 3.17 -12.75 -2.04
CA SER A 73 3.11 -13.03 -3.47
C SER A 73 1.66 -13.04 -3.98
N GLY A 74 0.71 -13.37 -3.12
CA GLY A 74 -0.70 -13.42 -3.47
C GLY A 74 -1.48 -12.23 -2.89
N ALA A 75 -0.81 -11.12 -2.59
CA ALA A 75 -1.45 -9.99 -1.91
C ALA A 75 -2.71 -9.52 -2.67
N ARG A 76 -2.53 -8.94 -3.86
CA ARG A 76 -3.65 -8.48 -4.68
C ARG A 76 -3.22 -7.99 -6.06
N GLU A 77 -2.19 -7.16 -6.05
CA GLU A 77 -1.73 -6.26 -7.10
C GLU A 77 -1.79 -6.84 -8.52
N LEU A 78 -1.63 -8.16 -8.62
CA LEU A 78 -1.94 -8.98 -9.77
C LEU A 78 -3.13 -8.43 -10.57
N THR A 79 -4.26 -8.15 -9.91
CA THR A 79 -5.45 -7.60 -10.55
C THR A 79 -5.31 -6.08 -10.69
N GLU A 80 -5.39 -5.58 -11.93
CA GLU A 80 -5.36 -4.15 -12.21
C GLU A 80 -6.45 -3.41 -11.45
N SER A 81 -7.59 -4.07 -11.20
CA SER A 81 -8.73 -3.43 -10.54
C SER A 81 -8.29 -2.92 -9.18
N GLU A 82 -7.84 -3.82 -8.31
CA GLU A 82 -7.49 -3.50 -6.94
C GLU A 82 -6.29 -2.55 -6.90
N THR A 83 -5.27 -2.79 -7.75
CA THR A 83 -4.19 -1.83 -7.95
C THR A 83 -4.78 -0.44 -8.21
N LYS A 84 -5.70 -0.32 -9.17
CA LYS A 84 -6.28 0.97 -9.48
C LYS A 84 -7.21 1.50 -8.38
N SER A 85 -7.87 0.64 -7.60
CA SER A 85 -8.58 1.07 -6.40
C SER A 85 -7.60 1.77 -5.44
N LEU A 86 -6.43 1.18 -5.22
CA LEU A 86 -5.38 1.79 -4.41
C LEU A 86 -4.97 3.13 -5.07
N MET A 87 -4.54 3.06 -6.33
CA MET A 87 -4.10 4.23 -7.10
C MET A 87 -5.11 5.38 -6.99
N ALA A 88 -6.38 5.07 -7.28
CA ALA A 88 -7.47 6.01 -7.41
C ALA A 88 -7.58 6.93 -6.19
N ALA A 89 -7.46 6.36 -4.99
CA ALA A 89 -7.44 7.16 -3.77
C ALA A 89 -6.08 7.77 -3.54
N ALA A 90 -5.02 6.95 -3.55
CA ALA A 90 -3.65 7.35 -3.26
C ALA A 90 -3.26 8.61 -4.03
N ASP A 91 -3.60 8.65 -5.32
CA ASP A 91 -3.33 9.79 -6.16
C ASP A 91 -4.28 10.92 -5.79
N ASN A 92 -3.97 11.65 -4.72
CA ASN A 92 -4.75 12.82 -4.30
C ASN A 92 -4.43 14.03 -5.19
N ASP A 93 -4.51 13.84 -6.51
CA ASP A 93 -4.29 14.85 -7.54
C ASP A 93 -5.35 14.71 -8.64
N GLY A 94 -5.36 13.54 -9.28
CA GLY A 94 -5.99 13.30 -10.57
C GLY A 94 -4.93 13.22 -11.67
N ASP A 95 -3.84 12.47 -11.43
CA ASP A 95 -2.82 12.14 -12.42
C ASP A 95 -2.59 10.62 -12.48
N GLY A 96 -2.24 9.98 -11.36
CA GLY A 96 -2.07 8.53 -11.25
C GLY A 96 -0.66 8.17 -10.74
N LYS A 97 0.31 9.05 -10.95
CA LYS A 97 1.67 8.93 -10.46
C LYS A 97 1.64 9.34 -9.00
N ILE A 98 1.89 8.40 -8.09
CA ILE A 98 1.81 8.62 -6.65
C ILE A 98 3.23 8.82 -6.12
N GLY A 99 3.44 9.74 -5.19
CA GLY A 99 4.74 9.98 -4.57
C GLY A 99 4.70 9.62 -3.09
N ALA A 100 5.85 9.74 -2.42
CA ALA A 100 5.92 9.49 -0.98
C ALA A 100 5.01 10.47 -0.25
N GLU A 101 4.97 11.73 -0.71
CA GLU A 101 4.05 12.72 -0.20
C GLU A 101 2.61 12.19 -0.32
N GLU A 102 2.13 11.97 -1.54
CA GLU A 102 0.78 11.48 -1.81
C GLU A 102 0.45 10.26 -0.94
N PHE A 103 1.38 9.29 -0.91
CA PHE A 103 1.22 8.06 -0.15
C PHE A 103 1.09 8.35 1.36
N GLN A 104 2.07 9.04 1.94
CA GLN A 104 2.04 9.47 3.33
C GLN A 104 0.74 10.22 3.61
N GLU A 105 0.29 11.09 2.70
CA GLU A 105 -0.96 11.84 2.83
C GLU A 105 -2.12 10.88 3.09
N MET A 106 -2.34 9.91 2.20
CA MET A 106 -3.37 8.89 2.41
C MET A 106 -3.11 8.21 3.75
N VAL A 107 -1.89 7.74 3.94
CA VAL A 107 -1.52 6.93 5.08
C VAL A 107 -1.44 7.73 6.40
N HIS A 108 -1.59 9.06 6.34
CA HIS A 108 -1.66 9.93 7.49
C HIS A 108 -3.12 10.13 7.93
N SER A 109 -4.08 9.66 7.12
CA SER A 109 -5.49 9.98 7.31
C SER A 109 -6.15 9.24 8.48
CA CA B . -0.17 12.25 -8.23
CA CA C . 9.09 4.05 -8.33
N MET A 1 14.25 -7.11 10.75
CA MET A 1 13.01 -7.55 10.09
C MET A 1 12.53 -6.44 9.16
N SER A 2 11.61 -6.77 8.25
CA SER A 2 11.01 -5.79 7.35
C SER A 2 9.67 -5.35 7.94
N ILE A 3 8.88 -4.62 7.17
CA ILE A 3 7.60 -4.10 7.62
C ILE A 3 6.68 -5.26 8.06
N THR A 4 6.76 -6.39 7.37
CA THR A 4 5.86 -7.51 7.45
C THR A 4 6.33 -8.42 8.59
N ASP A 5 6.50 -7.84 9.77
CA ASP A 5 7.13 -8.47 10.93
C ASP A 5 7.01 -7.51 12.11
N VAL A 6 7.53 -6.30 11.90
CA VAL A 6 7.63 -5.22 12.87
C VAL A 6 6.29 -5.03 13.61
N LEU A 7 5.21 -5.12 12.86
CA LEU A 7 3.83 -5.07 13.35
C LEU A 7 2.96 -5.60 12.21
N SER A 8 3.12 -4.96 11.05
CA SER A 8 2.25 -5.11 9.90
C SER A 8 1.99 -6.55 9.45
N ALA A 9 2.78 -7.54 9.86
CA ALA A 9 2.44 -8.96 9.68
C ALA A 9 1.02 -9.25 10.17
N ASP A 10 0.70 -8.82 11.39
CA ASP A 10 -0.62 -9.08 11.97
C ASP A 10 -1.69 -8.36 11.15
N ASP A 11 -1.37 -7.13 10.73
CA ASP A 11 -2.29 -6.27 10.03
C ASP A 11 -2.58 -6.86 8.66
N ILE A 12 -1.55 -7.24 7.89
CA ILE A 12 -1.73 -7.91 6.63
C ILE A 12 -2.50 -9.22 6.81
N ALA A 13 -2.20 -10.01 7.86
CA ALA A 13 -2.97 -11.20 8.16
C ALA A 13 -4.46 -10.89 8.28
N ALA A 14 -4.82 -9.84 9.03
CA ALA A 14 -6.21 -9.38 9.11
C ALA A 14 -6.73 -8.99 7.72
N ALA A 15 -6.05 -8.02 7.08
CA ALA A 15 -6.37 -7.45 5.78
C ALA A 15 -6.67 -8.53 4.75
N LEU A 16 -5.78 -9.52 4.73
CA LEU A 16 -5.81 -10.66 3.84
C LEU A 16 -7.15 -11.37 3.98
N GLN A 17 -7.66 -11.51 5.20
CA GLN A 17 -8.89 -12.26 5.41
C GLN A 17 -10.07 -11.35 5.13
N GLU A 18 -10.07 -10.18 5.76
CA GLU A 18 -11.21 -9.29 5.76
C GLU A 18 -11.54 -8.84 4.33
N CYS A 19 -10.53 -8.65 3.49
CA CYS A 19 -10.69 -8.47 2.05
C CYS A 19 -9.93 -9.57 1.30
N ARG A 20 -10.37 -10.83 1.41
CA ARG A 20 -9.76 -11.92 0.65
C ARG A 20 -10.34 -12.05 -0.76
N ASP A 21 -11.34 -11.23 -1.11
CA ASP A 21 -12.22 -11.46 -2.25
C ASP A 21 -12.03 -10.40 -3.36
N PRO A 22 -12.29 -10.76 -4.63
CA PRO A 22 -11.95 -9.93 -5.76
C PRO A 22 -12.69 -8.60 -5.74
N ASP A 23 -11.94 -7.51 -5.77
CA ASP A 23 -12.44 -6.14 -5.88
C ASP A 23 -13.21 -5.69 -4.62
N THR A 24 -13.00 -6.39 -3.50
CA THR A 24 -13.60 -6.06 -2.21
C THR A 24 -12.80 -4.97 -1.47
N PHE A 25 -11.56 -4.73 -1.89
CA PHE A 25 -10.54 -4.14 -1.04
C PHE A 25 -10.48 -2.62 -1.21
N GLU A 26 -11.12 -1.86 -0.32
CA GLU A 26 -11.14 -0.39 -0.40
C GLU A 26 -9.82 0.20 0.13
N PRO A 27 -9.45 1.42 -0.29
CA PRO A 27 -8.19 2.03 0.09
C PRO A 27 -8.19 2.45 1.56
N GLN A 28 -9.09 3.36 1.96
CA GLN A 28 -9.16 3.84 3.33
C GLN A 28 -9.43 2.68 4.30
N LYS A 29 -10.27 1.73 3.88
CA LYS A 29 -10.46 0.49 4.60
C LYS A 29 -9.10 -0.20 4.80
N PHE A 30 -8.45 -0.58 3.69
CA PHE A 30 -7.21 -1.34 3.70
C PHE A 30 -6.17 -0.65 4.58
N PHE A 31 -5.91 0.62 4.28
CA PHE A 31 -5.04 1.54 4.98
C PHE A 31 -5.01 1.31 6.49
N GLN A 32 -6.13 1.54 7.18
CA GLN A 32 -6.21 1.33 8.62
C GLN A 32 -5.95 -0.13 8.94
N THR A 33 -6.59 -1.03 8.19
CA THR A 33 -6.48 -2.45 8.38
C THR A 33 -5.05 -2.97 8.25
N SER A 34 -4.23 -2.31 7.43
CA SER A 34 -2.85 -2.65 7.18
C SER A 34 -1.96 -2.03 8.24
N GLY A 35 -2.54 -1.27 9.18
CA GLY A 35 -1.84 -0.71 10.32
C GLY A 35 -1.05 0.52 9.92
N LEU A 36 -1.17 0.93 8.64
CA LEU A 36 -0.36 1.98 8.08
C LEU A 36 -0.72 3.34 8.71
N SER A 37 -1.93 3.47 9.28
CA SER A 37 -2.33 4.65 10.05
C SER A 37 -1.58 4.68 11.39
N LYS A 38 -1.21 3.50 11.90
CA LYS A 38 -0.50 3.36 13.16
C LYS A 38 0.99 3.55 12.92
N MET A 39 1.49 3.08 11.77
CA MET A 39 2.88 3.29 11.42
C MET A 39 3.21 4.79 11.43
N SER A 40 4.28 5.16 12.14
CA SER A 40 4.76 6.54 12.17
C SER A 40 5.21 6.96 10.76
N ALA A 41 5.17 8.26 10.48
CA ALA A 41 5.69 8.86 9.25
C ALA A 41 7.01 8.20 8.83
N ASN A 42 7.89 7.98 9.80
CA ASN A 42 9.15 7.25 9.64
C ASN A 42 8.91 5.95 8.86
N GLN A 43 8.12 5.06 9.46
CA GLN A 43 7.82 3.74 8.92
C GLN A 43 7.04 3.86 7.62
N VAL A 44 6.10 4.79 7.50
CA VAL A 44 5.32 4.96 6.28
C VAL A 44 6.26 5.33 5.11
N LYS A 45 7.16 6.28 5.34
CA LYS A 45 8.15 6.69 4.36
C LYS A 45 9.08 5.52 4.03
N ASP A 46 9.41 4.71 5.04
CA ASP A 46 10.18 3.50 4.85
C ASP A 46 9.43 2.51 3.95
N VAL A 47 8.16 2.18 4.25
CA VAL A 47 7.37 1.24 3.46
C VAL A 47 7.30 1.74 2.01
N PHE A 48 7.00 3.02 1.84
CA PHE A 48 7.06 3.72 0.56
C PHE A 48 8.35 3.36 -0.21
N ARG A 49 9.53 3.62 0.37
CA ARG A 49 10.79 3.27 -0.28
C ARG A 49 10.96 1.76 -0.50
N PHE A 50 10.51 0.92 0.44
CA PHE A 50 10.55 -0.53 0.29
C PHE A 50 9.84 -0.93 -1.01
N ILE A 51 8.65 -0.35 -1.26
CA ILE A 51 7.95 -0.62 -2.50
C ILE A 51 8.67 0.00 -3.71
N ASP A 52 9.04 1.29 -3.64
CA ASP A 52 9.69 2.00 -4.75
C ASP A 52 11.12 1.47 -4.96
N ASN A 53 11.22 0.22 -5.43
CA ASN A 53 12.45 -0.53 -5.67
C ASN A 53 13.37 0.23 -6.62
N ASP A 54 12.77 0.82 -7.66
CA ASP A 54 13.46 1.66 -8.62
C ASP A 54 13.96 2.98 -7.99
N GLN A 55 13.46 3.34 -6.79
CA GLN A 55 13.81 4.56 -6.08
C GLN A 55 13.69 5.78 -7.00
N SER A 56 12.50 5.96 -7.56
CA SER A 56 12.17 7.09 -8.40
C SER A 56 11.63 8.25 -7.55
N GLY A 57 11.18 7.95 -6.34
CA GLY A 57 10.44 8.88 -5.51
C GLY A 57 8.97 8.93 -5.92
N TYR A 58 8.49 7.89 -6.63
CA TYR A 58 7.12 7.78 -7.08
C TYR A 58 6.69 6.33 -7.05
N LEU A 59 5.53 6.08 -6.46
CA LEU A 59 4.74 4.87 -6.65
C LEU A 59 4.07 5.06 -8.00
N ASP A 60 4.85 4.78 -9.04
CA ASP A 60 4.37 4.66 -10.41
C ASP A 60 3.48 3.40 -10.50
N GLU A 61 2.71 3.24 -11.59
CA GLU A 61 1.72 2.18 -11.70
C GLU A 61 2.31 0.79 -11.42
N GLU A 62 3.46 0.49 -12.04
CA GLU A 62 4.02 -0.84 -11.99
C GLU A 62 4.30 -1.29 -10.55
N GLU A 63 4.78 -0.40 -9.69
CA GLU A 63 4.94 -0.70 -8.28
C GLU A 63 3.65 -1.23 -7.66
N LEU A 64 2.49 -0.71 -8.06
CA LEU A 64 1.22 -1.21 -7.56
C LEU A 64 0.99 -2.63 -8.06
N LYS A 65 1.52 -2.97 -9.23
CA LYS A 65 1.57 -4.33 -9.73
C LYS A 65 2.52 -5.21 -8.91
N PHE A 66 3.24 -4.67 -7.91
CA PHE A 66 3.93 -5.47 -6.92
C PHE A 66 4.02 -4.83 -5.52
N PHE A 67 2.93 -4.24 -5.00
CA PHE A 67 2.95 -3.47 -3.77
C PHE A 67 3.12 -4.39 -2.56
N LEU A 68 2.10 -5.21 -2.25
CA LEU A 68 2.15 -6.23 -1.22
C LEU A 68 3.00 -7.44 -1.64
N GLN A 69 3.41 -7.53 -2.91
CA GLN A 69 4.25 -8.64 -3.36
C GLN A 69 5.55 -8.73 -2.55
N LYS A 70 5.99 -7.59 -2.00
CA LYS A 70 7.18 -7.48 -1.19
C LYS A 70 6.85 -7.64 0.31
N PHE A 71 5.57 -7.50 0.68
CA PHE A 71 5.10 -7.73 2.04
C PHE A 71 4.91 -9.24 2.21
N GLU A 72 3.89 -9.78 1.54
CA GLU A 72 3.48 -11.17 1.70
C GLU A 72 4.09 -12.00 0.58
N SER A 73 3.94 -11.52 -0.66
CA SER A 73 4.31 -12.24 -1.88
C SER A 73 3.19 -13.20 -2.27
N GLY A 74 2.50 -12.86 -3.37
CA GLY A 74 1.33 -13.58 -3.86
C GLY A 74 0.03 -12.97 -3.32
N ALA A 75 0.04 -11.64 -3.12
CA ALA A 75 -1.14 -10.87 -2.78
C ALA A 75 -1.85 -10.45 -4.07
N ARG A 76 -2.65 -9.38 -4.03
CA ARG A 76 -3.62 -9.09 -5.07
C ARG A 76 -3.06 -8.27 -6.23
N GLU A 77 -1.77 -7.93 -6.18
CA GLU A 77 -1.09 -6.95 -7.05
C GLU A 77 -1.50 -7.06 -8.53
N LEU A 78 -1.70 -8.30 -8.97
CA LEU A 78 -2.15 -8.64 -10.30
C LEU A 78 -3.50 -7.99 -10.64
N THR A 79 -4.48 -8.04 -9.72
CA THR A 79 -5.81 -7.48 -9.92
C THR A 79 -5.73 -5.97 -10.08
N GLU A 80 -5.97 -5.53 -11.30
CA GLU A 80 -5.81 -4.15 -11.67
C GLU A 80 -6.88 -3.28 -11.00
N SER A 81 -8.13 -3.76 -10.91
CA SER A 81 -9.18 -3.02 -10.21
C SER A 81 -8.74 -2.58 -8.82
N GLU A 82 -8.26 -3.55 -8.03
CA GLU A 82 -7.86 -3.36 -6.67
C GLU A 82 -6.62 -2.46 -6.61
N THR A 83 -5.63 -2.80 -7.43
CA THR A 83 -4.41 -2.01 -7.52
C THR A 83 -4.77 -0.55 -7.78
N LYS A 84 -5.69 -0.35 -8.73
CA LYS A 84 -6.18 0.94 -9.16
C LYS A 84 -7.05 1.58 -8.09
N SER A 85 -7.80 0.82 -7.29
CA SER A 85 -8.53 1.34 -6.15
C SER A 85 -7.54 2.00 -5.18
N LEU A 86 -6.44 1.30 -4.86
CA LEU A 86 -5.37 1.87 -4.06
C LEU A 86 -4.87 3.15 -4.75
N MET A 87 -4.45 3.02 -6.01
CA MET A 87 -4.00 4.17 -6.80
C MET A 87 -4.96 5.36 -6.70
N ALA A 88 -6.26 5.10 -6.86
CA ALA A 88 -7.30 6.10 -7.00
C ALA A 88 -7.37 7.02 -5.79
N ALA A 89 -7.33 6.44 -4.59
CA ALA A 89 -7.38 7.23 -3.36
C ALA A 89 -6.00 7.73 -2.95
N ALA A 90 -4.94 6.97 -3.22
CA ALA A 90 -3.58 7.40 -2.94
C ALA A 90 -3.21 8.62 -3.78
N ASP A 91 -3.65 8.66 -5.03
CA ASP A 91 -3.40 9.82 -5.88
C ASP A 91 -4.21 10.99 -5.34
N ASN A 92 -3.50 12.04 -4.92
CA ASN A 92 -4.12 13.26 -4.42
C ASN A 92 -4.17 14.36 -5.48
N ASP A 93 -3.86 14.05 -6.75
CA ASP A 93 -3.97 15.01 -7.84
C ASP A 93 -5.22 14.74 -8.69
N GLY A 94 -5.34 13.51 -9.21
CA GLY A 94 -6.14 13.20 -10.39
C GLY A 94 -5.21 13.13 -11.60
N ASP A 95 -4.12 12.37 -11.46
CA ASP A 95 -3.10 12.10 -12.48
C ASP A 95 -2.86 10.59 -12.57
N GLY A 96 -2.65 9.95 -11.42
CA GLY A 96 -2.36 8.54 -11.25
C GLY A 96 -1.11 8.42 -10.40
N LYS A 97 0.03 8.87 -10.92
CA LYS A 97 1.33 8.82 -10.26
C LYS A 97 1.24 9.34 -8.82
N ILE A 98 1.86 8.63 -7.87
CA ILE A 98 1.76 8.89 -6.44
C ILE A 98 3.14 9.24 -5.89
N GLY A 99 3.36 10.51 -5.55
CA GLY A 99 4.56 10.92 -4.84
C GLY A 99 4.59 10.38 -3.41
N ALA A 100 5.74 10.49 -2.74
CA ALA A 100 5.85 10.09 -1.33
C ALA A 100 4.94 10.96 -0.48
N GLU A 101 4.86 12.25 -0.82
CA GLU A 101 3.92 13.17 -0.21
C GLU A 101 2.50 12.62 -0.29
N GLU A 102 2.04 12.28 -1.50
CA GLU A 102 0.71 11.72 -1.72
C GLU A 102 0.50 10.46 -0.86
N PHE A 103 1.45 9.53 -0.95
CA PHE A 103 1.38 8.27 -0.20
C PHE A 103 1.26 8.55 1.31
N GLN A 104 2.23 9.28 1.88
CA GLN A 104 2.25 9.68 3.27
C GLN A 104 0.95 10.40 3.64
N GLU A 105 0.45 11.32 2.82
CA GLU A 105 -0.82 12.01 3.04
C GLU A 105 -1.93 11.00 3.29
N MET A 106 -2.18 10.13 2.31
CA MET A 106 -3.24 9.13 2.45
C MET A 106 -2.99 8.33 3.73
N VAL A 107 -1.76 7.83 3.86
CA VAL A 107 -1.37 6.97 4.96
C VAL A 107 -1.30 7.72 6.31
N HIS A 108 -1.34 9.04 6.31
CA HIS A 108 -1.39 9.85 7.53
C HIS A 108 -2.85 10.07 7.99
N SER A 109 -3.82 9.62 7.18
CA SER A 109 -5.23 9.86 7.44
C SER A 109 -5.80 8.95 8.56
CA CA B . -0.67 12.24 -8.03
CA CA C . 8.89 4.16 -8.93
N MET A 1 10.86 -9.20 7.25
CA MET A 1 11.87 -8.56 6.41
C MET A 1 12.10 -7.11 6.81
N SER A 2 11.04 -6.30 6.83
CA SER A 2 11.09 -4.94 7.34
C SER A 2 9.73 -4.64 7.95
N ILE A 3 8.70 -4.55 7.11
CA ILE A 3 7.35 -4.36 7.63
C ILE A 3 6.85 -5.60 8.36
N THR A 4 7.22 -6.77 7.84
CA THR A 4 6.70 -8.03 8.34
C THR A 4 7.31 -8.41 9.71
N ASP A 5 8.23 -7.61 10.24
CA ASP A 5 8.84 -7.85 11.56
C ASP A 5 8.28 -6.89 12.61
N VAL A 6 7.98 -5.64 12.22
CA VAL A 6 7.65 -4.60 13.18
C VAL A 6 6.27 -4.79 13.83
N LEU A 7 5.28 -5.14 13.03
CA LEU A 7 3.87 -5.23 13.42
C LEU A 7 3.12 -5.76 12.20
N SER A 8 3.25 -4.99 11.11
CA SER A 8 2.48 -5.10 9.88
C SER A 8 2.28 -6.51 9.34
N ALA A 9 3.13 -7.49 9.67
CA ALA A 9 2.88 -8.91 9.40
C ALA A 9 1.46 -9.33 9.82
N ASP A 10 1.07 -9.02 11.05
CA ASP A 10 -0.24 -9.43 11.56
C ASP A 10 -1.33 -8.72 10.75
N ASP A 11 -1.08 -7.45 10.44
CA ASP A 11 -2.01 -6.57 9.79
C ASP A 11 -2.24 -7.05 8.36
N ILE A 12 -1.17 -7.39 7.64
CA ILE A 12 -1.29 -7.94 6.32
C ILE A 12 -2.01 -9.29 6.37
N ALA A 13 -1.76 -10.12 7.39
CA ALA A 13 -2.53 -11.35 7.57
C ALA A 13 -4.03 -11.04 7.66
N ALA A 14 -4.41 -10.04 8.45
CA ALA A 14 -5.80 -9.59 8.50
C ALA A 14 -6.28 -9.14 7.12
N ALA A 15 -5.58 -8.16 6.52
CA ALA A 15 -5.88 -7.59 5.22
C ALA A 15 -6.15 -8.68 4.19
N LEU A 16 -5.23 -9.65 4.16
CA LEU A 16 -5.25 -10.79 3.29
C LEU A 16 -6.58 -11.52 3.42
N GLN A 17 -7.07 -11.73 4.65
CA GLN A 17 -8.27 -12.51 4.86
C GLN A 17 -9.50 -11.67 4.57
N GLU A 18 -9.53 -10.45 5.10
CA GLU A 18 -10.70 -9.59 4.96
C GLU A 18 -10.95 -9.25 3.49
N CYS A 19 -9.88 -9.04 2.71
CA CYS A 19 -9.96 -8.79 1.28
C CYS A 19 -9.59 -10.06 0.50
N ARG A 20 -10.14 -11.23 0.88
CA ARG A 20 -9.94 -12.45 0.11
C ARG A 20 -10.70 -12.32 -1.21
N ASP A 21 -11.98 -12.00 -1.06
CA ASP A 21 -12.93 -11.89 -2.14
C ASP A 21 -12.51 -10.80 -3.13
N PRO A 22 -12.63 -11.05 -4.44
CA PRO A 22 -12.19 -10.12 -5.46
C PRO A 22 -12.94 -8.79 -5.33
N ASP A 23 -12.29 -7.70 -5.74
CA ASP A 23 -12.82 -6.34 -5.76
C ASP A 23 -13.33 -5.84 -4.39
N THR A 24 -12.95 -6.51 -3.29
CA THR A 24 -13.32 -6.11 -1.93
C THR A 24 -12.30 -5.11 -1.36
N PHE A 25 -11.17 -4.96 -2.03
CA PHE A 25 -10.05 -4.18 -1.55
C PHE A 25 -10.34 -2.68 -1.65
N GLU A 26 -10.38 -1.98 -0.50
CA GLU A 26 -10.61 -0.55 -0.40
C GLU A 26 -9.37 0.17 0.16
N PRO A 27 -9.10 1.42 -0.26
CA PRO A 27 -7.92 2.19 0.12
C PRO A 27 -7.84 2.46 1.62
N GLN A 28 -8.63 3.42 2.11
CA GLN A 28 -8.62 3.88 3.48
C GLN A 28 -8.73 2.70 4.45
N LYS A 29 -9.66 1.80 4.14
CA LYS A 29 -9.80 0.51 4.79
C LYS A 29 -8.41 -0.14 4.90
N PHE A 30 -7.84 -0.54 3.75
CA PHE A 30 -6.56 -1.22 3.66
C PHE A 30 -5.46 -0.48 4.44
N PHE A 31 -5.40 0.85 4.36
CA PHE A 31 -4.39 1.64 5.05
C PHE A 31 -4.41 1.31 6.54
N GLN A 32 -5.58 1.39 7.17
CA GLN A 32 -5.67 1.11 8.60
C GLN A 32 -5.54 -0.39 8.86
N THR A 33 -6.13 -1.22 8.00
CA THR A 33 -6.12 -2.66 8.14
C THR A 33 -4.72 -3.24 8.08
N SER A 34 -3.85 -2.63 7.27
CA SER A 34 -2.45 -2.99 7.21
C SER A 34 -1.64 -2.33 8.32
N GLY A 35 -2.32 -1.52 9.14
CA GLY A 35 -1.70 -0.76 10.21
C GLY A 35 -0.94 0.46 9.68
N LEU A 36 -0.92 0.65 8.36
CA LEU A 36 -0.12 1.67 7.71
C LEU A 36 -0.60 3.07 8.08
N SER A 37 -1.89 3.28 8.33
CA SER A 37 -2.34 4.58 8.83
C SER A 37 -2.03 4.77 10.31
N LYS A 38 -1.72 3.68 11.02
CA LYS A 38 -1.31 3.74 12.42
C LYS A 38 0.19 4.02 12.47
N MET A 39 0.94 3.46 11.52
CA MET A 39 2.34 3.79 11.37
C MET A 39 2.53 5.30 11.19
N SER A 40 3.46 5.86 11.95
CA SER A 40 3.79 7.26 11.91
C SER A 40 4.50 7.58 10.59
N ALA A 41 4.51 8.87 10.19
CA ALA A 41 5.20 9.35 8.99
C ALA A 41 6.57 8.71 8.82
N ASN A 42 7.35 8.60 9.90
CA ASN A 42 8.65 7.93 9.92
C ASN A 42 8.55 6.56 9.25
N GLN A 43 7.72 5.70 9.83
CA GLN A 43 7.52 4.35 9.34
C GLN A 43 6.94 4.39 7.93
N VAL A 44 5.94 5.25 7.67
CA VAL A 44 5.35 5.31 6.35
C VAL A 44 6.41 5.66 5.30
N LYS A 45 7.38 6.51 5.64
CA LYS A 45 8.52 6.83 4.78
C LYS A 45 9.44 5.62 4.60
N ASP A 46 9.75 4.90 5.69
CA ASP A 46 10.58 3.70 5.62
C ASP A 46 9.92 2.65 4.71
N VAL A 47 8.66 2.29 5.01
CA VAL A 47 7.95 1.32 4.21
C VAL A 47 7.85 1.80 2.76
N PHE A 48 7.51 3.08 2.53
CA PHE A 48 7.57 3.72 1.22
C PHE A 48 8.88 3.34 0.49
N ARG A 49 10.04 3.57 1.11
CA ARG A 49 11.31 3.18 0.50
C ARG A 49 11.37 1.68 0.21
N PHE A 50 10.83 0.85 1.10
CA PHE A 50 10.79 -0.58 0.88
C PHE A 50 9.93 -0.92 -0.34
N ILE A 51 8.91 -0.10 -0.62
CA ILE A 51 8.02 -0.31 -1.76
C ILE A 51 8.66 0.19 -3.06
N ASP A 52 9.19 1.43 -3.09
CA ASP A 52 9.76 2.05 -4.29
C ASP A 52 11.06 1.32 -4.65
N ASN A 53 10.93 0.09 -5.16
CA ASN A 53 12.00 -0.87 -5.36
C ASN A 53 13.06 -0.33 -6.32
N ASP A 54 12.62 0.49 -7.28
CA ASP A 54 13.47 1.24 -8.19
C ASP A 54 14.20 2.36 -7.47
N GLN A 55 13.58 2.95 -6.44
CA GLN A 55 14.14 4.06 -5.70
C GLN A 55 14.38 5.23 -6.65
N SER A 56 13.31 5.96 -6.96
CA SER A 56 13.34 7.17 -7.77
C SER A 56 12.85 8.32 -6.91
N GLY A 57 11.55 8.27 -6.63
CA GLY A 57 10.79 9.23 -5.84
C GLY A 57 9.35 9.35 -6.34
N TYR A 58 8.77 8.24 -6.82
CA TYR A 58 7.43 8.16 -7.37
C TYR A 58 7.06 6.68 -7.29
N LEU A 59 5.89 6.38 -6.73
CA LEU A 59 5.22 5.09 -6.81
C LEU A 59 4.40 5.15 -8.09
N ASP A 60 5.14 5.00 -9.20
CA ASP A 60 4.61 4.93 -10.55
C ASP A 60 3.59 3.78 -10.58
N GLU A 61 2.40 3.97 -11.15
CA GLU A 61 1.26 3.08 -10.96
C GLU A 61 1.61 1.61 -11.15
N GLU A 62 2.33 1.31 -12.22
CA GLU A 62 2.68 -0.07 -12.57
C GLU A 62 3.42 -0.76 -11.43
N GLU A 63 4.19 -0.03 -10.61
CA GLU A 63 4.85 -0.61 -9.46
C GLU A 63 3.85 -1.06 -8.41
N LEU A 64 2.73 -0.33 -8.27
CA LEU A 64 1.68 -0.73 -7.34
C LEU A 64 1.09 -2.08 -7.76
N LYS A 65 1.10 -2.40 -9.05
CA LYS A 65 0.73 -3.72 -9.54
C LYS A 65 1.65 -4.83 -8.98
N PHE A 66 2.74 -4.47 -8.27
CA PHE A 66 3.54 -5.41 -7.49
C PHE A 66 3.93 -4.78 -6.13
N PHE A 67 3.03 -4.01 -5.51
CA PHE A 67 3.29 -3.41 -4.20
C PHE A 67 3.18 -4.46 -3.11
N LEU A 68 1.96 -4.80 -2.70
CA LEU A 68 1.69 -5.61 -1.52
C LEU A 68 2.28 -7.02 -1.69
N GLN A 69 2.57 -7.45 -2.93
CA GLN A 69 3.40 -8.63 -3.21
C GLN A 69 4.70 -8.64 -2.37
N LYS A 70 5.32 -7.48 -2.13
CA LYS A 70 6.48 -7.38 -1.23
C LYS A 70 6.14 -7.92 0.16
N PHE A 71 4.92 -7.65 0.62
CA PHE A 71 4.45 -8.03 1.94
C PHE A 71 4.04 -9.51 1.93
N GLU A 72 3.19 -9.90 0.97
CA GLU A 72 2.64 -11.25 0.89
C GLU A 72 2.33 -11.59 -0.57
N SER A 73 2.71 -12.80 -1.00
CA SER A 73 2.52 -13.30 -2.34
C SER A 73 1.03 -13.31 -2.73
N GLY A 74 0.15 -13.50 -1.74
CA GLY A 74 -1.29 -13.65 -1.91
C GLY A 74 -1.98 -12.31 -1.90
N ALA A 75 -1.23 -11.22 -2.09
CA ALA A 75 -1.76 -9.89 -2.29
C ALA A 75 -2.67 -9.82 -3.51
N ARG A 76 -3.36 -8.68 -3.67
CA ARG A 76 -4.33 -8.48 -4.74
C ARG A 76 -3.69 -7.92 -6.01
N GLU A 77 -2.58 -7.19 -5.87
CA GLU A 77 -1.92 -6.34 -6.86
C GLU A 77 -2.11 -6.73 -8.32
N LEU A 78 -2.00 -8.04 -8.56
CA LEU A 78 -2.24 -8.70 -9.84
C LEU A 78 -3.48 -8.10 -10.51
N THR A 79 -4.62 -8.10 -9.82
CA THR A 79 -5.82 -7.48 -10.33
C THR A 79 -5.70 -5.98 -10.24
N GLU A 80 -6.05 -5.34 -11.33
CA GLU A 80 -5.99 -3.91 -11.45
C GLU A 80 -7.12 -3.26 -10.65
N SER A 81 -8.29 -3.89 -10.54
CA SER A 81 -9.38 -3.35 -9.73
C SER A 81 -8.92 -3.08 -8.29
N GLU A 82 -8.58 -4.12 -7.53
CA GLU A 82 -8.07 -3.97 -6.19
C GLU A 82 -6.94 -2.94 -6.12
N THR A 83 -5.91 -3.10 -6.96
CA THR A 83 -4.74 -2.23 -6.86
C THR A 83 -5.14 -0.77 -7.12
N LYS A 84 -5.97 -0.54 -8.14
CA LYS A 84 -6.44 0.78 -8.50
C LYS A 84 -7.30 1.34 -7.38
N SER A 85 -7.96 0.51 -6.57
CA SER A 85 -8.63 0.99 -5.37
C SER A 85 -7.63 1.76 -4.49
N LEU A 86 -6.42 1.23 -4.30
CA LEU A 86 -5.36 1.96 -3.61
C LEU A 86 -4.99 3.21 -4.42
N MET A 87 -4.53 2.98 -5.65
CA MET A 87 -4.00 4.03 -6.52
C MET A 87 -4.94 5.25 -6.54
N ALA A 88 -6.19 4.99 -6.95
CA ALA A 88 -7.30 5.93 -7.06
C ALA A 88 -7.33 6.94 -5.92
N ALA A 89 -7.22 6.46 -4.69
CA ALA A 89 -7.29 7.32 -3.52
C ALA A 89 -5.91 7.95 -3.27
N ALA A 90 -4.87 7.12 -3.19
CA ALA A 90 -3.50 7.55 -2.95
C ALA A 90 -3.08 8.71 -3.85
N ASP A 91 -3.49 8.67 -5.12
CA ASP A 91 -3.17 9.74 -6.06
C ASP A 91 -4.01 10.98 -5.74
N ASN A 92 -3.56 11.81 -4.79
CA ASN A 92 -4.24 13.05 -4.43
C ASN A 92 -4.03 14.14 -5.49
N ASP A 93 -4.01 13.79 -6.78
CA ASP A 93 -3.94 14.72 -7.90
C ASP A 93 -5.16 14.49 -8.80
N GLY A 94 -5.32 13.24 -9.24
CA GLY A 94 -6.11 12.89 -10.40
C GLY A 94 -5.20 12.84 -11.63
N ASP A 95 -4.02 12.22 -11.48
CA ASP A 95 -3.06 11.97 -12.55
C ASP A 95 -2.78 10.46 -12.66
N GLY A 96 -2.35 9.84 -11.55
CA GLY A 96 -1.92 8.46 -11.53
C GLY A 96 -0.63 8.29 -10.74
N LYS A 97 0.44 8.98 -11.14
CA LYS A 97 1.73 8.86 -10.51
C LYS A 97 1.64 9.35 -9.08
N ILE A 98 1.81 8.44 -8.11
CA ILE A 98 1.84 8.77 -6.70
C ILE A 98 3.30 9.03 -6.33
N GLY A 99 3.55 9.88 -5.33
CA GLY A 99 4.86 10.12 -4.75
C GLY A 99 4.79 9.94 -3.25
N ALA A 100 5.90 10.15 -2.54
CA ALA A 100 5.97 9.89 -1.12
C ALA A 100 5.00 10.80 -0.39
N GLU A 101 4.95 12.07 -0.77
CA GLU A 101 4.04 13.02 -0.19
C GLU A 101 2.59 12.55 -0.37
N GLU A 102 2.09 12.42 -1.60
CA GLU A 102 0.76 11.87 -1.87
C GLU A 102 0.49 10.60 -1.05
N PHE A 103 1.42 9.64 -1.12
CA PHE A 103 1.23 8.34 -0.47
C PHE A 103 1.07 8.55 1.03
N GLN A 104 2.04 9.23 1.65
CA GLN A 104 2.05 9.50 3.08
C GLN A 104 0.80 10.28 3.50
N GLU A 105 0.42 11.33 2.77
CA GLU A 105 -0.80 12.08 3.01
C GLU A 105 -1.99 11.14 3.14
N MET A 106 -2.24 10.36 2.09
CA MET A 106 -3.40 9.49 2.08
C MET A 106 -3.28 8.42 3.16
N VAL A 107 -2.15 7.72 3.23
CA VAL A 107 -1.89 6.71 4.25
C VAL A 107 -2.09 7.28 5.65
N HIS A 108 -1.67 8.52 5.89
CA HIS A 108 -1.75 9.17 7.19
C HIS A 108 -3.22 9.40 7.58
N SER A 109 -4.12 9.39 6.59
CA SER A 109 -5.54 9.60 6.81
C SER A 109 -6.15 8.40 7.56
CA CA B . -0.21 12.10 -8.31
CA CA C . 9.10 4.03 -8.58
N MET A 1 15.61 -5.68 11.60
CA MET A 1 14.26 -6.15 11.26
C MET A 1 13.85 -5.45 9.98
N SER A 2 12.63 -5.70 9.51
CA SER A 2 11.95 -4.95 8.48
C SER A 2 10.47 -5.26 8.64
N ILE A 3 9.64 -4.76 7.73
CA ILE A 3 8.19 -4.87 7.73
C ILE A 3 7.70 -6.27 8.08
N THR A 4 8.42 -7.27 7.57
CA THR A 4 8.26 -8.68 7.74
C THR A 4 8.15 -9.12 9.20
N ASP A 5 8.73 -8.37 10.15
CA ASP A 5 8.72 -8.70 11.56
C ASP A 5 8.85 -7.44 12.42
N VAL A 6 7.98 -6.46 12.13
CA VAL A 6 7.87 -5.19 12.88
C VAL A 6 6.46 -5.07 13.48
N LEU A 7 5.45 -5.16 12.62
CA LEU A 7 4.05 -5.01 12.95
C LEU A 7 3.28 -5.50 11.73
N SER A 8 3.60 -4.86 10.59
CA SER A 8 2.84 -4.94 9.37
C SER A 8 2.53 -6.36 8.89
N ALA A 9 3.39 -7.33 9.21
CA ALA A 9 3.10 -8.73 8.92
C ALA A 9 1.70 -9.16 9.43
N ASP A 10 1.34 -8.72 10.63
CA ASP A 10 0.01 -8.99 11.19
C ASP A 10 -1.05 -8.20 10.41
N ASP A 11 -0.71 -6.96 10.03
CA ASP A 11 -1.61 -6.08 9.30
C ASP A 11 -2.02 -6.74 7.99
N ILE A 12 -1.03 -7.24 7.25
CA ILE A 12 -1.32 -7.82 5.96
C ILE A 12 -2.16 -9.07 6.15
N ALA A 13 -1.88 -9.87 7.18
CA ALA A 13 -2.70 -11.04 7.49
C ALA A 13 -4.18 -10.64 7.64
N ALA A 14 -4.46 -9.57 8.41
CA ALA A 14 -5.81 -9.06 8.53
C ALA A 14 -6.36 -8.62 7.16
N ALA A 15 -5.69 -7.67 6.51
CA ALA A 15 -6.12 -7.09 5.24
C ALA A 15 -6.43 -8.16 4.21
N LEU A 16 -5.53 -9.14 4.11
CA LEU A 16 -5.65 -10.28 3.21
C LEU A 16 -7.00 -10.98 3.37
N GLN A 17 -7.51 -11.08 4.59
CA GLN A 17 -8.80 -11.69 4.84
C GLN A 17 -9.91 -10.67 4.56
N GLU A 18 -9.77 -9.46 5.08
CA GLU A 18 -10.87 -8.50 5.12
C GLU A 18 -11.21 -7.98 3.71
N CYS A 19 -10.21 -7.89 2.83
CA CYS A 19 -10.37 -7.58 1.41
C CYS A 19 -9.85 -8.77 0.60
N ARG A 20 -10.26 -9.99 0.96
CA ARG A 20 -9.93 -11.17 0.16
C ARG A 20 -10.67 -11.13 -1.18
N ASP A 21 -11.86 -10.53 -1.14
CA ASP A 21 -12.87 -10.60 -2.19
C ASP A 21 -12.55 -9.60 -3.32
N PRO A 22 -12.95 -9.92 -4.57
CA PRO A 22 -12.62 -9.11 -5.73
C PRO A 22 -13.29 -7.75 -5.65
N ASP A 23 -12.58 -6.69 -6.07
CA ASP A 23 -13.06 -5.32 -6.12
C ASP A 23 -13.39 -4.73 -4.74
N THR A 24 -13.06 -5.41 -3.63
CA THR A 24 -13.50 -5.02 -2.28
C THR A 24 -12.50 -4.12 -1.57
N PHE A 25 -11.30 -3.96 -2.13
CA PHE A 25 -10.32 -3.06 -1.56
C PHE A 25 -10.90 -1.65 -1.47
N GLU A 26 -11.09 -1.10 -0.27
CA GLU A 26 -11.31 0.32 -0.06
C GLU A 26 -10.01 0.95 0.46
N PRO A 27 -9.75 2.22 0.13
CA PRO A 27 -8.52 2.91 0.51
C PRO A 27 -8.47 3.12 2.02
N GLN A 28 -9.37 3.95 2.55
CA GLN A 28 -9.43 4.28 3.98
C GLN A 28 -9.62 3.02 4.83
N LYS A 29 -10.34 2.03 4.28
CA LYS A 29 -10.50 0.72 4.88
C LYS A 29 -9.13 0.05 5.02
N PHE A 30 -8.49 -0.29 3.89
CA PHE A 30 -7.21 -1.00 3.88
C PHE A 30 -6.20 -0.24 4.72
N PHE A 31 -6.11 1.07 4.51
CA PHE A 31 -5.33 2.02 5.28
C PHE A 31 -5.37 1.71 6.79
N GLN A 32 -6.57 1.69 7.37
CA GLN A 32 -6.72 1.48 8.80
C GLN A 32 -6.41 0.02 9.12
N THR A 33 -6.98 -0.93 8.37
CA THR A 33 -6.82 -2.34 8.61
C THR A 33 -5.33 -2.74 8.60
N SER A 34 -4.57 -2.06 7.75
CA SER A 34 -3.15 -2.28 7.52
C SER A 34 -2.32 -1.57 8.62
N GLY A 35 -2.96 -0.80 9.52
CA GLY A 35 -2.27 -0.24 10.68
C GLY A 35 -1.37 0.93 10.29
N LEU A 36 -1.40 1.30 9.01
CA LEU A 36 -0.66 2.40 8.45
C LEU A 36 -1.08 3.70 9.15
N SER A 37 -2.35 3.81 9.53
CA SER A 37 -2.87 4.91 10.34
C SER A 37 -2.20 4.96 11.71
N LYS A 38 -1.84 3.80 12.26
CA LYS A 38 -1.26 3.75 13.59
C LYS A 38 0.22 4.10 13.47
N MET A 39 0.85 3.64 12.39
CA MET A 39 2.25 3.88 12.17
C MET A 39 2.53 5.36 11.87
N SER A 40 3.57 5.91 12.50
CA SER A 40 3.97 7.29 12.31
C SER A 40 4.57 7.50 10.92
N ALA A 41 4.49 8.74 10.41
CA ALA A 41 5.09 9.12 9.13
C ALA A 41 6.48 8.54 8.95
N ASN A 42 7.29 8.52 10.03
CA ASN A 42 8.61 7.91 10.06
C ASN A 42 8.58 6.51 9.44
N GLN A 43 7.77 5.62 10.03
CA GLN A 43 7.68 4.25 9.60
C GLN A 43 7.03 4.18 8.23
N VAL A 44 5.99 4.98 7.98
CA VAL A 44 5.30 4.93 6.70
C VAL A 44 6.28 5.33 5.58
N LYS A 45 7.17 6.28 5.86
CA LYS A 45 8.23 6.67 4.94
C LYS A 45 9.21 5.51 4.76
N ASP A 46 9.63 4.87 5.86
CA ASP A 46 10.51 3.71 5.76
C ASP A 46 9.88 2.63 4.87
N VAL A 47 8.67 2.16 5.21
CA VAL A 47 8.01 1.14 4.41
C VAL A 47 7.87 1.62 2.96
N PHE A 48 7.45 2.88 2.73
CA PHE A 48 7.45 3.48 1.40
C PHE A 48 8.78 3.20 0.69
N ARG A 49 9.92 3.53 1.30
CA ARG A 49 11.22 3.29 0.67
C ARG A 49 11.46 1.80 0.39
N PHE A 50 11.13 0.92 1.35
CA PHE A 50 11.32 -0.51 1.14
C PHE A 50 10.46 -1.02 -0.01
N ILE A 51 9.24 -0.51 -0.15
CA ILE A 51 8.30 -0.98 -1.14
C ILE A 51 8.53 -0.34 -2.52
N ASP A 52 8.86 0.96 -2.59
CA ASP A 52 9.34 1.65 -3.78
C ASP A 52 10.68 1.05 -4.18
N ASN A 53 10.63 -0.16 -4.75
CA ASN A 53 11.75 -0.73 -5.47
C ASN A 53 12.15 0.29 -6.54
N ASP A 54 13.39 0.29 -7.00
CA ASP A 54 13.89 1.31 -7.91
C ASP A 54 14.19 2.64 -7.19
N GLN A 55 13.27 3.12 -6.35
CA GLN A 55 13.37 4.42 -5.70
C GLN A 55 13.40 5.53 -6.74
N SER A 56 12.50 5.45 -7.73
CA SER A 56 12.29 6.48 -8.76
C SER A 56 12.03 7.84 -8.12
N GLY A 57 11.39 7.84 -6.96
CA GLY A 57 10.82 9.02 -6.34
C GLY A 57 9.32 8.82 -6.12
N TYR A 58 8.70 7.93 -6.92
CA TYR A 58 7.27 7.69 -6.91
C TYR A 58 7.01 6.20 -6.72
N LEU A 59 5.84 5.91 -6.12
CA LEU A 59 5.12 4.67 -6.34
C LEU A 59 4.38 4.87 -7.65
N ASP A 60 5.13 4.64 -8.72
CA ASP A 60 4.65 4.62 -10.10
C ASP A 60 3.68 3.43 -10.25
N GLU A 61 2.64 3.51 -11.10
CA GLU A 61 1.56 2.52 -11.20
C GLU A 61 2.05 1.07 -11.22
N GLU A 62 2.93 0.75 -12.17
CA GLU A 62 3.51 -0.57 -12.33
C GLU A 62 4.10 -1.09 -11.03
N GLU A 63 4.59 -0.20 -10.17
CA GLU A 63 5.14 -0.55 -8.89
C GLU A 63 4.05 -1.08 -7.96
N LEU A 64 2.91 -0.37 -7.90
CA LEU A 64 1.82 -0.85 -7.06
C LEU A 64 1.31 -2.19 -7.57
N LYS A 65 1.41 -2.41 -8.89
CA LYS A 65 1.15 -3.69 -9.54
C LYS A 65 2.03 -4.85 -9.01
N PHE A 66 3.00 -4.59 -8.11
CA PHE A 66 3.67 -5.62 -7.33
C PHE A 66 3.87 -5.21 -5.85
N PHE A 67 3.01 -4.33 -5.32
CA PHE A 67 3.12 -3.78 -3.97
C PHE A 67 3.23 -4.87 -2.90
N LEU A 68 2.11 -5.56 -2.63
CA LEU A 68 2.02 -6.50 -1.53
C LEU A 68 2.93 -7.72 -1.83
N GLN A 69 3.16 -7.97 -3.11
CA GLN A 69 4.06 -8.99 -3.65
C GLN A 69 5.46 -8.86 -3.03
N LYS A 70 5.94 -7.63 -2.81
CA LYS A 70 7.23 -7.43 -2.15
C LYS A 70 7.23 -7.96 -0.72
N PHE A 71 6.06 -7.95 -0.08
CA PHE A 71 5.88 -8.39 1.29
C PHE A 71 5.80 -9.91 1.31
N GLU A 72 4.87 -10.46 0.54
CA GLU A 72 4.55 -11.87 0.52
C GLU A 72 5.14 -12.47 -0.76
N SER A 73 4.35 -13.12 -1.60
CA SER A 73 4.83 -13.63 -2.89
C SER A 73 3.78 -13.85 -3.99
N GLY A 74 2.48 -13.69 -3.72
CA GLY A 74 1.44 -13.80 -4.74
C GLY A 74 0.14 -13.30 -4.13
N ALA A 75 0.07 -12.00 -3.81
CA ALA A 75 -1.06 -11.47 -3.07
C ALA A 75 -2.16 -11.04 -4.03
N ARG A 76 -2.35 -9.73 -4.24
CA ARG A 76 -3.46 -9.24 -5.05
C ARG A 76 -3.10 -7.91 -5.71
N GLU A 77 -1.94 -7.91 -6.35
CA GLU A 77 -1.36 -6.80 -7.08
C GLU A 77 -1.71 -6.95 -8.56
N LEU A 78 -2.10 -8.16 -8.95
CA LEU A 78 -2.45 -8.51 -10.32
C LEU A 78 -3.79 -7.88 -10.70
N THR A 79 -4.81 -7.90 -9.82
CA THR A 79 -6.07 -7.29 -10.20
C THR A 79 -5.87 -5.79 -10.35
N GLU A 80 -6.27 -5.31 -11.52
CA GLU A 80 -6.27 -3.90 -11.80
C GLU A 80 -7.22 -3.18 -10.84
N SER A 81 -8.35 -3.80 -10.50
CA SER A 81 -9.34 -3.21 -9.61
C SER A 81 -8.78 -3.07 -8.19
N GLU A 82 -8.39 -4.17 -7.54
CA GLU A 82 -7.79 -4.12 -6.21
C GLU A 82 -6.60 -3.15 -6.19
N THR A 83 -5.75 -3.15 -7.23
CA THR A 83 -4.71 -2.14 -7.30
C THR A 83 -5.31 -0.74 -7.33
N LYS A 84 -6.13 -0.44 -8.34
CA LYS A 84 -6.59 0.91 -8.64
C LYS A 84 -7.39 1.46 -7.49
N SER A 85 -8.04 0.63 -6.68
CA SER A 85 -8.66 1.07 -5.44
C SER A 85 -7.70 1.93 -4.63
N LEU A 86 -6.45 1.46 -4.47
CA LEU A 86 -5.40 2.26 -3.88
C LEU A 86 -4.93 3.30 -4.90
N MET A 87 -4.53 2.88 -6.11
CA MET A 87 -3.99 3.83 -7.08
C MET A 87 -4.90 5.04 -7.40
N ALA A 88 -6.19 4.94 -7.12
CA ALA A 88 -7.21 5.95 -7.35
C ALA A 88 -7.22 6.95 -6.20
N ALA A 89 -7.48 6.47 -4.98
CA ALA A 89 -7.68 7.34 -3.84
C ALA A 89 -6.35 7.81 -3.24
N ALA A 90 -5.31 6.98 -3.27
CA ALA A 90 -3.98 7.43 -2.87
C ALA A 90 -3.55 8.58 -3.77
N ASP A 91 -3.86 8.48 -5.06
CA ASP A 91 -3.56 9.53 -6.03
C ASP A 91 -4.39 10.76 -5.70
N ASN A 92 -5.70 10.60 -5.78
CA ASN A 92 -6.73 11.65 -5.65
C ASN A 92 -6.42 12.95 -6.39
N ASP A 93 -5.57 12.91 -7.43
CA ASP A 93 -5.31 14.02 -8.33
C ASP A 93 -6.20 13.87 -9.56
N GLY A 94 -6.23 12.64 -10.08
CA GLY A 94 -6.61 12.32 -11.43
C GLY A 94 -5.36 12.15 -12.29
N ASP A 95 -4.30 11.49 -11.77
CA ASP A 95 -3.13 11.12 -12.57
C ASP A 95 -2.80 9.63 -12.44
N GLY A 96 -2.61 9.12 -11.22
CA GLY A 96 -2.35 7.71 -10.94
C GLY A 96 -0.95 7.48 -10.35
N LYS A 97 0.05 8.25 -10.76
CA LYS A 97 1.38 8.19 -10.15
C LYS A 97 1.28 8.79 -8.75
N ILE A 98 1.76 8.05 -7.75
CA ILE A 98 1.62 8.41 -6.35
C ILE A 98 3.00 8.63 -5.76
N GLY A 99 3.35 9.88 -5.49
CA GLY A 99 4.59 10.21 -4.80
C GLY A 99 4.60 9.61 -3.40
N ALA A 100 5.80 9.56 -2.80
CA ALA A 100 5.94 9.26 -1.39
C ALA A 100 5.03 10.17 -0.58
N GLU A 101 5.00 11.45 -0.97
CA GLU A 101 4.19 12.47 -0.36
C GLU A 101 2.71 12.07 -0.42
N GLU A 102 2.17 11.81 -1.62
CA GLU A 102 0.80 11.33 -1.81
C GLU A 102 0.50 10.12 -0.90
N PHE A 103 1.41 9.13 -0.89
CA PHE A 103 1.25 7.94 -0.06
C PHE A 103 1.13 8.32 1.42
N GLN A 104 2.12 9.06 1.92
CA GLN A 104 2.15 9.56 3.30
C GLN A 104 1.00 10.49 3.61
N GLU A 105 0.44 11.22 2.64
CA GLU A 105 -0.77 11.99 2.89
C GLU A 105 -1.88 11.00 3.23
N MET A 106 -2.18 10.08 2.31
CA MET A 106 -3.28 9.15 2.50
C MET A 106 -3.10 8.39 3.83
N VAL A 107 -1.87 7.98 4.12
CA VAL A 107 -1.58 7.20 5.31
C VAL A 107 -1.52 8.05 6.58
N HIS A 108 -0.69 9.09 6.63
CA HIS A 108 -0.53 9.87 7.86
C HIS A 108 -1.78 10.72 8.13
N SER A 109 -2.70 10.76 7.17
CA SER A 109 -4.04 11.29 7.37
C SER A 109 -4.74 10.75 8.64
CA CA B . -0.81 11.70 -8.38
CA CA C . 9.32 3.65 -7.98
N MET A 1 12.68 -9.94 9.45
CA MET A 1 13.37 -9.01 8.56
C MET A 1 12.68 -7.64 8.55
N SER A 2 11.99 -7.31 7.44
CA SER A 2 11.51 -5.97 7.20
C SER A 2 10.14 -5.81 7.87
N ILE A 3 9.23 -5.06 7.24
CA ILE A 3 7.88 -4.82 7.72
C ILE A 3 7.18 -6.11 8.21
N THR A 4 7.50 -7.24 7.57
CA THR A 4 6.94 -8.54 7.78
C THR A 4 7.28 -9.08 9.17
N ASP A 5 8.16 -8.39 9.90
CA ASP A 5 8.68 -8.75 11.21
C ASP A 5 8.60 -7.54 12.16
N VAL A 6 7.97 -6.44 11.71
CA VAL A 6 7.72 -5.26 12.54
C VAL A 6 6.36 -5.40 13.25
N LEU A 7 5.28 -5.49 12.46
CA LEU A 7 3.91 -5.51 12.95
C LEU A 7 3.02 -5.96 11.80
N SER A 8 3.05 -5.18 10.72
CA SER A 8 2.16 -5.25 9.56
C SER A 8 1.83 -6.66 9.07
N ALA A 9 2.67 -7.67 9.29
CA ALA A 9 2.34 -9.07 9.01
C ALA A 9 0.96 -9.46 9.57
N ASP A 10 0.69 -9.11 10.83
CA ASP A 10 -0.60 -9.44 11.45
C ASP A 10 -1.72 -8.70 10.72
N ASP A 11 -1.46 -7.44 10.39
CA ASP A 11 -2.43 -6.52 9.84
C ASP A 11 -2.80 -6.97 8.42
N ILE A 12 -1.80 -7.31 7.61
CA ILE A 12 -2.05 -7.83 6.28
C ILE A 12 -2.85 -9.13 6.35
N ALA A 13 -2.60 -10.00 7.33
CA ALA A 13 -3.42 -11.18 7.53
C ALA A 13 -4.90 -10.80 7.69
N ALA A 14 -5.20 -9.76 8.48
CA ALA A 14 -6.55 -9.23 8.57
C ALA A 14 -7.03 -8.75 7.19
N ALA A 15 -6.29 -7.82 6.58
CA ALA A 15 -6.60 -7.24 5.27
C ALA A 15 -6.96 -8.33 4.25
N LEU A 16 -6.16 -9.40 4.27
CA LEU A 16 -6.25 -10.55 3.39
C LEU A 16 -7.61 -11.23 3.50
N GLN A 17 -8.17 -11.28 4.71
CA GLN A 17 -9.42 -11.99 4.97
C GLN A 17 -10.60 -11.05 4.80
N GLU A 18 -10.48 -9.83 5.32
CA GLU A 18 -11.57 -8.88 5.28
C GLU A 18 -11.83 -8.40 3.84
N CYS A 19 -10.78 -8.30 3.02
CA CYS A 19 -10.89 -7.95 1.60
C CYS A 19 -10.57 -9.20 0.76
N ARG A 20 -11.29 -10.30 1.00
CA ARG A 20 -10.93 -11.61 0.46
C ARG A 20 -11.18 -11.65 -1.04
N ASP A 21 -12.41 -11.31 -1.39
CA ASP A 21 -12.86 -11.20 -2.76
C ASP A 21 -12.18 -9.99 -3.38
N PRO A 22 -11.75 -10.08 -4.65
CA PRO A 22 -10.81 -9.16 -5.28
C PRO A 22 -11.22 -7.71 -5.09
N ASP A 23 -12.26 -7.28 -5.77
CA ASP A 23 -12.74 -5.91 -5.66
C ASP A 23 -13.53 -5.66 -4.36
N THR A 24 -12.98 -6.07 -3.20
CA THR A 24 -13.55 -5.79 -1.88
C THR A 24 -12.55 -5.02 -1.02
N PHE A 25 -11.67 -4.25 -1.64
CA PHE A 25 -10.64 -3.46 -1.00
C PHE A 25 -11.01 -1.99 -1.12
N GLU A 26 -10.87 -1.25 -0.01
CA GLU A 26 -10.95 0.19 0.03
C GLU A 26 -9.63 0.73 0.59
N PRO A 27 -9.13 1.86 0.09
CA PRO A 27 -7.86 2.43 0.49
C PRO A 27 -7.89 2.86 1.96
N GLN A 28 -8.80 3.76 2.33
CA GLN A 28 -8.92 4.27 3.70
C GLN A 28 -9.03 3.11 4.70
N LYS A 29 -9.95 2.19 4.41
CA LYS A 29 -10.08 0.91 5.11
C LYS A 29 -8.69 0.29 5.26
N PHE A 30 -8.08 -0.06 4.13
CA PHE A 30 -6.79 -0.74 4.06
C PHE A 30 -5.71 -0.03 4.89
N PHE A 31 -5.59 1.29 4.85
CA PHE A 31 -4.55 1.99 5.60
C PHE A 31 -4.63 1.66 7.09
N GLN A 32 -5.84 1.70 7.65
CA GLN A 32 -6.03 1.36 9.05
C GLN A 32 -5.85 -0.15 9.24
N THR A 33 -6.45 -0.95 8.36
CA THR A 33 -6.49 -2.40 8.45
C THR A 33 -5.11 -3.04 8.33
N SER A 34 -4.24 -2.42 7.54
CA SER A 34 -2.88 -2.84 7.30
C SER A 34 -1.96 -2.27 8.39
N GLY A 35 -2.52 -1.47 9.32
CA GLY A 35 -1.76 -0.88 10.42
C GLY A 35 -0.94 0.33 9.96
N LEU A 36 -0.83 0.52 8.64
CA LEU A 36 -0.07 1.55 7.99
C LEU A 36 -0.48 2.96 8.46
N SER A 37 -1.75 3.19 8.77
CA SER A 37 -2.19 4.46 9.35
C SER A 37 -1.66 4.63 10.78
N LYS A 38 -1.53 3.52 11.51
CA LYS A 38 -1.06 3.57 12.88
C LYS A 38 0.45 3.81 12.87
N MET A 39 1.12 3.24 11.86
CA MET A 39 2.51 3.53 11.66
C MET A 39 2.70 5.05 11.46
N SER A 40 3.56 5.68 12.26
CA SER A 40 3.86 7.08 12.11
C SER A 40 4.53 7.36 10.76
N ALA A 41 4.49 8.63 10.34
CA ALA A 41 5.13 9.12 9.12
C ALA A 41 6.53 8.54 8.92
N ASN A 42 7.31 8.44 10.00
CA ASN A 42 8.63 7.82 9.99
C ASN A 42 8.55 6.45 9.30
N GLN A 43 7.75 5.56 9.87
CA GLN A 43 7.58 4.21 9.37
C GLN A 43 6.97 4.27 7.98
N VAL A 44 5.92 5.06 7.74
CA VAL A 44 5.27 5.08 6.43
C VAL A 44 6.27 5.48 5.33
N LYS A 45 7.17 6.44 5.62
CA LYS A 45 8.25 6.79 4.72
C LYS A 45 9.22 5.61 4.55
N ASP A 46 9.64 5.00 5.64
CA ASP A 46 10.63 3.93 5.59
C ASP A 46 10.09 2.75 4.77
N VAL A 47 8.87 2.28 5.09
CA VAL A 47 8.21 1.25 4.30
C VAL A 47 8.03 1.72 2.86
N PHE A 48 7.57 2.95 2.62
CA PHE A 48 7.50 3.54 1.28
C PHE A 48 8.80 3.32 0.51
N ARG A 49 9.96 3.61 1.12
CA ARG A 49 11.23 3.34 0.46
C ARG A 49 11.43 1.85 0.15
N PHE A 50 10.96 0.94 1.03
CA PHE A 50 10.98 -0.48 0.72
C PHE A 50 10.06 -0.78 -0.47
N ILE A 51 8.94 -0.04 -0.60
CA ILE A 51 8.04 -0.20 -1.74
C ILE A 51 8.70 0.25 -3.05
N ASP A 52 9.15 1.51 -3.15
CA ASP A 52 9.66 2.06 -4.42
C ASP A 52 11.03 1.46 -4.72
N ASN A 53 11.05 0.17 -5.06
CA ASN A 53 12.23 -0.66 -5.21
C ASN A 53 13.18 -0.11 -6.27
N ASP A 54 12.62 0.51 -7.30
CA ASP A 54 13.37 1.19 -8.35
C ASP A 54 13.95 2.53 -7.86
N GLN A 55 13.38 3.09 -6.78
CA GLN A 55 13.74 4.36 -6.17
C GLN A 55 13.83 5.48 -7.21
N SER A 56 12.68 5.76 -7.84
CA SER A 56 12.50 6.96 -8.67
C SER A 56 11.92 8.08 -7.83
N GLY A 57 10.97 7.74 -6.94
CA GLY A 57 10.16 8.74 -6.25
C GLY A 57 8.79 8.90 -6.88
N TYR A 58 8.35 7.92 -7.68
CA TYR A 58 6.96 7.77 -8.08
C TYR A 58 6.57 6.31 -7.95
N LEU A 59 5.37 6.07 -7.41
CA LEU A 59 4.67 4.79 -7.39
C LEU A 59 3.81 4.70 -8.64
N ASP A 60 4.46 4.54 -9.79
CA ASP A 60 3.80 4.38 -11.07
C ASP A 60 2.96 3.09 -11.09
N GLU A 61 2.08 2.97 -12.08
CA GLU A 61 1.16 1.84 -12.22
C GLU A 61 1.88 0.51 -12.09
N GLU A 62 3.01 0.37 -12.80
CA GLU A 62 3.77 -0.85 -12.82
C GLU A 62 4.54 -1.10 -11.51
N GLU A 63 4.76 -0.06 -10.71
CA GLU A 63 5.19 -0.25 -9.33
C GLU A 63 4.03 -0.84 -8.53
N LEU A 64 2.86 -0.21 -8.67
CA LEU A 64 1.64 -0.67 -8.04
C LEU A 64 1.44 -2.18 -8.29
N LYS A 65 1.71 -2.61 -9.53
CA LYS A 65 1.65 -4.01 -9.94
C LYS A 65 2.51 -4.98 -9.09
N PHE A 66 3.36 -4.50 -8.17
CA PHE A 66 4.01 -5.35 -7.17
C PHE A 66 4.02 -4.73 -5.76
N PHE A 67 3.16 -3.75 -5.46
CA PHE A 67 3.15 -2.98 -4.22
C PHE A 67 3.38 -3.82 -2.94
N LEU A 68 2.38 -4.57 -2.48
CA LEU A 68 2.48 -5.44 -1.31
C LEU A 68 3.29 -6.70 -1.62
N GLN A 69 3.80 -6.88 -2.85
CA GLN A 69 4.51 -8.11 -3.21
C GLN A 69 5.89 -8.14 -2.54
N LYS A 70 6.40 -6.98 -2.09
CA LYS A 70 7.50 -6.91 -1.16
C LYS A 70 7.16 -7.61 0.17
N PHE A 71 5.88 -7.63 0.55
CA PHE A 71 5.41 -8.18 1.80
C PHE A 71 5.08 -9.66 1.58
N GLU A 72 4.05 -9.92 0.75
CA GLU A 72 3.48 -11.24 0.54
C GLU A 72 3.69 -11.60 -0.93
N SER A 73 4.42 -12.69 -1.21
CA SER A 73 4.69 -13.16 -2.56
C SER A 73 3.41 -13.23 -3.41
N GLY A 74 2.29 -13.58 -2.78
CA GLY A 74 0.99 -13.74 -3.40
C GLY A 74 0.03 -12.65 -2.94
N ALA A 75 0.53 -11.42 -2.73
CA ALA A 75 -0.33 -10.28 -2.51
C ALA A 75 -1.19 -10.01 -3.75
N ARG A 76 -2.10 -9.04 -3.64
CA ARG A 76 -3.19 -8.84 -4.58
C ARG A 76 -2.82 -8.07 -5.83
N GLU A 77 -1.55 -7.72 -6.01
CA GLU A 77 -1.11 -6.70 -6.96
C GLU A 77 -1.58 -6.98 -8.39
N LEU A 78 -1.81 -8.25 -8.70
CA LEU A 78 -2.38 -8.73 -9.95
C LEU A 78 -3.81 -8.22 -10.16
N THR A 79 -4.66 -8.21 -9.12
CA THR A 79 -6.01 -7.65 -9.19
C THR A 79 -5.90 -6.16 -9.47
N GLU A 80 -6.22 -5.78 -10.71
CA GLU A 80 -6.27 -4.39 -11.09
C GLU A 80 -7.24 -3.62 -10.19
N SER A 81 -8.37 -4.22 -9.79
CA SER A 81 -9.31 -3.60 -8.87
C SER A 81 -8.62 -3.05 -7.61
N GLU A 82 -8.12 -3.91 -6.71
CA GLU A 82 -7.43 -3.45 -5.52
C GLU A 82 -6.30 -2.48 -5.88
N THR A 83 -5.47 -2.86 -6.86
CA THR A 83 -4.31 -2.06 -7.20
C THR A 83 -4.77 -0.62 -7.51
N LYS A 84 -5.74 -0.49 -8.40
CA LYS A 84 -6.26 0.78 -8.89
C LYS A 84 -7.03 1.49 -7.79
N SER A 85 -7.74 0.79 -6.91
CA SER A 85 -8.40 1.39 -5.76
C SER A 85 -7.37 2.06 -4.83
N LEU A 86 -6.29 1.35 -4.49
CA LEU A 86 -5.19 1.95 -3.73
C LEU A 86 -4.74 3.20 -4.48
N MET A 87 -4.30 3.00 -5.73
CA MET A 87 -3.80 4.08 -6.57
C MET A 87 -4.76 5.29 -6.56
N ALA A 88 -6.04 5.06 -6.80
CA ALA A 88 -7.09 6.05 -6.98
C ALA A 88 -7.15 7.01 -5.79
N ALA A 89 -7.23 6.48 -4.57
CA ALA A 89 -7.23 7.33 -3.39
C ALA A 89 -5.83 7.90 -3.16
N ALA A 90 -4.81 7.03 -3.15
CA ALA A 90 -3.43 7.42 -2.92
C ALA A 90 -3.01 8.63 -3.76
N ASP A 91 -3.57 8.71 -4.98
CA ASP A 91 -3.30 9.76 -5.91
C ASP A 91 -4.09 11.04 -5.60
N ASN A 92 -3.42 12.12 -5.20
CA ASN A 92 -4.04 13.42 -4.94
C ASN A 92 -4.30 14.22 -6.22
N ASP A 93 -4.65 13.58 -7.34
CA ASP A 93 -4.80 14.27 -8.62
C ASP A 93 -5.95 13.71 -9.45
N GLY A 94 -5.94 12.40 -9.68
CA GLY A 94 -6.55 11.80 -10.85
C GLY A 94 -5.54 11.77 -12.01
N ASP A 95 -4.27 11.46 -11.70
CA ASP A 95 -3.20 11.17 -12.65
C ASP A 95 -2.79 9.70 -12.50
N GLY A 96 -2.24 9.35 -11.34
CA GLY A 96 -1.74 8.02 -11.05
C GLY A 96 -0.32 8.07 -10.49
N LYS A 97 0.48 9.05 -10.94
CA LYS A 97 1.81 9.26 -10.37
C LYS A 97 1.62 9.64 -8.90
N ILE A 98 2.21 8.86 -7.98
CA ILE A 98 2.03 8.98 -6.54
C ILE A 98 3.40 9.18 -5.91
N GLY A 99 3.61 10.32 -5.24
CA GLY A 99 4.80 10.58 -4.46
C GLY A 99 4.66 10.04 -3.04
N ALA A 100 5.74 10.10 -2.26
CA ALA A 100 5.71 9.71 -0.85
C ALA A 100 4.72 10.56 -0.10
N GLU A 101 4.71 11.86 -0.39
CA GLU A 101 3.77 12.81 0.20
C GLU A 101 2.34 12.36 -0.09
N GLU A 102 1.99 12.20 -1.37
CA GLU A 102 0.67 11.71 -1.77
C GLU A 102 0.30 10.46 -0.97
N PHE A 103 1.21 9.47 -0.96
CA PHE A 103 0.96 8.20 -0.29
C PHE A 103 0.72 8.38 1.21
N GLN A 104 1.66 9.04 1.89
CA GLN A 104 1.65 9.28 3.33
C GLN A 104 0.40 10.06 3.73
N GLU A 105 0.02 11.12 3.00
CA GLU A 105 -1.22 11.84 3.27
C GLU A 105 -2.39 10.87 3.40
N MET A 106 -2.56 10.03 2.38
CA MET A 106 -3.66 9.09 2.35
C MET A 106 -3.51 8.08 3.49
N VAL A 107 -2.35 7.43 3.58
CA VAL A 107 -2.06 6.44 4.60
C VAL A 107 -2.31 6.99 6.01
N HIS A 108 -1.98 8.27 6.25
CA HIS A 108 -2.14 8.94 7.52
C HIS A 108 -3.61 9.02 7.92
N SER A 109 -4.51 8.91 6.94
CA SER A 109 -5.94 9.01 7.18
C SER A 109 -6.53 7.74 7.81
CA CA B . -0.71 12.23 -8.15
CA CA C . 9.16 3.94 -8.72
N MET A 1 14.28 -8.90 9.28
CA MET A 1 13.74 -8.96 7.90
C MET A 1 13.37 -7.57 7.39
N SER A 2 12.09 -7.25 7.37
CA SER A 2 11.58 -5.99 6.85
C SER A 2 10.42 -5.62 7.77
N ILE A 3 9.42 -4.91 7.25
CA ILE A 3 8.23 -4.51 7.98
C ILE A 3 7.56 -5.69 8.71
N THR A 4 7.72 -6.91 8.20
CA THR A 4 7.18 -8.11 8.80
C THR A 4 7.67 -8.19 10.26
N ASP A 5 8.94 -7.85 10.45
CA ASP A 5 9.73 -7.97 11.66
C ASP A 5 9.59 -6.69 12.48
N VAL A 6 8.35 -6.17 12.57
CA VAL A 6 8.01 -4.93 13.26
C VAL A 6 6.63 -5.06 13.91
N LEU A 7 5.60 -5.25 13.08
CA LEU A 7 4.20 -5.30 13.49
C LEU A 7 3.41 -5.84 12.31
N SER A 8 3.54 -5.14 11.18
CA SER A 8 2.75 -5.19 9.98
C SER A 8 2.34 -6.58 9.52
N ALA A 9 3.14 -7.61 9.80
CA ALA A 9 2.81 -9.00 9.52
C ALA A 9 1.38 -9.36 9.97
N ASP A 10 1.03 -9.00 11.21
CA ASP A 10 -0.30 -9.29 11.74
C ASP A 10 -1.35 -8.59 10.88
N ASP A 11 -1.08 -7.33 10.57
CA ASP A 11 -2.01 -6.43 9.93
C ASP A 11 -2.26 -6.90 8.50
N ILE A 12 -1.19 -7.23 7.77
CA ILE A 12 -1.31 -7.77 6.44
C ILE A 12 -2.01 -9.13 6.45
N ALA A 13 -1.73 -9.99 7.44
CA ALA A 13 -2.47 -11.25 7.59
C ALA A 13 -3.97 -10.99 7.73
N ALA A 14 -4.36 -10.02 8.58
CA ALA A 14 -5.77 -9.62 8.67
C ALA A 14 -6.28 -9.13 7.32
N ALA A 15 -5.57 -8.18 6.71
CA ALA A 15 -5.92 -7.57 5.44
C ALA A 15 -6.16 -8.64 4.37
N LEU A 16 -5.29 -9.64 4.33
CA LEU A 16 -5.38 -10.77 3.44
C LEU A 16 -6.74 -11.47 3.57
N GLN A 17 -7.30 -11.53 4.78
CA GLN A 17 -8.59 -12.17 5.01
C GLN A 17 -9.75 -11.19 4.77
N GLU A 18 -9.64 -9.95 5.26
CA GLU A 18 -10.71 -8.95 5.07
C GLU A 18 -10.91 -8.71 3.58
N CYS A 19 -9.81 -8.55 2.85
CA CYS A 19 -9.75 -8.22 1.45
C CYS A 19 -9.52 -9.48 0.62
N ARG A 20 -10.12 -10.59 1.03
CA ARG A 20 -9.97 -11.87 0.36
C ARG A 20 -10.77 -11.85 -0.94
N ASP A 21 -12.00 -11.35 -0.83
CA ASP A 21 -13.04 -11.55 -1.81
C ASP A 21 -12.84 -10.53 -2.93
N PRO A 22 -13.18 -10.85 -4.19
CA PRO A 22 -12.78 -10.05 -5.32
C PRO A 22 -13.43 -8.67 -5.27
N ASP A 23 -12.70 -7.68 -5.77
CA ASP A 23 -13.10 -6.29 -5.89
C ASP A 23 -13.62 -5.71 -4.55
N THR A 24 -12.89 -5.95 -3.44
CA THR A 24 -13.25 -5.50 -2.09
C THR A 24 -12.19 -4.54 -1.49
N PHE A 25 -11.18 -4.11 -2.24
CA PHE A 25 -10.06 -3.33 -1.70
C PHE A 25 -10.45 -1.85 -1.59
N GLU A 26 -11.12 -1.48 -0.49
CA GLU A 26 -11.29 -0.08 -0.14
C GLU A 26 -9.93 0.50 0.29
N PRO A 27 -9.59 1.73 -0.12
CA PRO A 27 -8.33 2.35 0.22
C PRO A 27 -8.23 2.59 1.73
N GLN A 28 -9.13 3.41 2.28
CA GLN A 28 -9.12 3.76 3.70
C GLN A 28 -9.24 2.51 4.57
N LYS A 29 -10.17 1.62 4.22
CA LYS A 29 -10.30 0.33 4.90
C LYS A 29 -8.93 -0.35 4.98
N PHE A 30 -8.32 -0.62 3.83
CA PHE A 30 -7.09 -1.40 3.78
C PHE A 30 -5.95 -0.67 4.50
N PHE A 31 -5.84 0.64 4.32
CA PHE A 31 -4.92 1.51 5.03
C PHE A 31 -4.94 1.21 6.53
N GLN A 32 -6.13 1.25 7.11
CA GLN A 32 -6.28 1.12 8.54
C GLN A 32 -6.01 -0.33 8.92
N THR A 33 -6.65 -1.27 8.22
CA THR A 33 -6.51 -2.69 8.47
C THR A 33 -5.05 -3.12 8.41
N SER A 34 -4.27 -2.52 7.51
CA SER A 34 -2.89 -2.87 7.28
C SER A 34 -1.94 -2.16 8.26
N GLY A 35 -2.45 -1.30 9.15
CA GLY A 35 -1.66 -0.77 10.25
C GLY A 35 -0.81 0.42 9.84
N LEU A 36 -0.88 0.82 8.57
CA LEU A 36 -0.21 2.00 8.05
C LEU A 36 -0.67 3.24 8.82
N SER A 37 -1.91 3.23 9.30
CA SER A 37 -2.45 4.19 10.25
C SER A 37 -1.57 4.34 11.48
N LYS A 38 -1.09 3.20 12.00
CA LYS A 38 -0.45 3.14 13.29
C LYS A 38 1.06 3.33 13.12
N MET A 39 1.58 2.95 11.96
CA MET A 39 3.01 2.98 11.67
C MET A 39 3.66 4.35 11.94
N SER A 40 3.03 5.44 11.47
CA SER A 40 3.46 6.83 11.54
C SER A 40 4.22 7.20 10.27
N ALA A 41 4.11 8.46 9.85
CA ALA A 41 4.66 9.00 8.60
C ALA A 41 6.06 8.48 8.29
N ASN A 42 6.88 8.31 9.33
CA ASN A 42 8.28 7.94 9.20
C ASN A 42 8.34 6.51 8.66
N GLN A 43 7.77 5.58 9.43
CA GLN A 43 7.66 4.20 9.04
C GLN A 43 6.98 4.11 7.69
N VAL A 44 5.85 4.79 7.50
CA VAL A 44 5.09 4.75 6.26
C VAL A 44 5.98 5.13 5.06
N LYS A 45 6.75 6.22 5.18
CA LYS A 45 7.66 6.62 4.12
C LYS A 45 8.73 5.55 3.90
N ASP A 46 9.29 4.99 4.97
CA ASP A 46 10.32 3.98 4.82
C ASP A 46 9.76 2.72 4.14
N VAL A 47 8.60 2.20 4.60
CA VAL A 47 7.94 1.08 3.95
C VAL A 47 7.65 1.41 2.49
N PHE A 48 7.16 2.63 2.21
CA PHE A 48 7.00 3.09 0.83
C PHE A 48 8.28 2.82 0.04
N ARG A 49 9.43 3.27 0.56
CA ARG A 49 10.68 3.03 -0.15
C ARG A 49 11.10 1.55 -0.20
N PHE A 50 10.78 0.73 0.81
CA PHE A 50 10.97 -0.71 0.67
C PHE A 50 10.22 -1.25 -0.55
N ILE A 51 9.00 -0.76 -0.81
CA ILE A 51 8.21 -1.24 -1.94
C ILE A 51 8.66 -0.63 -3.27
N ASP A 52 8.91 0.68 -3.31
CA ASP A 52 9.38 1.43 -4.48
C ASP A 52 10.79 0.95 -4.84
N ASN A 53 10.83 -0.20 -5.52
CA ASN A 53 12.04 -0.95 -5.88
C ASN A 53 13.15 -0.04 -6.42
N ASP A 54 12.84 0.71 -7.48
CA ASP A 54 13.71 1.68 -8.14
C ASP A 54 14.14 2.83 -7.22
N GLN A 55 13.47 3.02 -6.07
CA GLN A 55 13.70 4.13 -5.15
C GLN A 55 13.54 5.48 -5.85
N SER A 56 12.69 5.55 -6.87
CA SER A 56 12.41 6.77 -7.61
C SER A 56 11.75 7.83 -6.72
N GLY A 57 11.14 7.41 -5.60
CA GLY A 57 10.34 8.28 -4.75
C GLY A 57 8.89 8.34 -5.26
N TYR A 58 8.53 7.39 -6.12
CA TYR A 58 7.23 7.32 -6.77
C TYR A 58 6.75 5.89 -6.75
N LEU A 59 5.55 5.67 -6.21
CA LEU A 59 4.72 4.55 -6.61
C LEU A 59 4.20 4.96 -7.99
N ASP A 60 5.02 4.71 -9.01
CA ASP A 60 4.58 4.75 -10.40
C ASP A 60 3.59 3.61 -10.59
N GLU A 61 2.82 3.64 -11.69
CA GLU A 61 1.77 2.68 -12.00
C GLU A 61 2.18 1.25 -11.67
N GLU A 62 3.35 0.83 -12.18
CA GLU A 62 3.78 -0.56 -12.06
C GLU A 62 4.10 -0.96 -10.62
N GLU A 63 4.45 -0.04 -9.72
CA GLU A 63 4.59 -0.42 -8.32
C GLU A 63 3.29 -1.02 -7.81
N LEU A 64 2.15 -0.43 -8.18
CA LEU A 64 0.88 -0.96 -7.73
C LEU A 64 0.61 -2.35 -8.30
N LYS A 65 1.30 -2.76 -9.36
CA LYS A 65 1.23 -4.11 -9.88
C LYS A 65 2.09 -5.08 -9.05
N PHE A 66 2.99 -4.58 -8.20
CA PHE A 66 3.78 -5.37 -7.27
C PHE A 66 4.01 -4.60 -5.95
N PHE A 67 2.92 -4.28 -5.25
CA PHE A 67 2.91 -3.47 -4.04
C PHE A 67 3.02 -4.40 -2.82
N LEU A 68 1.93 -5.03 -2.38
CA LEU A 68 1.98 -6.07 -1.35
C LEU A 68 2.73 -7.33 -1.80
N GLN A 69 3.15 -7.40 -3.07
CA GLN A 69 4.02 -8.47 -3.51
C GLN A 69 5.36 -8.44 -2.76
N LYS A 70 5.79 -7.30 -2.21
CA LYS A 70 6.91 -7.28 -1.27
C LYS A 70 6.43 -7.44 0.17
N PHE A 71 5.35 -6.75 0.55
CA PHE A 71 4.87 -6.81 1.93
C PHE A 71 4.61 -8.25 2.37
N GLU A 72 3.86 -9.00 1.56
CA GLU A 72 3.45 -10.36 1.82
C GLU A 72 4.17 -11.29 0.85
N SER A 73 3.85 -11.18 -0.45
CA SER A 73 4.15 -12.10 -1.55
C SER A 73 2.86 -12.81 -1.97
N GLY A 74 2.40 -12.53 -3.20
CA GLY A 74 1.22 -13.19 -3.76
C GLY A 74 -0.07 -12.67 -3.11
N ALA A 75 -0.17 -11.34 -2.97
CA ALA A 75 -1.34 -10.66 -2.43
C ALA A 75 -2.35 -10.41 -3.55
N ARG A 76 -2.69 -9.15 -3.84
CA ARG A 76 -3.80 -8.77 -4.71
C ARG A 76 -3.33 -8.06 -5.99
N GLU A 77 -2.05 -7.74 -6.08
CA GLU A 77 -1.47 -6.72 -6.94
C GLU A 77 -1.85 -6.90 -8.41
N LEU A 78 -1.99 -8.17 -8.81
CA LEU A 78 -2.43 -8.56 -10.13
C LEU A 78 -3.79 -7.96 -10.48
N THR A 79 -4.76 -7.93 -9.54
CA THR A 79 -6.09 -7.39 -9.81
C THR A 79 -6.01 -5.90 -10.03
N GLU A 80 -6.13 -5.50 -11.29
CA GLU A 80 -6.02 -4.10 -11.70
C GLU A 80 -7.13 -3.28 -11.05
N SER A 81 -8.34 -3.83 -10.88
CA SER A 81 -9.44 -3.13 -10.23
C SER A 81 -9.03 -2.66 -8.83
N GLU A 82 -8.57 -3.59 -7.99
CA GLU A 82 -8.17 -3.31 -6.62
C GLU A 82 -6.98 -2.36 -6.62
N THR A 83 -5.98 -2.67 -7.45
CA THR A 83 -4.83 -1.81 -7.62
C THR A 83 -5.26 -0.37 -7.95
N LYS A 84 -6.21 -0.24 -8.88
CA LYS A 84 -6.72 1.04 -9.32
C LYS A 84 -7.53 1.72 -8.23
N SER A 85 -8.31 0.98 -7.43
CA SER A 85 -8.96 1.50 -6.24
C SER A 85 -7.93 2.23 -5.36
N LEU A 86 -6.82 1.54 -5.06
CA LEU A 86 -5.77 2.14 -4.26
C LEU A 86 -5.18 3.36 -4.97
N MET A 87 -4.71 3.19 -6.22
CA MET A 87 -4.21 4.33 -7.01
C MET A 87 -5.16 5.54 -6.92
N ALA A 88 -6.44 5.29 -7.20
CA ALA A 88 -7.48 6.31 -7.36
C ALA A 88 -7.56 7.23 -6.15
N ALA A 89 -7.55 6.67 -4.94
CA ALA A 89 -7.63 7.46 -3.72
C ALA A 89 -6.26 8.01 -3.32
N ALA A 90 -5.20 7.21 -3.50
CA ALA A 90 -3.85 7.63 -3.12
C ALA A 90 -3.38 8.82 -3.96
N ASP A 91 -3.63 8.79 -5.28
CA ASP A 91 -3.23 9.89 -6.14
C ASP A 91 -4.03 11.13 -5.75
N ASN A 92 -3.34 12.20 -5.33
CA ASN A 92 -3.99 13.39 -4.83
C ASN A 92 -3.98 14.52 -5.86
N ASP A 93 -3.63 14.20 -7.12
CA ASP A 93 -3.57 15.17 -8.22
C ASP A 93 -4.80 14.99 -9.11
N GLY A 94 -5.13 13.73 -9.40
CA GLY A 94 -5.89 13.33 -10.56
C GLY A 94 -4.92 13.03 -11.71
N ASP A 95 -3.79 12.38 -11.43
CA ASP A 95 -2.80 11.99 -12.43
C ASP A 95 -2.64 10.47 -12.46
N GLY A 96 -2.24 9.86 -11.34
CA GLY A 96 -2.06 8.42 -11.24
C GLY A 96 -0.70 8.07 -10.59
N LYS A 97 0.37 8.77 -11.01
CA LYS A 97 1.69 8.58 -10.44
C LYS A 97 1.69 9.11 -9.02
N ILE A 98 2.05 8.28 -8.04
CA ILE A 98 1.87 8.59 -6.63
C ILE A 98 3.21 8.88 -5.99
N GLY A 99 3.44 10.14 -5.61
CA GLY A 99 4.60 10.50 -4.81
C GLY A 99 4.54 9.84 -3.43
N ALA A 100 5.70 9.68 -2.78
CA ALA A 100 5.74 9.27 -1.38
C ALA A 100 4.90 10.22 -0.54
N GLU A 101 4.95 11.51 -0.88
CA GLU A 101 4.17 12.56 -0.26
C GLU A 101 2.68 12.19 -0.31
N GLU A 102 2.12 12.04 -1.53
CA GLU A 102 0.74 11.63 -1.75
C GLU A 102 0.38 10.40 -0.90
N PHE A 103 1.24 9.37 -0.95
CA PHE A 103 0.99 8.14 -0.22
C PHE A 103 0.90 8.40 1.28
N GLN A 104 1.93 9.07 1.81
CA GLN A 104 2.02 9.44 3.20
C GLN A 104 0.83 10.31 3.61
N GLU A 105 0.33 11.19 2.74
CA GLU A 105 -0.92 11.91 3.01
C GLU A 105 -2.07 10.91 3.15
N MET A 106 -2.37 10.13 2.10
CA MET A 106 -3.53 9.26 2.08
C MET A 106 -3.53 8.33 3.31
N VAL A 107 -2.34 7.86 3.67
CA VAL A 107 -2.13 7.07 4.86
C VAL A 107 -2.28 7.95 6.10
N HIS A 108 -1.28 8.78 6.39
CA HIS A 108 -1.17 9.48 7.67
C HIS A 108 -2.46 10.21 8.00
N SER A 109 -3.02 10.88 7.00
CA SER A 109 -4.17 11.73 7.15
C SER A 109 -3.90 12.81 8.20
CA CA B . -0.01 12.07 -8.24
CA CA C . 8.86 3.64 -8.61
#